data_2MCT
#
_entry.id   2MCT
#
_entity_poly.entity_id   1
_entity_poly.type   'polypeptide(L)'
_entity_poly.pdbx_seq_one_letter_code
;GSPILPKAENVDSICIDFTNSIQKIYDDSESIQKILSEIATGKRTEKQSIQDYPSAEEYGTINIENNGGMTTMFYYEENG
KYYIECPYKGIYEIENNFEDMI
;
_entity_poly.pdbx_strand_id   A
#
# COMPACT_ATOMS: atom_id res chain seq x y z
N GLY A 1 -7.99 12.14 -7.20
CA GLY A 1 -7.37 11.34 -8.26
C GLY A 1 -6.66 10.16 -7.66
N SER A 2 -7.04 8.93 -8.01
CA SER A 2 -6.54 7.71 -7.40
C SER A 2 -5.14 7.33 -7.89
N PRO A 3 -4.46 6.40 -7.21
CA PRO A 3 -3.41 5.57 -7.82
C PRO A 3 -3.95 4.79 -9.03
N ILE A 4 -3.03 4.37 -9.89
CA ILE A 4 -3.28 3.37 -10.92
C ILE A 4 -2.76 2.06 -10.34
N LEU A 5 -3.64 1.27 -9.73
CA LEU A 5 -3.28 -0.08 -9.27
C LEU A 5 -3.41 -1.07 -10.44
N PRO A 6 -2.88 -2.30 -10.32
CA PRO A 6 -3.34 -3.41 -11.14
C PRO A 6 -4.86 -3.64 -10.95
N LYS A 7 -5.47 -4.53 -11.74
CA LYS A 7 -6.83 -5.00 -11.44
C LYS A 7 -6.89 -5.61 -10.04
N ALA A 8 -8.08 -5.95 -9.58
CA ALA A 8 -8.21 -6.92 -8.50
C ALA A 8 -7.94 -8.30 -9.09
N GLU A 9 -8.64 -8.68 -10.15
CA GLU A 9 -8.72 -10.09 -10.55
C GLU A 9 -7.44 -10.70 -11.12
N ASN A 10 -6.41 -9.88 -11.36
CA ASN A 10 -5.08 -10.28 -11.85
C ASN A 10 -4.04 -10.38 -10.72
N VAL A 11 -4.45 -10.07 -9.48
CA VAL A 11 -3.60 -10.18 -8.30
C VAL A 11 -3.58 -11.66 -7.93
N ASP A 12 -2.37 -12.21 -7.85
CA ASP A 12 -2.10 -13.61 -7.59
C ASP A 12 -2.27 -13.83 -6.08
N SER A 13 -1.57 -13.04 -5.26
CA SER A 13 -1.88 -12.81 -3.84
C SER A 13 -1.38 -11.43 -3.43
N ILE A 14 -1.79 -10.91 -2.27
CA ILE A 14 -1.13 -9.77 -1.63
C ILE A 14 -0.65 -10.26 -0.28
N CYS A 15 0.63 -10.06 0.02
CA CYS A 15 1.20 -10.40 1.31
C CYS A 15 1.42 -9.11 2.07
N ILE A 16 1.08 -9.06 3.36
CA ILE A 16 1.31 -7.92 4.25
C ILE A 16 1.96 -8.49 5.50
N ASP A 17 3.29 -8.38 5.61
CA ASP A 17 4.01 -8.55 6.88
C ASP A 17 3.73 -7.28 7.68
N PHE A 18 3.00 -7.39 8.79
CA PHE A 18 2.66 -6.28 9.68
C PHE A 18 3.94 -5.76 10.37
N THR A 19 3.83 -4.70 11.17
CA THR A 19 4.97 -4.15 11.93
C THR A 19 5.49 -5.14 12.98
N ASN A 20 4.59 -5.93 13.57
CA ASN A 20 4.86 -6.95 14.58
C ASN A 20 5.39 -8.24 13.92
N SER A 21 5.23 -9.41 14.55
CA SER A 21 5.70 -10.69 14.01
C SER A 21 4.64 -11.42 13.16
N ILE A 22 3.52 -10.78 12.81
CA ILE A 22 2.37 -11.43 12.18
C ILE A 22 2.33 -10.99 10.71
N GLN A 23 1.79 -11.86 9.85
CA GLN A 23 1.54 -11.58 8.46
C GLN A 23 0.17 -12.11 8.11
N LYS A 24 -0.49 -11.45 7.16
CA LYS A 24 -1.78 -11.85 6.60
C LYS A 24 -1.59 -11.84 5.09
N ILE A 25 -2.23 -12.79 4.41
CA ILE A 25 -2.20 -12.91 2.95
C ILE A 25 -3.63 -12.73 2.48
N TYR A 26 -3.83 -11.83 1.53
CA TYR A 26 -5.11 -11.45 0.96
C TYR A 26 -5.13 -12.13 -0.40
N ASP A 27 -5.81 -13.26 -0.50
CA ASP A 27 -5.86 -14.08 -1.71
C ASP A 27 -7.31 -14.36 -2.15
N ASP A 28 -8.30 -14.00 -1.33
CA ASP A 28 -9.71 -13.95 -1.72
C ASP A 28 -9.96 -12.69 -2.55
N SER A 29 -10.92 -12.72 -3.48
CA SER A 29 -11.47 -11.55 -4.14
C SER A 29 -11.77 -10.44 -3.14
N GLU A 30 -12.58 -10.72 -2.13
CA GLU A 30 -13.05 -9.73 -1.17
C GLU A 30 -11.90 -9.18 -0.34
N SER A 31 -10.84 -9.97 -0.09
CA SER A 31 -9.71 -9.53 0.70
C SER A 31 -8.91 -8.50 -0.11
N ILE A 32 -8.63 -8.82 -1.37
CA ILE A 32 -7.91 -7.99 -2.33
C ILE A 32 -8.71 -6.71 -2.59
N GLN A 33 -9.98 -6.83 -2.97
CA GLN A 33 -10.81 -5.70 -3.40
C GLN A 33 -10.92 -4.65 -2.30
N LYS A 34 -11.02 -5.11 -1.04
CA LYS A 34 -11.05 -4.25 0.12
C LYS A 34 -9.77 -3.41 0.20
N ILE A 35 -8.60 -4.05 0.08
CA ILE A 35 -7.34 -3.33 0.03
C ILE A 35 -7.39 -2.32 -1.12
N LEU A 36 -7.68 -2.75 -2.35
CA LEU A 36 -7.72 -1.85 -3.51
C LEU A 36 -8.71 -0.68 -3.38
N SER A 37 -9.62 -0.68 -2.40
CA SER A 37 -10.40 0.50 -2.03
C SER A 37 -9.53 1.45 -1.20
N GLU A 38 -9.15 1.06 0.02
CA GLU A 38 -8.49 1.95 0.96
C GLU A 38 -7.10 2.34 0.46
N ILE A 39 -6.44 1.53 -0.36
CA ILE A 39 -5.17 1.90 -0.99
C ILE A 39 -5.38 2.95 -2.08
N ALA A 40 -6.60 3.13 -2.60
CA ALA A 40 -6.94 4.11 -3.62
C ALA A 40 -7.59 5.38 -3.06
N THR A 41 -7.84 5.44 -1.75
CA THR A 41 -8.49 6.57 -1.10
C THR A 41 -7.59 7.82 -1.11
N GLY A 42 -6.26 7.63 -0.95
CA GLY A 42 -5.32 8.71 -0.73
C GLY A 42 -4.93 9.42 -2.01
N LYS A 43 -4.22 10.53 -1.86
CA LYS A 43 -3.82 11.37 -2.99
C LYS A 43 -2.32 11.38 -2.95
N ARG A 44 -1.64 10.76 -3.93
CA ARG A 44 -0.17 10.87 -4.08
C ARG A 44 0.32 12.28 -4.33
N THR A 45 -0.65 13.14 -4.62
CA THR A 45 -0.53 14.56 -4.85
C THR A 45 0.30 14.82 -6.12
N GLU A 46 0.58 16.07 -6.45
CA GLU A 46 1.36 16.40 -7.64
C GLU A 46 2.87 16.43 -7.41
N LYS A 47 3.32 16.06 -6.20
CA LYS A 47 4.72 15.99 -5.82
C LYS A 47 5.50 14.95 -6.63
N GLN A 48 6.81 14.92 -6.44
CA GLN A 48 7.70 13.93 -7.06
C GLN A 48 8.21 12.99 -5.97
N SER A 49 7.91 11.70 -6.10
CA SER A 49 8.55 10.67 -5.29
C SER A 49 9.92 10.36 -5.88
N ILE A 50 10.93 11.14 -5.49
CA ILE A 50 12.34 10.97 -5.87
C ILE A 50 13.02 9.97 -4.92
N GLN A 51 12.28 8.96 -4.49
CA GLN A 51 12.59 7.97 -3.49
C GLN A 51 12.00 6.65 -3.96
N ASP A 52 12.44 5.56 -3.33
CA ASP A 52 12.00 4.19 -3.62
C ASP A 52 11.63 3.43 -2.35
N TYR A 53 11.75 4.10 -1.20
CA TYR A 53 11.57 3.55 0.15
C TYR A 53 10.98 4.64 1.04
N PRO A 54 10.44 4.29 2.22
CA PRO A 54 10.05 5.25 3.23
C PRO A 54 11.29 5.86 3.93
N SER A 55 11.06 6.89 4.76
CA SER A 55 12.03 7.40 5.72
C SER A 55 11.60 7.12 7.16
N ALA A 56 10.50 6.40 7.39
CA ALA A 56 10.22 5.75 8.66
C ALA A 56 11.11 4.52 8.82
N GLU A 57 11.03 3.93 10.01
CA GLU A 57 11.73 2.72 10.41
C GLU A 57 10.74 1.65 10.88
N GLU A 58 9.55 2.09 11.30
CA GLU A 58 8.42 1.25 11.69
C GLU A 58 7.43 1.35 10.54
N TYR A 59 7.21 0.25 9.83
CA TYR A 59 6.26 0.14 8.73
C TYR A 59 5.94 -1.34 8.51
N GLY A 60 4.92 -1.65 7.72
CA GLY A 60 4.66 -3.00 7.22
C GLY A 60 5.25 -3.17 5.81
N THR A 61 5.52 -4.42 5.42
CA THR A 61 6.07 -4.77 4.11
C THR A 61 4.92 -5.34 3.27
N ILE A 62 4.75 -4.87 2.03
CA ILE A 62 3.67 -5.28 1.15
C ILE A 62 4.23 -5.75 -0.20
N ASN A 63 3.69 -6.85 -0.70
CA ASN A 63 3.89 -7.34 -2.05
C ASN A 63 2.48 -7.53 -2.62
N ILE A 64 2.07 -6.76 -3.64
CA ILE A 64 0.91 -7.12 -4.45
C ILE A 64 1.49 -7.99 -5.57
N GLU A 65 1.54 -9.30 -5.39
CA GLU A 65 1.91 -10.21 -6.47
C GLU A 65 0.76 -10.20 -7.48
N ASN A 66 1.05 -9.88 -8.74
CA ASN A 66 0.05 -9.78 -9.81
C ASN A 66 0.71 -10.06 -11.14
N ASN A 67 0.08 -10.91 -11.96
CA ASN A 67 0.56 -11.31 -13.28
C ASN A 67 1.98 -11.91 -13.19
N GLY A 68 2.31 -12.57 -12.06
CA GLY A 68 3.63 -13.11 -11.74
C GLY A 68 4.70 -12.05 -11.40
N GLY A 69 4.44 -10.77 -11.63
CA GLY A 69 5.23 -9.67 -11.10
C GLY A 69 4.69 -9.23 -9.74
N MET A 70 5.23 -8.16 -9.19
CA MET A 70 4.63 -7.51 -8.04
C MET A 70 4.81 -6.01 -8.08
N THR A 71 3.93 -5.32 -7.36
CA THR A 71 4.21 -4.00 -6.84
C THR A 71 4.67 -4.24 -5.39
N THR A 72 5.94 -4.04 -5.12
CA THR A 72 6.41 -3.83 -3.75
C THR A 72 6.01 -2.42 -3.34
N MET A 73 5.70 -2.20 -2.05
CA MET A 73 5.41 -0.90 -1.45
C MET A 73 5.53 -1.04 0.07
N PHE A 74 5.49 0.07 0.80
CA PHE A 74 5.60 0.15 2.26
C PHE A 74 4.65 1.28 2.72
N TYR A 75 4.08 1.26 3.94
CA TYR A 75 3.25 2.36 4.47
C TYR A 75 3.73 2.77 5.87
N TYR A 76 3.45 3.98 6.36
CA TYR A 76 3.83 4.42 7.72
C TYR A 76 2.98 5.60 8.21
N GLU A 77 3.19 6.07 9.44
CA GLU A 77 2.68 7.33 9.98
C GLU A 77 3.84 8.31 10.07
N GLU A 78 3.62 9.58 9.72
CA GLU A 78 4.57 10.66 10.00
C GLU A 78 3.79 11.91 10.40
N ASN A 79 4.21 12.53 11.50
CA ASN A 79 3.70 13.80 12.03
C ASN A 79 2.19 13.81 12.33
N GLY A 80 1.47 12.69 12.19
CA GLY A 80 0.06 12.54 12.52
C GLY A 80 -0.84 12.24 11.30
N LYS A 81 -0.26 12.10 10.10
CA LYS A 81 -0.90 11.58 8.89
C LYS A 81 -0.23 10.26 8.54
N TYR A 82 -0.92 9.40 7.79
CA TYR A 82 -0.31 8.19 7.28
C TYR A 82 0.02 8.37 5.80
N TYR A 83 0.96 7.56 5.29
CA TYR A 83 1.50 7.71 3.94
C TYR A 83 1.81 6.34 3.32
N ILE A 84 1.83 6.27 1.99
CA ILE A 84 2.07 5.07 1.20
C ILE A 84 3.20 5.36 0.19
N GLU A 85 4.22 4.51 0.22
CA GLU A 85 5.39 4.51 -0.65
C GLU A 85 5.00 4.00 -2.04
N CYS A 86 5.75 4.46 -3.05
CA CYS A 86 5.66 4.10 -4.46
C CYS A 86 6.80 4.86 -5.22
N PRO A 87 7.13 4.53 -6.48
CA PRO A 87 7.97 5.34 -7.39
C PRO A 87 7.30 6.69 -7.62
N TYR A 88 7.69 7.45 -8.65
CA TYR A 88 7.43 8.89 -8.83
C TYR A 88 6.02 9.40 -8.47
N LYS A 89 5.03 8.52 -8.28
CA LYS A 89 3.72 8.86 -7.77
C LYS A 89 3.41 8.23 -6.41
N GLY A 90 4.33 8.26 -5.45
CA GLY A 90 4.17 7.63 -4.15
C GLY A 90 4.39 8.59 -2.99
N ILE A 91 3.49 9.56 -2.81
CA ILE A 91 3.41 10.40 -1.62
C ILE A 91 1.91 10.46 -1.25
N TYR A 92 1.26 9.29 -1.14
CA TYR A 92 -0.19 9.25 -0.88
C TYR A 92 -0.41 9.60 0.58
N GLU A 93 -0.62 10.89 0.81
CA GLU A 93 -1.12 11.42 2.05
C GLU A 93 -2.55 10.90 2.23
N ILE A 94 -2.80 10.17 3.32
CA ILE A 94 -4.12 9.84 3.84
C ILE A 94 -4.23 10.43 5.24
N GLU A 95 -5.44 10.64 5.74
CA GLU A 95 -5.70 11.16 7.08
C GLU A 95 -6.16 10.07 8.05
N ASN A 96 -6.31 8.84 7.56
CA ASN A 96 -6.74 7.68 8.35
C ASN A 96 -5.66 6.60 8.35
N ASN A 97 -5.72 5.66 9.30
CA ASN A 97 -4.76 4.58 9.42
C ASN A 97 -4.99 3.52 8.34
N PHE A 98 -3.95 2.77 7.94
CA PHE A 98 -4.11 1.61 7.07
C PHE A 98 -4.59 0.37 7.83
N GLU A 99 -3.82 -0.07 8.84
CA GLU A 99 -3.93 -1.41 9.43
C GLU A 99 -5.26 -1.68 10.14
N ASP A 100 -6.02 -0.66 10.53
CA ASP A 100 -7.33 -0.81 11.19
C ASP A 100 -8.45 -1.00 10.18
N MET A 101 -8.19 -0.64 8.93
CA MET A 101 -9.18 -0.60 7.85
C MET A 101 -9.15 -1.88 7.03
N ILE A 102 -8.08 -2.66 7.11
CA ILE A 102 -7.93 -3.95 6.42
C ILE A 102 -8.61 -5.06 7.23
N GLY A 1 -4.52 10.92 -11.07
CA GLY A 1 -4.43 11.13 -9.62
C GLY A 1 -4.74 9.84 -8.89
N SER A 2 -4.29 9.71 -7.62
CA SER A 2 -4.42 8.48 -6.82
C SER A 2 -3.62 7.32 -7.47
N PRO A 3 -3.38 6.19 -6.79
CA PRO A 3 -2.45 5.20 -7.33
C PRO A 3 -3.02 4.53 -8.58
N ILE A 4 -2.10 3.91 -9.32
CA ILE A 4 -2.37 3.03 -10.44
C ILE A 4 -1.99 1.65 -9.92
N LEU A 5 -2.98 0.77 -9.86
CA LEU A 5 -2.92 -0.60 -9.35
C LEU A 5 -3.44 -1.55 -10.43
N PRO A 6 -3.13 -2.86 -10.37
CA PRO A 6 -3.68 -3.86 -11.29
C PRO A 6 -5.20 -4.06 -11.07
N LYS A 7 -5.83 -4.99 -11.82
CA LYS A 7 -7.19 -5.44 -11.49
C LYS A 7 -7.21 -6.05 -10.10
N ALA A 8 -8.39 -6.44 -9.62
CA ALA A 8 -8.49 -7.41 -8.56
C ALA A 8 -8.15 -8.79 -9.10
N GLU A 9 -8.87 -9.28 -10.10
CA GLU A 9 -8.91 -10.73 -10.36
C GLU A 9 -7.59 -11.30 -10.93
N ASN A 10 -6.68 -10.43 -11.38
CA ASN A 10 -5.35 -10.78 -11.88
C ASN A 10 -4.31 -10.82 -10.75
N VAL A 11 -4.72 -10.52 -9.51
CA VAL A 11 -3.89 -10.60 -8.33
C VAL A 11 -4.01 -12.04 -7.84
N ASP A 12 -2.90 -12.76 -7.88
CA ASP A 12 -2.82 -14.11 -7.31
C ASP A 12 -2.88 -14.04 -5.79
N SER A 13 -2.15 -13.11 -5.17
CA SER A 13 -2.42 -12.72 -3.78
C SER A 13 -1.95 -11.29 -3.49
N ILE A 14 -2.56 -10.61 -2.50
CA ILE A 14 -1.93 -9.48 -1.82
C ILE A 14 -1.29 -10.08 -0.57
N CYS A 15 -0.11 -9.62 -0.20
CA CYS A 15 0.60 -10.05 0.99
C CYS A 15 0.95 -8.77 1.76
N ILE A 16 0.35 -8.60 2.94
CA ILE A 16 0.60 -7.44 3.80
C ILE A 16 1.39 -7.94 4.99
N ASP A 17 2.62 -7.46 5.11
CA ASP A 17 3.44 -7.59 6.30
C ASP A 17 3.15 -6.39 7.17
N PHE A 18 2.71 -6.63 8.40
CA PHE A 18 2.40 -5.60 9.38
C PHE A 18 3.69 -5.02 9.98
N THR A 19 3.59 -4.00 10.82
CA THR A 19 4.76 -3.52 11.57
C THR A 19 5.27 -4.64 12.48
N ASN A 20 4.36 -5.21 13.27
CA ASN A 20 4.51 -6.42 14.06
C ASN A 20 4.66 -7.59 13.09
N SER A 21 5.31 -8.68 13.50
CA SER A 21 6.01 -9.57 12.57
C SER A 21 5.08 -10.63 12.00
N ILE A 22 3.90 -10.20 11.56
CA ILE A 22 2.81 -11.03 11.15
C ILE A 22 2.53 -10.61 9.73
N GLN A 23 2.37 -11.59 8.87
CA GLN A 23 2.20 -11.40 7.45
C GLN A 23 0.95 -12.16 7.06
N LYS A 24 -0.08 -11.41 6.69
CA LYS A 24 -1.38 -11.96 6.31
C LYS A 24 -1.46 -11.91 4.79
N ILE A 25 -2.00 -12.96 4.19
CA ILE A 25 -2.07 -13.13 2.74
C ILE A 25 -3.55 -13.14 2.39
N TYR A 26 -3.89 -12.42 1.34
CA TYR A 26 -5.22 -12.07 0.91
C TYR A 26 -5.29 -12.61 -0.51
N ASP A 27 -5.73 -13.85 -0.64
CA ASP A 27 -5.89 -14.57 -1.91
C ASP A 27 -7.37 -14.91 -2.16
N ASP A 28 -8.19 -14.85 -1.10
CA ASP A 28 -9.64 -14.94 -1.13
C ASP A 28 -10.14 -13.72 -1.89
N SER A 29 -11.10 -13.85 -2.80
CA SER A 29 -11.51 -12.76 -3.69
C SER A 29 -11.92 -11.50 -2.89
N GLU A 30 -12.70 -11.67 -1.82
CA GLU A 30 -13.15 -10.58 -0.96
C GLU A 30 -11.99 -9.98 -0.17
N SER A 31 -11.01 -10.82 0.18
CA SER A 31 -9.84 -10.38 0.92
C SER A 31 -9.10 -9.34 0.08
N ILE A 32 -8.92 -9.62 -1.22
CA ILE A 32 -8.27 -8.76 -2.19
C ILE A 32 -9.12 -7.49 -2.37
N GLN A 33 -10.43 -7.61 -2.68
CA GLN A 33 -11.27 -6.48 -3.13
C GLN A 33 -11.14 -5.25 -2.23
N LYS A 34 -11.30 -5.43 -0.91
CA LYS A 34 -11.30 -4.34 0.07
C LYS A 34 -10.00 -3.56 0.03
N ILE A 35 -8.87 -4.27 -0.09
CA ILE A 35 -7.57 -3.64 -0.09
C ILE A 35 -7.46 -2.72 -1.30
N LEU A 36 -7.77 -3.18 -2.52
CA LEU A 36 -7.72 -2.32 -3.70
C LEU A 36 -8.67 -1.13 -3.56
N SER A 37 -9.74 -1.29 -2.76
CA SER A 37 -10.63 -0.23 -2.36
C SER A 37 -9.82 0.86 -1.62
N GLU A 38 -9.31 0.58 -0.43
CA GLU A 38 -8.69 1.59 0.43
C GLU A 38 -7.28 1.98 -0.03
N ILE A 39 -6.65 1.20 -0.89
CA ILE A 39 -5.39 1.59 -1.51
C ILE A 39 -5.64 2.76 -2.46
N ALA A 40 -6.75 2.78 -3.22
CA ALA A 40 -6.92 3.81 -4.25
C ALA A 40 -7.60 5.08 -3.74
N THR A 41 -7.90 5.17 -2.45
CA THR A 41 -8.42 6.39 -1.84
C THR A 41 -7.32 7.44 -1.72
N GLY A 42 -6.13 7.05 -1.24
CA GLY A 42 -5.03 7.95 -0.98
C GLY A 42 -4.57 8.65 -2.24
N LYS A 43 -4.15 9.90 -2.07
CA LYS A 43 -3.95 10.81 -3.17
C LYS A 43 -2.51 11.27 -3.08
N ARG A 44 -1.66 10.75 -3.97
CA ARG A 44 -0.25 11.16 -4.11
C ARG A 44 -0.05 12.60 -4.52
N THR A 45 -1.16 13.19 -4.93
CA THR A 45 -1.34 14.57 -5.33
C THR A 45 -0.52 14.86 -6.62
N GLU A 46 -0.48 16.10 -7.08
CA GLU A 46 0.35 16.43 -8.24
C GLU A 46 1.84 16.37 -7.93
N LYS A 47 2.25 16.28 -6.66
CA LYS A 47 3.64 16.32 -6.21
C LYS A 47 4.47 15.15 -6.75
N GLN A 48 5.79 15.25 -6.63
CA GLN A 48 6.76 14.24 -7.00
C GLN A 48 7.66 13.89 -5.82
N SER A 49 7.65 12.61 -5.49
CA SER A 49 8.60 11.89 -4.66
C SER A 49 9.92 11.79 -5.43
N ILE A 50 11.01 11.54 -4.71
CA ILE A 50 12.34 11.26 -5.21
C ILE A 50 13.06 10.23 -4.29
N GLN A 51 12.32 9.41 -3.54
CA GLN A 51 12.87 8.33 -2.71
C GLN A 51 12.40 7.01 -3.26
N ASP A 52 13.06 5.93 -2.84
CA ASP A 52 12.66 4.56 -3.20
C ASP A 52 12.12 3.80 -1.98
N TYR A 53 12.43 4.23 -0.75
CA TYR A 53 12.19 3.45 0.47
C TYR A 53 11.78 4.39 1.62
N PRO A 54 11.13 3.88 2.68
CA PRO A 54 10.71 4.67 3.83
C PRO A 54 11.87 5.12 4.71
N SER A 55 11.56 5.99 5.69
CA SER A 55 12.51 6.60 6.61
C SER A 55 12.19 6.25 8.09
N ALA A 56 10.98 5.76 8.39
CA ALA A 56 10.66 5.24 9.72
C ALA A 56 11.34 3.89 9.93
N GLU A 57 11.50 3.48 11.19
CA GLU A 57 12.00 2.16 11.56
C GLU A 57 10.87 1.13 11.59
N GLU A 58 9.64 1.57 11.86
CA GLU A 58 8.46 0.72 11.95
C GLU A 58 7.53 1.13 10.82
N TYR A 59 7.56 0.33 9.78
CA TYR A 59 6.68 0.33 8.62
C TYR A 59 6.29 -1.12 8.38
N GLY A 60 5.30 -1.34 7.52
CA GLY A 60 4.96 -2.64 6.99
C GLY A 60 5.11 -2.63 5.47
N THR A 61 4.92 -3.80 4.87
CA THR A 61 4.99 -4.00 3.43
C THR A 61 3.57 -4.22 2.91
N ILE A 62 3.25 -3.69 1.73
CA ILE A 62 2.15 -4.18 0.91
C ILE A 62 2.82 -4.77 -0.32
N ASN A 63 2.41 -5.96 -0.74
CA ASN A 63 2.82 -6.59 -1.99
C ASN A 63 1.55 -7.02 -2.71
N ILE A 64 1.51 -6.93 -4.04
CA ILE A 64 0.42 -7.42 -4.87
C ILE A 64 1.06 -8.38 -5.88
N GLU A 65 1.12 -9.66 -5.54
CA GLU A 65 1.52 -10.72 -6.45
C GLU A 65 0.47 -10.81 -7.54
N ASN A 66 0.83 -10.40 -8.75
CA ASN A 66 -0.02 -10.27 -9.92
C ASN A 66 0.74 -10.90 -11.09
N ASN A 67 0.47 -10.42 -12.29
CA ASN A 67 0.78 -10.78 -13.67
C ASN A 67 2.25 -11.10 -13.92
N GLY A 68 2.85 -11.97 -13.11
CA GLY A 68 4.29 -12.16 -13.18
C GLY A 68 5.05 -10.96 -12.65
N GLY A 69 4.48 -10.26 -11.67
CA GLY A 69 5.21 -9.26 -10.93
C GLY A 69 4.51 -8.87 -9.64
N MET A 70 5.20 -8.08 -8.80
CA MET A 70 4.77 -7.65 -7.49
C MET A 70 4.84 -6.13 -7.45
N THR A 71 3.68 -5.47 -7.37
CA THR A 71 3.64 -4.11 -6.86
C THR A 71 3.94 -4.19 -5.36
N THR A 72 5.10 -3.71 -4.94
CA THR A 72 5.43 -3.55 -3.54
C THR A 72 5.56 -2.07 -3.22
N MET A 73 5.12 -1.70 -2.01
CA MET A 73 5.17 -0.37 -1.42
C MET A 73 5.21 -0.58 0.09
N PHE A 74 5.46 0.48 0.85
CA PHE A 74 5.58 0.48 2.31
C PHE A 74 4.66 1.58 2.85
N TYR A 75 4.50 1.69 4.17
CA TYR A 75 3.65 2.69 4.81
C TYR A 75 4.12 2.94 6.24
N TYR A 76 4.08 4.20 6.70
CA TYR A 76 4.35 4.58 8.09
C TYR A 76 3.63 5.90 8.45
N GLU A 77 3.48 6.20 9.74
CA GLU A 77 2.96 7.49 10.23
C GLU A 77 4.09 8.52 10.16
N GLU A 78 3.80 9.71 9.65
CA GLU A 78 4.72 10.83 9.69
C GLU A 78 4.01 12.07 10.20
N ASN A 79 4.45 12.54 11.38
CA ASN A 79 4.08 13.81 12.03
C ASN A 79 2.64 13.88 12.53
N GLY A 80 1.81 12.91 12.19
CA GLY A 80 0.41 12.80 12.58
C GLY A 80 -0.52 12.47 11.42
N LYS A 81 -0.05 12.41 10.17
CA LYS A 81 -0.75 11.78 9.06
C LYS A 81 -0.07 10.45 8.71
N TYR A 82 -0.72 9.60 7.92
CA TYR A 82 -0.16 8.36 7.44
C TYR A 82 0.04 8.48 5.94
N TYR A 83 1.01 7.75 5.37
CA TYR A 83 1.33 7.84 3.95
C TYR A 83 1.74 6.47 3.42
N ILE A 84 1.91 6.36 2.10
CA ILE A 84 2.30 5.14 1.41
C ILE A 84 3.46 5.45 0.45
N GLU A 85 4.42 4.54 0.36
CA GLU A 85 5.59 4.59 -0.50
C GLU A 85 5.24 4.27 -1.96
N CYS A 86 6.18 4.61 -2.85
CA CYS A 86 6.14 4.42 -4.30
C CYS A 86 7.46 4.97 -4.87
N PRO A 87 7.79 4.72 -6.16
CA PRO A 87 8.66 5.62 -6.94
C PRO A 87 8.05 7.02 -6.95
N TYR A 88 8.45 7.91 -7.87
CA TYR A 88 8.16 9.35 -7.92
C TYR A 88 6.71 9.79 -7.64
N LYS A 89 5.73 8.88 -7.51
CA LYS A 89 4.40 9.18 -7.01
C LYS A 89 4.18 8.84 -5.55
N GLY A 90 5.22 8.61 -4.75
CA GLY A 90 5.06 8.16 -3.37
C GLY A 90 4.93 9.30 -2.37
N ILE A 91 3.85 10.07 -2.47
CA ILE A 91 3.47 11.09 -1.47
C ILE A 91 1.94 11.05 -1.28
N TYR A 92 1.37 9.85 -1.23
CA TYR A 92 -0.06 9.65 -0.94
C TYR A 92 -0.26 9.99 0.51
N GLU A 93 -0.82 11.17 0.75
CA GLU A 93 -1.37 11.47 2.06
C GLU A 93 -2.68 10.68 2.15
N ILE A 94 -2.83 9.91 3.22
CA ILE A 94 -4.11 9.45 3.74
C ILE A 94 -4.28 10.10 5.12
N GLU A 95 -5.51 10.20 5.64
CA GLU A 95 -5.75 10.83 6.94
C GLU A 95 -6.12 9.80 8.01
N ASN A 96 -6.09 8.51 7.70
CA ASN A 96 -6.42 7.43 8.64
C ASN A 96 -5.37 6.35 8.55
N ASN A 97 -5.23 5.54 9.61
CA ASN A 97 -4.28 4.43 9.68
C ASN A 97 -4.74 3.28 8.77
N PHE A 98 -3.83 2.74 7.98
CA PHE A 98 -4.10 1.68 7.01
C PHE A 98 -4.32 0.30 7.66
N GLU A 99 -3.50 -0.12 8.64
CA GLU A 99 -3.65 -1.45 9.25
C GLU A 99 -5.02 -1.58 9.94
N ASP A 100 -5.56 -0.47 10.43
CA ASP A 100 -6.87 -0.36 11.08
C ASP A 100 -8.03 -0.47 10.08
N MET A 101 -7.79 -0.31 8.77
CA MET A 101 -8.82 -0.31 7.73
C MET A 101 -8.77 -1.55 6.84
N ILE A 102 -7.86 -2.49 7.08
CA ILE A 102 -7.79 -3.76 6.35
C ILE A 102 -8.38 -4.88 7.19
N GLY A 1 -6.46 12.01 -9.18
CA GLY A 1 -7.48 11.01 -8.85
C GLY A 1 -6.84 9.65 -8.75
N SER A 2 -6.63 9.18 -7.52
CA SER A 2 -6.13 7.89 -7.07
C SER A 2 -4.79 7.41 -7.71
N PRO A 3 -4.15 6.39 -7.13
CA PRO A 3 -3.03 5.66 -7.75
C PRO A 3 -3.45 4.85 -8.99
N ILE A 4 -2.46 4.34 -9.72
CA ILE A 4 -2.63 3.34 -10.77
C ILE A 4 -2.41 1.97 -10.11
N LEU A 5 -3.45 1.32 -9.63
CA LEU A 5 -3.39 -0.02 -9.04
C LEU A 5 -3.74 -1.08 -10.09
N PRO A 6 -3.22 -2.32 -9.98
CA PRO A 6 -3.64 -3.42 -10.85
C PRO A 6 -5.10 -3.81 -10.56
N LYS A 7 -5.77 -4.50 -11.50
CA LYS A 7 -7.12 -5.03 -11.31
C LYS A 7 -7.20 -6.01 -10.14
N ALA A 8 -8.40 -6.39 -9.73
CA ALA A 8 -8.59 -7.48 -8.79
C ALA A 8 -8.34 -8.81 -9.52
N GLU A 9 -8.93 -9.02 -10.69
CA GLU A 9 -8.90 -10.31 -11.41
C GLU A 9 -7.52 -10.74 -11.93
N ASN A 10 -6.53 -9.84 -11.98
CA ASN A 10 -5.17 -10.13 -12.44
C ASN A 10 -4.21 -10.27 -11.25
N VAL A 11 -4.71 -10.06 -10.03
CA VAL A 11 -4.02 -10.33 -8.79
C VAL A 11 -4.19 -11.81 -8.49
N ASP A 12 -3.10 -12.43 -8.08
CA ASP A 12 -3.09 -13.75 -7.48
C ASP A 12 -3.33 -13.58 -5.99
N SER A 13 -2.36 -12.99 -5.26
CA SER A 13 -2.45 -12.98 -3.79
C SER A 13 -1.67 -11.80 -3.23
N ILE A 14 -2.34 -10.95 -2.47
CA ILE A 14 -1.74 -9.79 -1.81
C ILE A 14 -1.11 -10.34 -0.53
N CYS A 15 0.14 -10.00 -0.25
CA CYS A 15 0.75 -10.25 1.05
C CYS A 15 0.88 -8.91 1.75
N ILE A 16 0.59 -8.90 3.05
CA ILE A 16 0.85 -7.78 3.93
C ILE A 16 1.54 -8.36 5.15
N ASP A 17 2.73 -7.85 5.42
CA ASP A 17 3.66 -8.30 6.43
C ASP A 17 3.76 -7.13 7.41
N PHE A 18 3.08 -7.25 8.56
CA PHE A 18 2.90 -6.15 9.50
C PHE A 18 4.26 -5.68 10.07
N THR A 19 4.23 -4.56 10.81
CA THR A 19 5.37 -4.09 11.62
C THR A 19 5.85 -5.21 12.55
N ASN A 20 4.89 -5.78 13.29
CA ASN A 20 5.03 -6.93 14.17
C ASN A 20 4.99 -8.17 13.29
N SER A 21 5.46 -9.31 13.80
CA SER A 21 5.81 -10.46 12.98
C SER A 21 4.57 -11.34 12.81
N ILE A 22 3.55 -10.72 12.24
CA ILE A 22 2.28 -11.24 11.87
C ILE A 22 2.20 -10.89 10.39
N GLN A 23 1.61 -11.79 9.62
CA GLN A 23 1.48 -11.63 8.18
C GLN A 23 0.11 -12.16 7.83
N LYS A 24 -0.53 -11.51 6.87
CA LYS A 24 -1.82 -11.95 6.36
C LYS A 24 -1.77 -11.91 4.84
N ILE A 25 -2.03 -13.05 4.19
CA ILE A 25 -2.18 -13.10 2.74
C ILE A 25 -3.68 -13.00 2.44
N TYR A 26 -4.02 -12.22 1.43
CA TYR A 26 -5.36 -12.01 0.91
C TYR A 26 -5.26 -12.54 -0.51
N ASP A 27 -5.39 -13.86 -0.66
CA ASP A 27 -5.68 -14.53 -1.93
C ASP A 27 -7.18 -14.52 -2.20
N ASP A 28 -7.98 -14.30 -1.17
CA ASP A 28 -9.42 -14.45 -1.16
C ASP A 28 -10.07 -13.23 -1.79
N SER A 29 -11.04 -13.42 -2.69
CA SER A 29 -11.69 -12.35 -3.45
C SER A 29 -12.21 -11.23 -2.54
N GLU A 30 -13.05 -11.58 -1.56
CA GLU A 30 -13.70 -10.59 -0.70
C GLU A 30 -12.68 -9.90 0.21
N SER A 31 -11.53 -10.54 0.42
CA SER A 31 -10.42 -10.07 1.20
C SER A 31 -9.57 -9.06 0.42
N ILE A 32 -9.34 -9.32 -0.88
CA ILE A 32 -8.68 -8.43 -1.83
C ILE A 32 -9.57 -7.21 -2.10
N GLN A 33 -10.88 -7.42 -2.34
CA GLN A 33 -11.78 -6.37 -2.79
C GLN A 33 -11.91 -5.23 -1.77
N LYS A 34 -11.65 -5.50 -0.49
CA LYS A 34 -11.46 -4.47 0.52
C LYS A 34 -10.20 -3.69 0.17
N ILE A 35 -9.02 -4.32 0.26
CA ILE A 35 -7.70 -3.71 0.15
C ILE A 35 -7.61 -2.74 -1.01
N LEU A 36 -8.12 -3.11 -2.19
CA LEU A 36 -8.10 -2.27 -3.39
C LEU A 36 -8.72 -0.88 -3.17
N SER A 37 -9.54 -0.69 -2.14
CA SER A 37 -10.10 0.57 -1.68
C SER A 37 -9.03 1.34 -0.90
N GLU A 38 -8.47 0.77 0.17
CA GLU A 38 -7.48 1.45 0.99
C GLU A 38 -6.21 1.76 0.19
N ILE A 39 -5.89 0.94 -0.82
CA ILE A 39 -4.83 1.17 -1.79
C ILE A 39 -5.12 2.45 -2.58
N ALA A 40 -6.39 2.71 -2.91
CA ALA A 40 -6.80 3.79 -3.81
C ALA A 40 -7.25 5.06 -3.09
N THR A 41 -7.41 5.01 -1.76
CA THR A 41 -7.99 6.10 -0.99
C THR A 41 -7.13 7.36 -1.09
N GLY A 42 -5.80 7.18 -1.05
CA GLY A 42 -4.87 8.27 -0.95
C GLY A 42 -4.58 8.92 -2.29
N LYS A 43 -4.06 10.13 -2.23
CA LYS A 43 -3.66 10.91 -3.39
C LYS A 43 -2.21 11.28 -3.15
N ARG A 44 -1.31 10.76 -3.98
CA ARG A 44 0.12 11.12 -4.01
C ARG A 44 0.39 12.57 -4.41
N THR A 45 -0.69 13.21 -4.84
CA THR A 45 -0.83 14.62 -5.17
C THR A 45 0.02 15.00 -6.39
N GLU A 46 0.07 16.29 -6.69
CA GLU A 46 0.86 16.89 -7.75
C GLU A 46 2.34 17.03 -7.36
N LYS A 47 2.75 16.67 -6.14
CA LYS A 47 4.16 16.63 -5.75
C LYS A 47 4.88 15.53 -6.54
N GLN A 48 6.21 15.54 -6.48
CA GLN A 48 7.07 14.54 -7.08
C GLN A 48 7.91 13.87 -6.02
N SER A 49 8.37 12.65 -6.30
CA SER A 49 8.82 11.66 -5.33
C SER A 49 10.17 11.16 -5.85
N ILE A 50 11.19 11.05 -4.99
CA ILE A 50 12.58 10.90 -5.43
C ILE A 50 13.32 9.80 -4.67
N GLN A 51 12.59 8.78 -4.20
CA GLN A 51 13.14 7.71 -3.38
C GLN A 51 12.40 6.41 -3.66
N ASP A 52 13.00 5.30 -3.18
CA ASP A 52 12.46 3.94 -3.30
C ASP A 52 11.98 3.40 -1.95
N TYR A 53 12.28 4.09 -0.83
CA TYR A 53 12.07 3.59 0.52
C TYR A 53 11.65 4.70 1.49
N PRO A 54 11.02 4.36 2.64
CA PRO A 54 10.56 5.31 3.64
C PRO A 54 11.71 5.91 4.47
N SER A 55 11.37 6.82 5.40
CA SER A 55 12.29 7.41 6.38
C SER A 55 11.93 6.99 7.82
N ALA A 56 10.71 6.46 8.03
CA ALA A 56 10.33 5.81 9.26
C ALA A 56 11.20 4.57 9.50
N GLU A 57 11.19 4.11 10.74
CA GLU A 57 11.92 2.93 11.22
C GLU A 57 10.95 1.77 11.50
N GLU A 58 9.67 2.10 11.59
CA GLU A 58 8.55 1.22 11.90
C GLU A 58 7.54 1.39 10.77
N TYR A 59 7.50 0.42 9.88
CA TYR A 59 6.61 0.31 8.72
C TYR A 59 6.39 -1.18 8.43
N GLY A 60 5.34 -1.50 7.67
CA GLY A 60 5.06 -2.86 7.19
C GLY A 60 5.50 -3.02 5.72
N THR A 61 5.59 -4.25 5.21
CA THR A 61 5.91 -4.49 3.80
C THR A 61 4.66 -5.04 3.10
N ILE A 62 4.34 -4.52 1.92
CA ILE A 62 3.20 -4.93 1.11
C ILE A 62 3.74 -5.45 -0.22
N ASN A 63 3.20 -6.57 -0.70
CA ASN A 63 3.45 -7.14 -2.02
C ASN A 63 2.12 -7.38 -2.71
N ILE A 64 2.06 -7.11 -4.02
CA ILE A 64 0.91 -7.42 -4.86
C ILE A 64 1.41 -8.30 -6.00
N GLU A 65 1.45 -9.61 -5.79
CA GLU A 65 1.60 -10.60 -6.86
C GLU A 65 0.43 -10.44 -7.84
N ASN A 66 0.70 -9.90 -9.02
CA ASN A 66 -0.24 -9.75 -10.13
C ASN A 66 0.46 -10.05 -11.45
N ASN A 67 -0.19 -10.85 -12.30
CA ASN A 67 0.33 -11.34 -13.58
C ASN A 67 1.71 -12.00 -13.44
N GLY A 68 2.02 -12.57 -12.26
CA GLY A 68 3.30 -13.18 -11.95
C GLY A 68 4.45 -12.18 -11.79
N GLY A 69 4.15 -10.89 -11.68
CA GLY A 69 5.05 -9.85 -11.19
C GLY A 69 4.58 -9.43 -9.81
N MET A 70 5.38 -8.64 -9.10
CA MET A 70 4.87 -8.01 -7.87
C MET A 70 5.41 -6.61 -7.67
N THR A 71 4.48 -5.75 -7.27
CA THR A 71 4.77 -4.42 -6.77
C THR A 71 5.30 -4.60 -5.34
N THR A 72 5.98 -3.59 -4.83
CA THR A 72 6.38 -3.49 -3.43
C THR A 72 6.09 -2.05 -2.96
N MET A 73 5.62 -1.87 -1.73
CA MET A 73 5.50 -0.59 -1.03
C MET A 73 5.58 -0.83 0.48
N PHE A 74 5.65 0.28 1.23
CA PHE A 74 5.73 0.35 2.68
C PHE A 74 4.85 1.52 3.11
N TYR A 75 4.22 1.49 4.29
CA TYR A 75 3.38 2.61 4.80
C TYR A 75 3.83 2.97 6.22
N TYR A 76 3.53 4.18 6.70
CA TYR A 76 3.93 4.65 8.03
C TYR A 76 3.05 5.83 8.50
N GLU A 77 3.24 6.30 9.74
CA GLU A 77 2.74 7.58 10.25
C GLU A 77 3.88 8.61 10.29
N GLU A 78 3.58 9.88 10.00
CA GLU A 78 4.54 10.97 10.00
C GLU A 78 3.82 12.26 10.41
N ASN A 79 4.26 12.88 11.51
CA ASN A 79 3.75 14.14 12.07
C ASN A 79 2.28 14.11 12.52
N GLY A 80 1.59 12.98 12.38
CA GLY A 80 0.18 12.82 12.71
C GLY A 80 -0.69 12.55 11.49
N LYS A 81 -0.13 12.33 10.30
CA LYS A 81 -0.83 11.75 9.15
C LYS A 81 -0.22 10.40 8.84
N TYR A 82 -0.98 9.53 8.19
CA TYR A 82 -0.44 8.31 7.62
C TYR A 82 -0.14 8.55 6.13
N TYR A 83 0.82 7.82 5.58
CA TYR A 83 1.25 7.94 4.20
C TYR A 83 1.53 6.57 3.59
N ILE A 84 1.67 6.52 2.26
CA ILE A 84 2.10 5.36 1.49
C ILE A 84 3.33 5.74 0.67
N GLU A 85 4.39 4.95 0.78
CA GLU A 85 5.61 5.05 0.01
C GLU A 85 5.42 4.40 -1.35
N CYS A 86 6.14 4.88 -2.36
CA CYS A 86 6.08 4.45 -3.76
C CYS A 86 7.16 5.22 -4.54
N PRO A 87 7.50 4.80 -5.78
CA PRO A 87 8.40 5.50 -6.71
C PRO A 87 7.86 6.89 -7.03
N TYR A 88 8.29 7.55 -8.10
CA TYR A 88 8.00 8.93 -8.49
C TYR A 88 6.54 9.39 -8.30
N LYS A 89 5.58 8.48 -8.07
CA LYS A 89 4.29 8.82 -7.52
C LYS A 89 4.07 8.17 -6.14
N GLY A 90 4.79 8.58 -5.09
CA GLY A 90 4.65 8.00 -3.76
C GLY A 90 4.72 8.98 -2.62
N ILE A 91 3.72 9.85 -2.50
CA ILE A 91 3.55 10.79 -1.37
C ILE A 91 2.05 10.87 -1.05
N TYR A 92 1.39 9.72 -0.95
CA TYR A 92 -0.06 9.62 -0.75
C TYR A 92 -0.36 10.03 0.68
N GLU A 93 -0.88 11.24 0.85
CA GLU A 93 -1.52 11.61 2.10
C GLU A 93 -2.82 10.80 2.19
N ILE A 94 -2.99 10.08 3.28
CA ILE A 94 -4.28 9.59 3.79
C ILE A 94 -4.51 10.18 5.18
N GLU A 95 -5.69 9.92 5.76
CA GLU A 95 -6.11 10.49 7.03
C GLU A 95 -6.34 9.41 8.10
N ASN A 96 -6.10 8.13 7.76
CA ASN A 96 -6.49 6.98 8.55
C ASN A 96 -5.36 5.97 8.54
N ASN A 97 -5.30 5.07 9.52
CA ASN A 97 -4.31 4.01 9.53
C ASN A 97 -4.79 2.88 8.63
N PHE A 98 -4.06 2.63 7.52
CA PHE A 98 -4.34 1.56 6.57
C PHE A 98 -4.44 0.21 7.29
N GLU A 99 -3.51 -0.08 8.20
CA GLU A 99 -3.31 -1.40 8.78
C GLU A 99 -4.38 -1.79 9.81
N ASP A 100 -5.25 -0.86 10.19
CA ASP A 100 -6.48 -1.14 10.94
C ASP A 100 -7.73 -1.01 10.06
N MET A 101 -7.65 -0.37 8.89
CA MET A 101 -8.71 -0.39 7.90
C MET A 101 -8.79 -1.78 7.27
N ILE A 102 -7.66 -2.45 7.03
CA ILE A 102 -7.62 -3.85 6.66
C ILE A 102 -8.08 -4.70 7.84
N GLY A 1 -8.97 11.14 -8.72
CA GLY A 1 -7.52 11.04 -8.84
C GLY A 1 -7.03 10.06 -7.78
N SER A 2 -6.49 8.92 -8.20
CA SER A 2 -6.06 7.80 -7.37
C SER A 2 -4.69 7.31 -7.86
N PRO A 3 -3.99 6.45 -7.10
CA PRO A 3 -3.05 5.54 -7.73
C PRO A 3 -3.70 4.73 -8.86
N ILE A 4 -2.85 4.08 -9.65
CA ILE A 4 -3.17 3.22 -10.77
C ILE A 4 -2.77 1.81 -10.30
N LEU A 5 -3.74 0.94 -10.04
CA LEU A 5 -3.49 -0.40 -9.50
C LEU A 5 -3.71 -1.46 -10.59
N PRO A 6 -3.19 -2.68 -10.38
CA PRO A 6 -3.60 -3.83 -11.17
C PRO A 6 -5.10 -4.15 -10.99
N LYS A 7 -5.62 -5.12 -11.75
CA LYS A 7 -6.92 -5.71 -11.47
C LYS A 7 -6.90 -6.35 -10.08
N ALA A 8 -8.05 -6.75 -9.56
CA ALA A 8 -8.11 -7.82 -8.59
C ALA A 8 -7.79 -9.13 -9.30
N GLU A 9 -8.57 -9.53 -10.29
CA GLU A 9 -8.57 -10.92 -10.73
C GLU A 9 -7.27 -11.39 -11.39
N ASN A 10 -6.36 -10.49 -11.79
CA ASN A 10 -5.05 -10.84 -12.34
C ASN A 10 -3.96 -10.97 -11.26
N VAL A 11 -4.32 -10.77 -10.00
CA VAL A 11 -3.44 -10.96 -8.85
C VAL A 11 -3.38 -12.47 -8.61
N ASP A 12 -2.20 -12.95 -8.22
CA ASP A 12 -1.98 -14.29 -7.70
C ASP A 12 -2.39 -14.24 -6.23
N SER A 13 -1.69 -13.45 -5.41
CA SER A 13 -2.02 -13.21 -4.01
C SER A 13 -1.50 -11.83 -3.59
N ILE A 14 -1.87 -11.37 -2.39
CA ILE A 14 -1.31 -10.18 -1.77
C ILE A 14 -0.79 -10.62 -0.40
N CYS A 15 0.35 -10.08 0.03
CA CYS A 15 0.77 -10.19 1.43
C CYS A 15 0.97 -8.78 1.97
N ILE A 16 0.61 -8.60 3.24
CA ILE A 16 0.83 -7.39 4.02
C ILE A 16 1.43 -7.89 5.33
N ASP A 17 2.74 -7.72 5.49
CA ASP A 17 3.47 -8.01 6.74
C ASP A 17 3.37 -6.74 7.57
N PHE A 18 2.66 -6.79 8.70
CA PHE A 18 2.34 -5.66 9.57
C PHE A 18 3.61 -5.11 10.25
N THR A 19 3.49 -4.03 11.05
CA THR A 19 4.58 -3.52 11.89
C THR A 19 5.12 -4.62 12.82
N ASN A 20 4.20 -5.28 13.51
CA ASN A 20 4.38 -6.45 14.34
C ASN A 20 4.52 -7.66 13.44
N SER A 21 5.08 -8.77 13.96
CA SER A 21 5.57 -9.85 13.13
C SER A 21 4.44 -10.82 12.86
N ILE A 22 3.41 -10.29 12.22
CA ILE A 22 2.19 -10.94 11.85
C ILE A 22 1.93 -10.38 10.47
N GLN A 23 1.48 -11.23 9.60
CA GLN A 23 1.19 -10.91 8.26
C GLN A 23 -0.21 -11.41 7.97
N LYS A 24 -0.83 -10.81 6.96
CA LYS A 24 -2.12 -11.22 6.49
C LYS A 24 -1.96 -11.35 4.98
N ILE A 25 -2.41 -12.49 4.46
CA ILE A 25 -2.36 -12.80 3.05
C ILE A 25 -3.79 -12.66 2.56
N TYR A 26 -4.02 -12.00 1.43
CA TYR A 26 -5.35 -11.73 0.92
C TYR A 26 -5.43 -12.50 -0.39
N ASP A 27 -6.04 -13.67 -0.28
CA ASP A 27 -6.24 -14.69 -1.32
C ASP A 27 -7.72 -15.03 -1.48
N ASP A 28 -8.60 -14.23 -0.86
CA ASP A 28 -10.03 -14.24 -1.13
C ASP A 28 -10.32 -13.01 -1.99
N SER A 29 -11.19 -13.12 -2.98
CA SER A 29 -11.53 -12.05 -3.92
C SER A 29 -12.00 -10.80 -3.17
N GLU A 30 -12.91 -10.94 -2.21
CA GLU A 30 -13.42 -9.84 -1.39
C GLU A 30 -12.28 -9.15 -0.63
N SER A 31 -11.41 -9.94 0.00
CA SER A 31 -10.25 -9.49 0.74
C SER A 31 -9.27 -8.72 -0.14
N ILE A 32 -9.10 -9.13 -1.39
CA ILE A 32 -8.31 -8.37 -2.35
C ILE A 32 -9.03 -7.06 -2.63
N GLN A 33 -10.29 -7.08 -3.07
CA GLN A 33 -11.01 -5.87 -3.45
C GLN A 33 -11.06 -4.83 -2.33
N LYS A 34 -11.13 -5.28 -1.08
CA LYS A 34 -11.09 -4.45 0.12
C LYS A 34 -9.89 -3.52 0.06
N ILE A 35 -8.72 -4.09 -0.24
CA ILE A 35 -7.46 -3.39 -0.34
C ILE A 35 -7.45 -2.46 -1.55
N LEU A 36 -7.78 -2.93 -2.76
CA LEU A 36 -7.78 -2.05 -3.95
C LEU A 36 -8.62 -0.79 -3.75
N SER A 37 -9.62 -0.83 -2.87
CA SER A 37 -10.37 0.30 -2.40
C SER A 37 -9.52 1.22 -1.53
N GLU A 38 -9.12 0.81 -0.32
CA GLU A 38 -8.40 1.68 0.63
C GLU A 38 -6.98 2.05 0.17
N ILE A 39 -6.49 1.45 -0.91
CA ILE A 39 -5.27 1.87 -1.59
C ILE A 39 -5.54 3.01 -2.56
N ALA A 40 -6.74 3.10 -3.15
CA ALA A 40 -7.06 4.07 -4.20
C ALA A 40 -7.63 5.39 -3.64
N THR A 41 -8.00 5.41 -2.37
CA THR A 41 -8.47 6.57 -1.65
C THR A 41 -7.34 7.59 -1.44
N GLY A 42 -6.13 7.11 -1.10
CA GLY A 42 -4.98 7.94 -0.84
C GLY A 42 -4.60 8.68 -2.10
N LYS A 43 -4.26 9.95 -1.97
CA LYS A 43 -3.97 10.83 -3.08
C LYS A 43 -2.52 11.24 -2.96
N ARG A 44 -1.66 10.77 -3.88
CA ARG A 44 -0.25 11.18 -4.00
C ARG A 44 -0.04 12.65 -4.30
N THR A 45 -1.15 13.36 -4.50
CA THR A 45 -1.25 14.78 -4.81
C THR A 45 -0.49 15.06 -6.13
N GLU A 46 -0.38 16.32 -6.51
CA GLU A 46 0.39 16.75 -7.67
C GLU A 46 1.85 17.07 -7.31
N LYS A 47 2.29 16.82 -6.07
CA LYS A 47 3.71 16.82 -5.67
C LYS A 47 4.45 15.66 -6.35
N GLN A 48 5.77 15.63 -6.22
CA GLN A 48 6.64 14.62 -6.82
C GLN A 48 7.53 13.97 -5.77
N SER A 49 7.60 12.65 -5.75
CA SER A 49 8.56 11.89 -4.95
C SER A 49 9.91 11.87 -5.67
N ILE A 50 11.01 11.65 -4.92
CA ILE A 50 12.37 11.50 -5.43
C ILE A 50 13.13 10.40 -4.65
N GLN A 51 12.41 9.38 -4.19
CA GLN A 51 12.90 8.23 -3.44
C GLN A 51 12.16 6.99 -3.93
N ASP A 52 12.64 5.82 -3.54
CA ASP A 52 12.07 4.51 -3.92
C ASP A 52 11.66 3.71 -2.68
N TYR A 53 11.96 4.21 -1.47
CA TYR A 53 11.83 3.51 -0.19
C TYR A 53 11.52 4.50 0.94
N PRO A 54 10.90 4.06 2.04
CA PRO A 54 10.60 4.89 3.21
C PRO A 54 11.84 5.23 4.04
N SER A 55 11.64 6.05 5.08
CA SER A 55 12.66 6.46 6.05
C SER A 55 12.22 6.21 7.51
N ALA A 56 11.04 5.64 7.72
CA ALA A 56 10.63 5.15 9.03
C ALA A 56 11.39 3.87 9.37
N GLU A 57 11.64 3.64 10.65
CA GLU A 57 12.16 2.37 11.14
C GLU A 57 11.04 1.32 11.25
N GLU A 58 9.82 1.77 11.55
CA GLU A 58 8.66 0.95 11.82
C GLU A 58 7.65 1.19 10.70
N TYR A 59 7.56 0.22 9.80
CA TYR A 59 6.63 0.16 8.68
C TYR A 59 6.07 -1.26 8.53
N GLY A 60 5.11 -1.46 7.63
CA GLY A 60 4.70 -2.76 7.13
C GLY A 60 4.98 -2.83 5.62
N THR A 61 4.94 -4.03 5.03
CA THR A 61 5.43 -4.31 3.69
C THR A 61 4.30 -4.91 2.86
N ILE A 62 4.02 -4.34 1.68
CA ILE A 62 2.81 -4.61 0.90
C ILE A 62 3.20 -5.08 -0.50
N ASN A 63 2.94 -6.37 -0.79
CA ASN A 63 3.29 -7.01 -2.05
C ASN A 63 2.01 -7.49 -2.73
N ILE A 64 1.74 -7.04 -3.96
CA ILE A 64 0.64 -7.55 -4.80
C ILE A 64 1.31 -8.38 -5.89
N GLU A 65 1.38 -9.69 -5.73
CA GLU A 65 1.85 -10.60 -6.78
C GLU A 65 0.80 -10.60 -7.89
N ASN A 66 1.15 -10.19 -9.11
CA ASN A 66 0.26 -10.18 -10.27
C ASN A 66 1.06 -10.47 -11.54
N ASN A 67 0.62 -11.48 -12.29
CA ASN A 67 1.18 -11.91 -13.58
C ASN A 67 2.69 -12.22 -13.47
N GLY A 68 3.09 -12.88 -12.38
CA GLY A 68 4.48 -13.27 -12.13
C GLY A 68 5.42 -12.11 -11.78
N GLY A 69 4.90 -10.89 -11.65
CA GLY A 69 5.60 -9.74 -11.12
C GLY A 69 4.86 -9.25 -9.88
N MET A 70 5.28 -8.11 -9.32
CA MET A 70 4.55 -7.48 -8.23
C MET A 70 4.67 -5.97 -8.29
N THR A 71 3.83 -5.30 -7.52
CA THR A 71 4.03 -3.95 -7.05
C THR A 71 4.38 -4.09 -5.57
N THR A 72 5.42 -3.38 -5.16
CA THR A 72 5.87 -3.27 -3.78
C THR A 72 5.49 -1.87 -3.29
N MET A 73 5.14 -1.73 -2.02
CA MET A 73 5.14 -0.46 -1.28
C MET A 73 5.29 -0.76 0.21
N PHE A 74 5.42 0.30 0.99
CA PHE A 74 5.47 0.33 2.45
C PHE A 74 4.58 1.48 2.91
N TYR A 75 4.21 1.55 4.18
CA TYR A 75 3.44 2.66 4.78
C TYR A 75 4.10 3.03 6.11
N TYR A 76 3.92 4.26 6.60
CA TYR A 76 4.32 4.66 7.95
C TYR A 76 3.53 5.91 8.40
N GLU A 77 3.78 6.40 9.61
CA GLU A 77 3.19 7.63 10.17
C GLU A 77 4.25 8.73 10.07
N GLU A 78 3.88 9.92 9.59
CA GLU A 78 4.77 11.06 9.47
C GLU A 78 4.09 12.30 10.01
N ASN A 79 4.60 12.80 11.14
CA ASN A 79 4.21 14.05 11.80
C ASN A 79 2.80 14.02 12.41
N GLY A 80 2.07 12.92 12.27
CA GLY A 80 0.75 12.72 12.85
C GLY A 80 -0.30 12.27 11.84
N LYS A 81 -0.05 12.38 10.53
CA LYS A 81 -0.83 11.69 9.51
C LYS A 81 -0.11 10.39 9.14
N TYR A 82 -0.80 9.53 8.39
CA TYR A 82 -0.20 8.34 7.81
C TYR A 82 -0.11 8.57 6.31
N TYR A 83 0.81 7.88 5.66
CA TYR A 83 1.01 7.95 4.23
C TYR A 83 1.40 6.57 3.71
N ILE A 84 1.47 6.44 2.38
CA ILE A 84 1.97 5.26 1.67
C ILE A 84 3.13 5.73 0.79
N GLU A 85 4.16 4.89 0.65
CA GLU A 85 5.34 5.14 -0.16
C GLU A 85 5.08 4.72 -1.62
N CYS A 86 6.03 5.00 -2.51
CA CYS A 86 6.10 4.64 -3.91
C CYS A 86 7.37 5.30 -4.48
N PRO A 87 7.82 4.96 -5.70
CA PRO A 87 8.69 5.77 -6.55
C PRO A 87 8.07 7.16 -6.74
N TYR A 88 8.47 7.92 -7.77
CA TYR A 88 8.16 9.33 -8.06
C TYR A 88 6.69 9.79 -7.85
N LYS A 89 5.80 8.86 -7.53
CA LYS A 89 4.39 9.00 -7.30
C LYS A 89 3.91 8.60 -5.91
N GLY A 90 4.78 8.66 -4.92
CA GLY A 90 4.56 8.09 -3.60
C GLY A 90 4.44 9.04 -2.44
N ILE A 91 3.45 9.95 -2.46
CA ILE A 91 3.24 10.92 -1.39
C ILE A 91 1.76 10.93 -0.97
N TYR A 92 1.15 9.74 -0.85
CA TYR A 92 -0.29 9.59 -0.59
C TYR A 92 -0.62 9.90 0.86
N GLU A 93 -1.20 11.06 1.12
CA GLU A 93 -1.85 11.35 2.39
C GLU A 93 -3.12 10.49 2.50
N ILE A 94 -3.19 9.70 3.55
CA ILE A 94 -4.41 9.10 4.10
C ILE A 94 -4.71 9.75 5.47
N GLU A 95 -5.69 9.24 6.21
CA GLU A 95 -6.11 9.82 7.48
C GLU A 95 -5.56 9.11 8.72
N ASN A 96 -5.59 7.78 8.75
CA ASN A 96 -5.24 6.96 9.92
C ASN A 96 -4.61 5.65 9.44
N ASN A 97 -4.16 4.79 10.35
CA ASN A 97 -3.39 3.60 9.99
C ASN A 97 -4.22 2.65 9.11
N PHE A 98 -3.75 2.48 7.88
CA PHE A 98 -4.29 1.60 6.87
C PHE A 98 -4.47 0.15 7.37
N GLU A 99 -3.59 -0.36 8.24
CA GLU A 99 -3.63 -1.73 8.72
C GLU A 99 -4.84 -2.01 9.62
N ASP A 100 -5.53 -0.98 10.09
CA ASP A 100 -6.77 -1.12 10.87
C ASP A 100 -8.02 -1.01 9.98
N MET A 101 -7.92 -0.45 8.76
CA MET A 101 -9.04 -0.34 7.83
C MET A 101 -9.15 -1.52 6.87
N ILE A 102 -8.16 -2.41 6.81
CA ILE A 102 -8.13 -3.58 5.94
C ILE A 102 -8.72 -4.82 6.62
N GLY A 1 -6.33 11.25 -11.08
CA GLY A 1 -7.23 11.01 -9.95
C GLY A 1 -7.06 9.60 -9.44
N SER A 2 -6.56 9.42 -8.22
CA SER A 2 -6.21 8.19 -7.52
C SER A 2 -5.00 7.45 -8.16
N PRO A 3 -4.38 6.48 -7.46
CA PRO A 3 -3.26 5.72 -8.02
C PRO A 3 -3.69 4.75 -9.13
N ILE A 4 -2.69 4.16 -9.77
CA ILE A 4 -2.81 3.14 -10.79
C ILE A 4 -2.25 1.85 -10.18
N LEU A 5 -3.05 0.80 -10.11
CA LEU A 5 -2.73 -0.52 -9.57
C LEU A 5 -3.32 -1.65 -10.44
N PRO A 6 -2.86 -2.92 -10.28
CA PRO A 6 -3.42 -4.07 -10.99
C PRO A 6 -4.90 -4.31 -10.72
N LYS A 7 -5.59 -5.09 -11.58
CA LYS A 7 -6.97 -5.51 -11.31
C LYS A 7 -7.00 -6.30 -10.01
N ALA A 8 -8.14 -6.35 -9.33
CA ALA A 8 -8.31 -7.33 -8.26
C ALA A 8 -8.30 -8.73 -8.86
N GLU A 9 -8.82 -8.93 -10.07
CA GLU A 9 -9.08 -10.30 -10.51
C GLU A 9 -7.83 -11.01 -11.00
N ASN A 10 -6.83 -10.27 -11.47
CA ASN A 10 -5.59 -10.82 -12.00
C ASN A 10 -4.54 -11.09 -10.92
N VAL A 11 -4.88 -10.78 -9.66
CA VAL A 11 -4.01 -11.04 -8.53
C VAL A 11 -3.96 -12.55 -8.30
N ASP A 12 -2.76 -13.03 -8.02
CA ASP A 12 -2.45 -14.35 -7.49
C ASP A 12 -2.82 -14.31 -6.02
N SER A 13 -2.09 -13.54 -5.20
CA SER A 13 -2.58 -13.17 -3.86
C SER A 13 -1.89 -11.90 -3.35
N ILE A 14 -2.58 -11.12 -2.52
CA ILE A 14 -1.97 -10.00 -1.79
C ILE A 14 -1.38 -10.60 -0.51
N CYS A 15 -0.20 -10.12 -0.10
CA CYS A 15 0.36 -10.37 1.21
C CYS A 15 0.70 -9.02 1.82
N ILE A 16 0.27 -8.77 3.05
CA ILE A 16 0.57 -7.56 3.79
C ILE A 16 1.31 -8.01 5.04
N ASP A 17 2.60 -7.72 5.09
CA ASP A 17 3.46 -7.95 6.25
C ASP A 17 3.30 -6.70 7.11
N PHE A 18 2.84 -6.86 8.34
CA PHE A 18 2.63 -5.78 9.29
C PHE A 18 4.00 -5.20 9.72
N THR A 19 3.98 -4.11 10.48
CA THR A 19 5.17 -3.56 11.15
C THR A 19 5.78 -4.63 12.05
N ASN A 20 4.97 -5.22 12.92
CA ASN A 20 5.39 -6.35 13.74
C ASN A 20 5.54 -7.60 12.88
N SER A 21 6.12 -8.65 13.44
CA SER A 21 6.79 -9.79 12.80
C SER A 21 5.88 -10.79 12.08
N ILE A 22 4.70 -10.33 11.65
CA ILE A 22 3.49 -11.05 11.32
C ILE A 22 3.00 -10.46 10.02
N GLN A 23 2.34 -11.27 9.21
CA GLN A 23 1.71 -10.92 7.98
C GLN A 23 0.27 -11.43 8.00
N LYS A 24 -0.56 -10.94 7.08
CA LYS A 24 -1.83 -11.55 6.70
C LYS A 24 -1.83 -11.67 5.17
N ILE A 25 -2.39 -12.75 4.63
CA ILE A 25 -2.45 -12.99 3.18
C ILE A 25 -3.92 -12.95 2.80
N TYR A 26 -4.23 -12.18 1.75
CA TYR A 26 -5.55 -11.90 1.27
C TYR A 26 -5.56 -12.50 -0.14
N ASP A 27 -5.74 -13.82 -0.17
CA ASP A 27 -6.19 -14.57 -1.35
C ASP A 27 -7.71 -14.56 -1.44
N ASP A 28 -8.40 -14.23 -0.35
CA ASP A 28 -9.85 -14.23 -0.27
C ASP A 28 -10.37 -13.13 -1.19
N SER A 29 -11.27 -13.46 -2.14
CA SER A 29 -11.73 -12.54 -3.17
C SER A 29 -12.22 -11.22 -2.57
N GLU A 30 -13.08 -11.29 -1.57
CA GLU A 30 -13.70 -10.09 -0.97
C GLU A 30 -12.71 -9.33 -0.07
N SER A 31 -11.61 -9.97 0.32
CA SER A 31 -10.48 -9.39 1.03
C SER A 31 -9.56 -8.65 0.06
N ILE A 32 -9.34 -9.17 -1.16
CA ILE A 32 -8.66 -8.46 -2.25
C ILE A 32 -9.52 -7.25 -2.62
N GLN A 33 -10.80 -7.46 -2.93
CA GLN A 33 -11.74 -6.43 -3.35
C GLN A 33 -11.91 -5.33 -2.30
N LYS A 34 -11.82 -5.65 -1.00
CA LYS A 34 -11.71 -4.64 0.03
C LYS A 34 -10.44 -3.82 -0.19
N ILE A 35 -9.28 -4.45 -0.06
CA ILE A 35 -8.01 -3.75 -0.06
C ILE A 35 -7.88 -2.86 -1.30
N LEU A 36 -8.18 -3.36 -2.49
CA LEU A 36 -8.04 -2.60 -3.72
C LEU A 36 -8.84 -1.31 -3.75
N SER A 37 -9.90 -1.18 -2.95
CA SER A 37 -10.55 0.10 -2.73
C SER A 37 -9.62 1.01 -1.92
N GLU A 38 -9.17 0.58 -0.75
CA GLU A 38 -8.43 1.42 0.20
C GLU A 38 -6.99 1.70 -0.25
N ILE A 39 -6.46 0.93 -1.20
CA ILE A 39 -5.21 1.19 -1.92
C ILE A 39 -5.37 2.42 -2.84
N ALA A 40 -6.60 2.78 -3.21
CA ALA A 40 -6.90 3.74 -4.25
C ALA A 40 -7.68 4.96 -3.73
N THR A 41 -7.82 5.11 -2.42
CA THR A 41 -8.56 6.22 -1.84
C THR A 41 -7.69 7.49 -1.80
N GLY A 42 -6.42 7.35 -1.42
CA GLY A 42 -5.49 8.41 -1.05
C GLY A 42 -4.97 9.21 -2.24
N LYS A 43 -4.29 10.32 -1.92
CA LYS A 43 -3.87 11.30 -2.91
C LYS A 43 -2.39 11.51 -2.73
N ARG A 44 -1.57 10.92 -3.61
CA ARG A 44 -0.13 11.19 -3.74
C ARG A 44 0.18 12.58 -4.26
N THR A 45 -0.87 13.21 -4.76
CA THR A 45 -0.87 14.60 -5.20
C THR A 45 0.05 14.78 -6.42
N GLU A 46 0.27 16.02 -6.86
CA GLU A 46 1.25 16.34 -7.89
C GLU A 46 2.68 16.49 -7.38
N LYS A 47 2.91 16.32 -6.08
CA LYS A 47 4.23 16.50 -5.49
C LYS A 47 5.27 15.55 -6.08
N GLN A 48 6.54 15.86 -5.83
CA GLN A 48 7.69 15.14 -6.37
C GLN A 48 8.20 14.19 -5.30
N SER A 49 8.38 12.92 -5.64
CA SER A 49 8.68 11.85 -4.67
C SER A 49 10.02 11.21 -5.01
N ILE A 50 11.04 12.04 -5.18
CA ILE A 50 12.39 11.68 -5.65
C ILE A 50 13.18 10.81 -4.67
N GLN A 51 12.55 10.39 -3.58
CA GLN A 51 13.01 9.37 -2.67
C GLN A 51 12.94 7.98 -3.34
N ASP A 52 13.63 7.04 -2.71
CA ASP A 52 13.61 5.62 -3.06
C ASP A 52 13.20 4.77 -1.85
N TYR A 53 13.12 5.36 -0.64
CA TYR A 53 12.73 4.66 0.59
C TYR A 53 11.94 5.60 1.53
N PRO A 54 11.17 5.05 2.50
CA PRO A 54 10.52 5.80 3.57
C PRO A 54 11.53 6.41 4.54
N SER A 55 11.05 7.27 5.45
CA SER A 55 11.88 7.90 6.47
C SER A 55 11.78 7.22 7.84
N ALA A 56 10.75 6.38 8.05
CA ALA A 56 10.60 5.62 9.29
C ALA A 56 11.57 4.46 9.29
N GLU A 57 12.09 4.11 10.47
CA GLU A 57 12.90 2.91 10.64
C GLU A 57 12.03 1.66 10.79
N GLU A 58 10.74 1.80 11.09
CA GLU A 58 9.83 0.70 11.36
C GLU A 58 8.57 0.89 10.53
N TYR A 59 8.53 0.11 9.46
CA TYR A 59 7.44 0.00 8.52
C TYR A 59 7.16 -1.47 8.25
N GLY A 60 6.12 -1.73 7.48
CA GLY A 60 5.79 -3.02 6.91
C GLY A 60 5.39 -2.83 5.45
N THR A 61 4.82 -3.88 4.87
CA THR A 61 4.95 -4.21 3.47
C THR A 61 3.57 -4.50 2.89
N ILE A 62 3.30 -4.07 1.66
CA ILE A 62 2.23 -4.57 0.82
C ILE A 62 2.93 -5.23 -0.37
N ASN A 63 2.46 -6.42 -0.75
CA ASN A 63 2.87 -7.14 -1.95
C ASN A 63 1.57 -7.48 -2.67
N ILE A 64 1.47 -7.19 -3.97
CA ILE A 64 0.36 -7.65 -4.79
C ILE A 64 0.99 -8.54 -5.86
N GLU A 65 1.06 -9.84 -5.59
CA GLU A 65 1.48 -10.82 -6.58
C GLU A 65 0.37 -10.93 -7.63
N ASN A 66 0.72 -10.71 -8.90
CA ASN A 66 -0.19 -10.71 -10.03
C ASN A 66 0.60 -11.00 -11.30
N ASN A 67 0.08 -11.90 -12.15
CA ASN A 67 0.61 -12.22 -13.47
C ASN A 67 2.09 -12.63 -13.46
N GLY A 68 2.62 -13.18 -12.36
CA GLY A 68 4.02 -13.59 -12.28
C GLY A 68 4.96 -12.48 -11.80
N GLY A 69 4.46 -11.37 -11.25
CA GLY A 69 5.27 -10.30 -10.70
C GLY A 69 4.61 -9.72 -9.46
N MET A 70 5.29 -8.86 -8.71
CA MET A 70 4.78 -8.21 -7.50
C MET A 70 5.03 -6.72 -7.56
N THR A 71 3.97 -5.94 -7.36
CA THR A 71 4.08 -4.56 -6.89
C THR A 71 4.27 -4.62 -5.38
N THR A 72 5.44 -4.21 -4.93
CA THR A 72 5.70 -3.84 -3.55
C THR A 72 5.24 -2.39 -3.33
N MET A 73 4.86 -2.05 -2.10
CA MET A 73 4.91 -0.69 -1.53
C MET A 73 5.01 -0.83 0.00
N PHE A 74 5.37 0.24 0.70
CA PHE A 74 5.48 0.28 2.17
C PHE A 74 4.53 1.35 2.73
N TYR A 75 4.36 1.47 4.05
CA TYR A 75 3.55 2.50 4.74
C TYR A 75 4.21 2.80 6.10
N TYR A 76 3.97 3.96 6.73
CA TYR A 76 4.40 4.31 8.10
C TYR A 76 3.49 5.44 8.63
N GLU A 77 3.86 6.12 9.72
CA GLU A 77 3.20 7.34 10.19
C GLU A 77 4.26 8.45 10.26
N GLU A 78 4.02 9.58 9.59
CA GLU A 78 4.86 10.75 9.68
C GLU A 78 4.08 11.89 10.34
N ASN A 79 4.56 12.34 11.50
CA ASN A 79 4.06 13.47 12.29
C ASN A 79 2.64 13.28 12.84
N GLY A 80 2.01 12.14 12.57
CA GLY A 80 0.65 11.81 12.97
C GLY A 80 -0.25 11.44 11.79
N LYS A 81 0.12 11.77 10.55
CA LYS A 81 -0.58 11.27 9.37
C LYS A 81 0.06 9.96 8.91
N TYR A 82 -0.71 9.17 8.19
CA TYR A 82 -0.26 7.95 7.57
C TYR A 82 -0.03 8.22 6.08
N TYR A 83 1.00 7.60 5.51
CA TYR A 83 1.33 7.73 4.09
C TYR A 83 1.75 6.39 3.51
N ILE A 84 1.87 6.30 2.18
CA ILE A 84 2.20 5.06 1.45
C ILE A 84 3.40 5.27 0.51
N GLU A 85 4.48 4.51 0.69
CA GLU A 85 5.64 4.58 -0.17
C GLU A 85 5.30 4.09 -1.59
N CYS A 86 6.12 4.51 -2.55
CA CYS A 86 5.98 4.35 -3.99
C CYS A 86 7.27 4.94 -4.59
N PRO A 87 7.56 4.72 -5.88
CA PRO A 87 8.47 5.52 -6.68
C PRO A 87 8.01 6.98 -6.67
N TYR A 88 8.48 7.80 -7.62
CA TYR A 88 8.28 9.25 -7.82
C TYR A 88 6.84 9.81 -7.59
N LYS A 89 5.87 8.98 -7.22
CA LYS A 89 4.49 9.21 -6.88
C LYS A 89 4.09 8.66 -5.51
N GLY A 90 5.04 8.65 -4.58
CA GLY A 90 4.86 8.11 -3.24
C GLY A 90 4.81 9.14 -2.12
N ILE A 91 3.83 10.04 -2.17
CA ILE A 91 3.52 10.99 -1.10
C ILE A 91 1.98 11.03 -0.92
N TYR A 92 1.32 9.86 -0.90
CA TYR A 92 -0.11 9.71 -0.63
C TYR A 92 -0.33 10.07 0.81
N GLU A 93 -0.94 11.21 1.05
CA GLU A 93 -1.59 11.38 2.35
C GLU A 93 -2.86 10.54 2.28
N ILE A 94 -3.07 9.71 3.30
CA ILE A 94 -4.40 9.31 3.74
C ILE A 94 -4.62 9.92 5.13
N GLU A 95 -5.85 9.91 5.61
CA GLU A 95 -6.26 10.57 6.83
C GLU A 95 -6.88 9.60 7.84
N ASN A 96 -6.65 8.30 7.68
CA ASN A 96 -6.91 7.31 8.74
C ASN A 96 -6.01 6.09 8.57
N ASN A 97 -5.98 5.22 9.58
CA ASN A 97 -5.07 4.07 9.63
C ASN A 97 -5.43 3.06 8.55
N PHE A 98 -4.50 2.80 7.63
CA PHE A 98 -4.63 1.76 6.63
C PHE A 98 -4.88 0.40 7.29
N GLU A 99 -4.09 0.06 8.32
CA GLU A 99 -4.07 -1.27 8.90
C GLU A 99 -5.38 -1.62 9.61
N ASP A 100 -6.13 -0.62 10.09
CA ASP A 100 -7.47 -0.83 10.65
C ASP A 100 -8.57 -0.36 9.70
N MET A 101 -8.26 -0.23 8.40
CA MET A 101 -9.27 -0.20 7.35
C MET A 101 -9.27 -1.47 6.50
N ILE A 102 -8.11 -2.05 6.23
CA ILE A 102 -7.96 -3.21 5.34
C ILE A 102 -8.58 -4.46 5.93
N GLY A 1 -6.73 10.75 -10.91
CA GLY A 1 -7.03 10.66 -9.47
C GLY A 1 -6.80 9.25 -8.98
N SER A 2 -6.52 9.07 -7.68
CA SER A 2 -6.02 7.86 -7.05
C SER A 2 -4.71 7.32 -7.67
N PRO A 3 -4.00 6.39 -7.02
CA PRO A 3 -2.94 5.64 -7.68
C PRO A 3 -3.48 4.80 -8.86
N ILE A 4 -2.55 4.16 -9.55
CA ILE A 4 -2.81 3.30 -10.68
C ILE A 4 -2.45 1.89 -10.20
N LEU A 5 -3.46 1.06 -9.98
CA LEU A 5 -3.36 -0.27 -9.36
C LEU A 5 -3.93 -1.36 -10.30
N PRO A 6 -3.49 -2.63 -10.13
CA PRO A 6 -3.92 -3.76 -10.97
C PRO A 6 -5.37 -4.20 -10.66
N LYS A 7 -6.02 -4.95 -11.57
CA LYS A 7 -7.39 -5.41 -11.36
C LYS A 7 -7.49 -6.33 -10.16
N ALA A 8 -8.58 -6.24 -9.39
CA ALA A 8 -8.83 -7.14 -8.27
C ALA A 8 -8.92 -8.62 -8.69
N GLU A 9 -9.08 -8.93 -9.97
CA GLU A 9 -9.13 -10.32 -10.46
C GLU A 9 -7.77 -10.83 -10.92
N ASN A 10 -6.88 -9.98 -11.45
CA ASN A 10 -5.60 -10.43 -12.04
C ASN A 10 -4.50 -10.50 -10.99
N VAL A 11 -4.85 -10.02 -9.80
CA VAL A 11 -4.24 -10.27 -8.53
C VAL A 11 -4.37 -11.77 -8.24
N ASP A 12 -3.20 -12.42 -8.15
CA ASP A 12 -3.02 -13.75 -7.59
C ASP A 12 -3.21 -13.62 -6.09
N SER A 13 -2.30 -12.94 -5.37
CA SER A 13 -2.41 -12.83 -3.92
C SER A 13 -1.73 -11.55 -3.41
N ILE A 14 -2.06 -11.09 -2.22
CA ILE A 14 -1.56 -9.86 -1.62
C ILE A 14 -0.98 -10.26 -0.28
N CYS A 15 0.28 -9.90 -0.05
CA CYS A 15 0.98 -10.18 1.19
C CYS A 15 1.13 -8.84 1.90
N ILE A 16 0.82 -8.83 3.20
CA ILE A 16 0.94 -7.66 4.06
C ILE A 16 1.62 -8.16 5.31
N ASP A 17 2.94 -7.98 5.37
CA ASP A 17 3.71 -8.10 6.60
C ASP A 17 3.48 -6.78 7.34
N PHE A 18 2.84 -6.86 8.50
CA PHE A 18 2.55 -5.74 9.38
C PHE A 18 3.87 -5.18 9.98
N THR A 19 3.78 -4.16 10.84
CA THR A 19 4.92 -3.57 11.54
C THR A 19 5.66 -4.61 12.42
N ASN A 20 4.92 -5.41 13.19
CA ASN A 20 5.46 -6.45 14.03
C ASN A 20 5.91 -7.65 13.17
N SER A 21 6.32 -8.76 13.78
CA SER A 21 6.88 -9.95 13.13
C SER A 21 5.87 -10.74 12.27
N ILE A 22 4.66 -10.22 12.10
CA ILE A 22 3.44 -10.90 11.72
C ILE A 22 3.02 -10.38 10.35
N GLN A 23 2.30 -11.21 9.64
CA GLN A 23 1.80 -10.98 8.33
C GLN A 23 0.41 -11.60 8.17
N LYS A 24 -0.32 -11.17 7.13
CA LYS A 24 -1.51 -11.83 6.60
C LYS A 24 -1.40 -11.81 5.08
N ILE A 25 -1.83 -12.88 4.42
CA ILE A 25 -1.98 -12.95 2.97
C ILE A 25 -3.47 -12.99 2.68
N TYR A 26 -3.91 -12.26 1.67
CA TYR A 26 -5.28 -12.10 1.23
C TYR A 26 -5.29 -12.80 -0.12
N ASP A 27 -5.93 -13.96 -0.18
CA ASP A 27 -6.00 -14.85 -1.35
C ASP A 27 -7.46 -15.30 -1.44
N ASP A 28 -8.35 -14.32 -1.22
CA ASP A 28 -9.78 -14.46 -1.05
C ASP A 28 -10.34 -13.26 -1.82
N SER A 29 -11.23 -13.47 -2.79
CA SER A 29 -11.70 -12.42 -3.70
C SER A 29 -12.26 -11.21 -2.95
N GLU A 30 -12.98 -11.43 -1.86
CA GLU A 30 -13.62 -10.38 -1.08
C GLU A 30 -12.59 -9.65 -0.18
N SER A 31 -11.58 -10.37 0.32
CA SER A 31 -10.40 -9.81 0.98
C SER A 31 -9.67 -8.85 0.05
N ILE A 32 -9.54 -9.21 -1.23
CA ILE A 32 -8.90 -8.43 -2.27
C ILE A 32 -9.71 -7.17 -2.51
N GLN A 33 -11.01 -7.32 -2.82
CA GLN A 33 -11.91 -6.19 -3.07
C GLN A 33 -11.83 -5.17 -1.94
N LYS A 34 -11.78 -5.63 -0.68
CA LYS A 34 -11.66 -4.74 0.46
C LYS A 34 -10.36 -3.93 0.37
N ILE A 35 -9.20 -4.59 0.28
CA ILE A 35 -7.90 -3.93 0.18
C ILE A 35 -7.86 -2.95 -1.00
N LEU A 36 -8.26 -3.37 -2.20
CA LEU A 36 -8.09 -2.60 -3.43
C LEU A 36 -8.79 -1.23 -3.36
N SER A 37 -9.73 -1.04 -2.42
CA SER A 37 -10.27 0.25 -2.04
C SER A 37 -9.19 1.11 -1.37
N GLU A 38 -8.62 0.71 -0.24
CA GLU A 38 -7.67 1.56 0.50
C GLU A 38 -6.38 1.77 -0.28
N ILE A 39 -5.98 0.78 -1.10
CA ILE A 39 -4.86 0.90 -2.03
C ILE A 39 -5.05 2.12 -2.93
N ALA A 40 -6.30 2.57 -3.16
CA ALA A 40 -6.67 3.62 -4.08
C ALA A 40 -7.28 4.86 -3.40
N THR A 41 -7.36 4.90 -2.07
CA THR A 41 -8.07 5.97 -1.37
C THR A 41 -7.22 7.26 -1.30
N GLY A 42 -5.89 7.15 -1.26
CA GLY A 42 -4.99 8.28 -1.14
C GLY A 42 -4.69 8.93 -2.48
N LYS A 43 -4.11 10.13 -2.41
CA LYS A 43 -3.68 10.90 -3.56
C LYS A 43 -2.23 11.26 -3.33
N ARG A 44 -1.35 10.86 -4.25
CA ARG A 44 0.07 11.25 -4.27
C ARG A 44 0.31 12.74 -4.47
N THR A 45 -0.78 13.47 -4.66
CA THR A 45 -0.84 14.90 -4.93
C THR A 45 -0.04 15.25 -6.19
N GLU A 46 0.06 16.54 -6.47
CA GLU A 46 0.84 17.10 -7.56
C GLU A 46 2.31 17.31 -7.17
N LYS A 47 2.74 16.93 -5.96
CA LYS A 47 4.16 16.90 -5.61
C LYS A 47 4.84 15.77 -6.39
N GLN A 48 6.17 15.81 -6.42
CA GLN A 48 7.03 14.79 -7.00
C GLN A 48 7.84 14.16 -5.89
N SER A 49 8.31 12.95 -6.13
CA SER A 49 8.81 12.02 -5.14
C SER A 49 10.17 11.58 -5.66
N ILE A 50 11.10 11.26 -4.77
CA ILE A 50 12.52 11.17 -5.10
C ILE A 50 13.22 10.06 -4.30
N GLN A 51 12.46 9.13 -3.74
CA GLN A 51 12.96 8.11 -2.81
C GLN A 51 12.43 6.75 -3.24
N ASP A 52 12.99 5.69 -2.66
CA ASP A 52 12.67 4.29 -2.97
C ASP A 52 12.18 3.52 -1.74
N TYR A 53 12.20 4.15 -0.57
CA TYR A 53 11.89 3.56 0.73
C TYR A 53 11.19 4.62 1.58
N PRO A 54 10.52 4.24 2.68
CA PRO A 54 9.92 5.19 3.61
C PRO A 54 11.01 5.94 4.40
N SER A 55 10.58 6.84 5.28
CA SER A 55 11.43 7.59 6.19
C SER A 55 11.24 7.15 7.65
N ALA A 56 10.23 6.31 7.93
CA ALA A 56 9.92 5.84 9.27
C ALA A 56 10.76 4.61 9.63
N GLU A 57 10.89 4.34 10.93
CA GLU A 57 11.60 3.17 11.46
C GLU A 57 10.65 1.99 11.74
N GLU A 58 9.34 2.22 11.75
CA GLU A 58 8.32 1.20 11.92
C GLU A 58 7.32 1.36 10.78
N TYR A 59 7.31 0.39 9.86
CA TYR A 59 6.44 0.33 8.70
C TYR A 59 6.12 -1.14 8.39
N GLY A 60 5.06 -1.37 7.63
CA GLY A 60 4.70 -2.67 7.08
C GLY A 60 5.06 -2.74 5.59
N THR A 61 4.97 -3.93 5.00
CA THR A 61 5.57 -4.30 3.73
C THR A 61 4.50 -5.01 2.88
N ILE A 62 4.20 -4.46 1.70
CA ILE A 62 3.02 -4.83 0.90
C ILE A 62 3.46 -5.26 -0.49
N ASN A 63 3.03 -6.45 -0.90
CA ASN A 63 3.19 -6.97 -2.27
C ASN A 63 1.81 -7.23 -2.87
N ILE A 64 1.68 -7.02 -4.18
CA ILE A 64 0.49 -7.32 -4.96
C ILE A 64 1.00 -8.22 -6.09
N GLU A 65 1.03 -9.53 -5.86
CA GLU A 65 1.43 -10.53 -6.83
C GLU A 65 0.32 -10.64 -7.88
N ASN A 66 0.54 -10.17 -9.09
CA ASN A 66 -0.44 -10.18 -10.17
C ASN A 66 0.25 -10.60 -11.47
N ASN A 67 -0.40 -11.51 -12.21
CA ASN A 67 0.01 -11.97 -13.54
C ASN A 67 1.36 -12.68 -13.64
N GLY A 68 2.13 -12.80 -12.56
CA GLY A 68 3.49 -13.36 -12.56
C GLY A 68 4.57 -12.36 -12.14
N GLY A 69 4.18 -11.19 -11.60
CA GLY A 69 5.08 -10.18 -11.08
C GLY A 69 4.39 -9.43 -9.95
N MET A 70 5.02 -8.44 -9.35
CA MET A 70 4.49 -7.77 -8.17
C MET A 70 4.98 -6.33 -8.04
N THR A 71 4.06 -5.49 -7.52
CA THR A 71 4.40 -4.19 -6.98
C THR A 71 5.09 -4.43 -5.62
N THR A 72 5.74 -3.42 -5.07
CA THR A 72 6.14 -3.36 -3.67
C THR A 72 5.96 -1.91 -3.20
N MET A 73 5.52 -1.73 -1.96
CA MET A 73 5.36 -0.46 -1.25
C MET A 73 5.43 -0.73 0.25
N PHE A 74 5.51 0.33 1.05
CA PHE A 74 5.57 0.32 2.51
C PHE A 74 4.69 1.48 3.02
N TYR A 75 4.06 1.36 4.20
CA TYR A 75 3.23 2.43 4.78
C TYR A 75 3.67 2.72 6.22
N TYR A 76 3.47 3.95 6.68
CA TYR A 76 3.98 4.47 7.95
C TYR A 76 3.12 5.65 8.41
N GLU A 77 3.44 6.20 9.59
CA GLU A 77 2.92 7.48 10.07
C GLU A 77 4.08 8.50 10.01
N GLU A 78 3.77 9.77 9.77
CA GLU A 78 4.72 10.87 9.86
C GLU A 78 4.03 12.09 10.45
N ASN A 79 4.50 12.54 11.61
CA ASN A 79 3.99 13.65 12.42
C ASN A 79 2.56 13.50 12.93
N GLY A 80 1.80 12.54 12.43
CA GLY A 80 0.40 12.33 12.80
C GLY A 80 -0.56 12.12 11.63
N LYS A 81 -0.13 12.09 10.36
CA LYS A 81 -0.86 11.48 9.26
C LYS A 81 -0.15 10.23 8.81
N TYR A 82 -0.87 9.34 8.11
CA TYR A 82 -0.30 8.13 7.54
C TYR A 82 0.04 8.37 6.07
N TYR A 83 1.12 7.75 5.59
CA TYR A 83 1.66 7.95 4.26
C TYR A 83 2.14 6.64 3.66
N ILE A 84 2.30 6.63 2.33
CA ILE A 84 2.54 5.45 1.52
C ILE A 84 3.69 5.71 0.56
N GLU A 85 4.62 4.76 0.52
CA GLU A 85 5.79 4.73 -0.34
C GLU A 85 5.40 4.31 -1.78
N CYS A 86 6.21 4.73 -2.76
CA CYS A 86 6.17 4.43 -4.19
C CYS A 86 7.44 5.06 -4.80
N PRO A 87 7.84 4.75 -6.05
CA PRO A 87 8.79 5.53 -6.86
C PRO A 87 8.33 7.00 -6.95
N TYR A 88 8.83 7.77 -7.92
CA TYR A 88 8.60 9.20 -8.14
C TYR A 88 7.15 9.70 -8.01
N LYS A 89 6.16 8.81 -7.80
CA LYS A 89 4.79 9.10 -7.50
C LYS A 89 4.36 8.47 -6.16
N GLY A 90 5.10 8.71 -5.07
CA GLY A 90 4.84 8.15 -3.74
C GLY A 90 4.81 9.13 -2.59
N ILE A 91 3.92 10.13 -2.61
CA ILE A 91 3.67 11.03 -1.48
C ILE A 91 2.17 11.08 -1.22
N TYR A 92 1.53 9.92 -1.02
CA TYR A 92 0.11 9.85 -0.73
C TYR A 92 -0.09 10.24 0.73
N GLU A 93 -0.85 11.31 0.98
CA GLU A 93 -1.39 11.56 2.30
C GLU A 93 -2.71 10.80 2.35
N ILE A 94 -2.83 9.77 3.19
CA ILE A 94 -4.13 9.29 3.65
C ILE A 94 -4.35 9.89 5.03
N GLU A 95 -5.54 9.74 5.59
CA GLU A 95 -5.91 10.38 6.85
C GLU A 95 -6.36 9.37 7.90
N ASN A 96 -6.63 8.13 7.50
CA ASN A 96 -6.93 7.05 8.43
C ASN A 96 -5.94 5.91 8.19
N ASN A 97 -5.64 5.16 9.24
CA ASN A 97 -4.61 4.13 9.21
C ASN A 97 -5.06 2.94 8.36
N PHE A 98 -4.23 2.52 7.41
CA PHE A 98 -4.51 1.44 6.47
C PHE A 98 -4.76 0.11 7.21
N GLU A 99 -3.92 -0.24 8.18
CA GLU A 99 -4.00 -1.50 8.92
C GLU A 99 -5.30 -1.58 9.76
N ASP A 100 -5.81 -0.44 10.20
CA ASP A 100 -7.08 -0.37 10.93
C ASP A 100 -8.30 -0.45 10.02
N MET A 101 -8.13 -0.18 8.72
CA MET A 101 -9.18 -0.26 7.71
C MET A 101 -9.35 -1.69 7.17
N ILE A 102 -8.30 -2.52 7.18
CA ILE A 102 -8.32 -3.87 6.57
C ILE A 102 -8.88 -4.90 7.54
N GLY A 1 -7.90 12.33 -6.88
CA GLY A 1 -6.94 11.67 -7.75
C GLY A 1 -6.28 10.48 -7.09
N SER A 2 -6.98 9.35 -7.05
CA SER A 2 -6.48 8.05 -6.61
C SER A 2 -5.27 7.60 -7.46
N PRO A 3 -4.49 6.60 -7.02
CA PRO A 3 -3.46 5.94 -7.82
C PRO A 3 -4.02 5.12 -8.99
N ILE A 4 -3.12 4.47 -9.74
CA ILE A 4 -3.44 3.41 -10.68
C ILE A 4 -2.95 2.12 -10.02
N LEU A 5 -3.85 1.15 -9.84
CA LEU A 5 -3.55 -0.23 -9.45
C LEU A 5 -3.76 -1.15 -10.65
N PRO A 6 -3.27 -2.41 -10.61
CA PRO A 6 -3.66 -3.42 -11.59
C PRO A 6 -5.17 -3.72 -11.51
N LYS A 7 -5.66 -4.68 -12.32
CA LYS A 7 -6.93 -5.33 -12.03
C LYS A 7 -6.87 -5.93 -10.61
N ALA A 8 -8.00 -6.38 -10.08
CA ALA A 8 -8.04 -7.31 -8.96
C ALA A 8 -7.83 -8.72 -9.48
N GLU A 9 -8.58 -9.13 -10.50
CA GLU A 9 -8.61 -10.54 -10.86
C GLU A 9 -7.26 -11.07 -11.40
N ASN A 10 -6.38 -10.20 -11.91
CA ASN A 10 -5.04 -10.57 -12.38
C ASN A 10 -4.03 -10.72 -11.23
N VAL A 11 -4.46 -10.44 -10.00
CA VAL A 11 -3.63 -10.54 -8.82
C VAL A 11 -3.75 -12.01 -8.39
N ASP A 12 -2.59 -12.66 -8.32
CA ASP A 12 -2.40 -14.02 -7.82
C ASP A 12 -2.62 -14.00 -6.32
N SER A 13 -1.91 -13.14 -5.58
CA SER A 13 -2.15 -13.01 -4.14
C SER A 13 -1.65 -11.65 -3.65
N ILE A 14 -2.21 -11.16 -2.54
CA ILE A 14 -1.72 -9.99 -1.83
C ILE A 14 -1.10 -10.50 -0.52
N CYS A 15 0.03 -9.93 -0.12
CA CYS A 15 0.76 -10.31 1.07
C CYS A 15 1.06 -9.03 1.85
N ILE A 16 0.34 -8.81 2.96
CA ILE A 16 0.52 -7.64 3.81
C ILE A 16 1.34 -8.12 5.01
N ASP A 17 2.60 -7.70 5.05
CA ASP A 17 3.55 -7.91 6.13
C ASP A 17 3.47 -6.71 7.05
N PHE A 18 3.05 -6.90 8.29
CA PHE A 18 2.76 -5.83 9.23
C PHE A 18 4.06 -5.29 9.88
N THR A 19 3.95 -4.20 10.63
CA THR A 19 5.01 -3.66 11.49
C THR A 19 5.48 -4.73 12.48
N ASN A 20 4.52 -5.28 13.22
CA ASN A 20 4.63 -6.49 14.01
C ASN A 20 4.74 -7.65 13.04
N SER A 21 5.45 -8.72 13.39
CA SER A 21 6.11 -9.57 12.40
C SER A 21 5.16 -10.66 11.92
N ILE A 22 3.98 -10.26 11.47
CA ILE A 22 2.87 -11.10 11.14
C ILE A 22 2.49 -10.71 9.72
N GLN A 23 2.28 -11.72 8.89
CA GLN A 23 2.11 -11.55 7.46
C GLN A 23 0.87 -12.28 7.05
N LYS A 24 -0.16 -11.52 6.69
CA LYS A 24 -1.47 -12.02 6.32
C LYS A 24 -1.57 -12.00 4.80
N ILE A 25 -1.99 -13.11 4.21
CA ILE A 25 -2.17 -13.25 2.76
C ILE A 25 -3.67 -13.09 2.50
N TYR A 26 -4.01 -12.32 1.48
CA TYR A 26 -5.37 -12.05 1.06
C TYR A 26 -5.41 -12.62 -0.35
N ASP A 27 -5.66 -13.93 -0.38
CA ASP A 27 -5.95 -14.73 -1.55
C ASP A 27 -7.47 -14.86 -1.76
N ASP A 28 -8.27 -14.36 -0.82
CA ASP A 28 -9.73 -14.36 -0.93
C ASP A 28 -10.14 -13.15 -1.79
N SER A 29 -11.01 -13.35 -2.77
CA SER A 29 -11.35 -12.33 -3.77
C SER A 29 -11.91 -11.07 -3.11
N GLU A 30 -12.76 -11.20 -2.11
CA GLU A 30 -13.44 -10.09 -1.45
C GLU A 30 -12.49 -9.30 -0.56
N SER A 31 -11.56 -9.99 0.11
CA SER A 31 -10.40 -9.45 0.81
C SER A 31 -9.59 -8.55 -0.11
N ILE A 32 -9.23 -9.08 -1.29
CA ILE A 32 -8.46 -8.36 -2.29
C ILE A 32 -9.20 -7.08 -2.67
N GLN A 33 -10.49 -7.16 -3.00
CA GLN A 33 -11.27 -6.00 -3.42
C GLN A 33 -11.24 -4.88 -2.38
N LYS A 34 -11.42 -5.21 -1.09
CA LYS A 34 -11.35 -4.20 -0.04
C LYS A 34 -9.99 -3.53 -0.05
N ILE A 35 -8.91 -4.31 -0.02
CA ILE A 35 -7.56 -3.77 -0.01
C ILE A 35 -7.33 -2.85 -1.20
N LEU A 36 -7.74 -3.22 -2.43
CA LEU A 36 -7.60 -2.34 -3.59
C LEU A 36 -8.29 -0.98 -3.40
N SER A 37 -9.32 -0.87 -2.56
CA SER A 37 -9.88 0.41 -2.16
C SER A 37 -8.94 1.11 -1.19
N GLU A 38 -8.51 0.47 -0.10
CA GLU A 38 -7.66 1.12 0.92
C GLU A 38 -6.29 1.53 0.40
N ILE A 39 -5.81 0.87 -0.65
CA ILE A 39 -4.57 1.15 -1.37
C ILE A 39 -4.77 2.27 -2.40
N ALA A 40 -6.02 2.70 -2.63
CA ALA A 40 -6.40 3.69 -3.63
C ALA A 40 -7.13 4.90 -3.08
N THR A 41 -7.34 5.01 -1.76
CA THR A 41 -7.96 6.19 -1.16
C THR A 41 -7.06 7.43 -1.31
N GLY A 42 -5.74 7.26 -1.31
CA GLY A 42 -4.82 8.36 -1.11
C GLY A 42 -4.55 9.19 -2.35
N LYS A 43 -4.00 10.38 -2.12
CA LYS A 43 -3.56 11.36 -3.09
C LYS A 43 -2.07 11.48 -3.05
N ARG A 44 -1.38 10.79 -3.95
CA ARG A 44 0.05 10.98 -4.23
C ARG A 44 0.38 12.36 -4.70
N THR A 45 -0.64 13.13 -5.03
CA THR A 45 -0.60 14.53 -5.43
C THR A 45 0.15 14.71 -6.75
N GLU A 46 0.33 15.96 -7.16
CA GLU A 46 1.26 16.33 -8.21
C GLU A 46 2.63 16.78 -7.67
N LYS A 47 2.93 16.52 -6.39
CA LYS A 47 4.33 16.46 -5.98
C LYS A 47 5.02 15.29 -6.66
N GLN A 48 6.31 15.48 -6.93
CA GLN A 48 7.24 14.44 -7.34
C GLN A 48 7.70 13.77 -6.06
N SER A 49 7.50 12.46 -5.93
CA SER A 49 8.38 11.66 -5.11
C SER A 49 9.70 11.53 -5.87
N ILE A 50 10.80 11.45 -5.11
CA ILE A 50 12.13 11.11 -5.57
C ILE A 50 12.83 10.20 -4.53
N GLN A 51 12.08 9.61 -3.57
CA GLN A 51 12.64 8.67 -2.60
C GLN A 51 12.62 7.26 -3.17
N ASP A 52 13.38 6.36 -2.54
CA ASP A 52 13.42 4.94 -2.89
C ASP A 52 12.92 4.05 -1.73
N TYR A 53 12.81 4.58 -0.51
CA TYR A 53 12.38 3.85 0.70
C TYR A 53 11.76 4.81 1.71
N PRO A 54 11.05 4.29 2.74
CA PRO A 54 10.62 5.08 3.88
C PRO A 54 11.81 5.42 4.79
N SER A 55 11.75 6.59 5.41
CA SER A 55 12.69 6.99 6.45
C SER A 55 12.44 6.28 7.78
N ALA A 56 11.18 5.94 8.09
CA ALA A 56 10.81 5.38 9.38
C ALA A 56 11.49 4.04 9.61
N GLU A 57 11.65 3.71 10.89
CA GLU A 57 12.12 2.40 11.33
C GLU A 57 10.96 1.41 11.41
N GLU A 58 9.78 1.89 11.80
CA GLU A 58 8.62 1.05 12.07
C GLU A 58 7.62 1.33 10.95
N TYR A 59 7.70 0.45 9.97
CA TYR A 59 6.82 0.32 8.81
C TYR A 59 6.61 -1.18 8.59
N GLY A 60 5.70 -1.50 7.69
CA GLY A 60 5.55 -2.83 7.11
C GLY A 60 5.42 -2.76 5.59
N THR A 61 5.21 -3.90 4.95
CA THR A 61 5.36 -4.08 3.50
C THR A 61 4.05 -4.62 2.92
N ILE A 62 3.48 -3.91 1.95
CA ILE A 62 2.35 -4.39 1.16
C ILE A 62 2.94 -4.93 -0.14
N ASN A 63 2.50 -6.12 -0.55
CA ASN A 63 2.97 -6.80 -1.77
C ASN A 63 1.74 -7.24 -2.55
N ILE A 64 1.74 -7.07 -3.87
CA ILE A 64 0.65 -7.46 -4.75
C ILE A 64 1.29 -8.31 -5.85
N GLU A 65 1.32 -9.62 -5.66
CA GLU A 65 1.74 -10.54 -6.72
C GLU A 65 0.65 -10.54 -7.78
N ASN A 66 0.93 -9.96 -8.95
CA ASN A 66 0.03 -9.93 -10.08
C ASN A 66 0.84 -10.17 -11.34
N ASN A 67 0.30 -10.98 -12.26
CA ASN A 67 0.94 -11.32 -13.53
C ASN A 67 2.40 -11.77 -13.32
N GLY A 68 2.69 -12.48 -12.22
CA GLY A 68 4.01 -13.01 -11.91
C GLY A 68 5.03 -11.96 -11.43
N GLY A 69 4.62 -10.78 -10.99
CA GLY A 69 5.51 -9.79 -10.38
C GLY A 69 4.84 -9.14 -9.18
N MET A 70 5.64 -8.62 -8.24
CA MET A 70 5.15 -8.07 -6.97
C MET A 70 5.35 -6.57 -6.95
N THR A 71 4.28 -5.85 -7.28
CA THR A 71 4.17 -4.43 -7.03
C THR A 71 4.21 -4.25 -5.50
N THR A 72 5.32 -3.77 -4.95
CA THR A 72 5.51 -3.63 -3.51
C THR A 72 5.35 -2.13 -3.13
N MET A 73 5.00 -1.85 -1.89
CA MET A 73 5.04 -0.52 -1.27
C MET A 73 5.20 -0.72 0.24
N PHE A 74 5.45 0.37 0.97
CA PHE A 74 5.51 0.39 2.42
C PHE A 74 4.54 1.48 2.90
N TYR A 75 4.45 1.73 4.20
CA TYR A 75 3.65 2.79 4.80
C TYR A 75 4.35 3.20 6.09
N TYR A 76 4.11 4.42 6.59
CA TYR A 76 4.41 4.79 7.96
C TYR A 76 3.57 6.01 8.34
N GLU A 77 3.55 6.37 9.62
CA GLU A 77 2.98 7.61 10.12
C GLU A 77 4.10 8.67 10.12
N GLU A 78 3.90 9.77 9.41
CA GLU A 78 4.76 10.94 9.49
C GLU A 78 3.99 12.06 10.18
N ASN A 79 4.51 12.51 11.33
CA ASN A 79 4.15 13.76 11.99
C ASN A 79 2.69 13.82 12.49
N GLY A 80 1.93 12.73 12.35
CA GLY A 80 0.55 12.61 12.77
C GLY A 80 -0.37 12.08 11.68
N LYS A 81 0.06 12.04 10.40
CA LYS A 81 -0.72 11.54 9.28
C LYS A 81 -0.06 10.29 8.70
N TYR A 82 -0.79 9.52 7.90
CA TYR A 82 -0.28 8.28 7.34
C TYR A 82 -0.03 8.48 5.85
N TYR A 83 1.05 7.87 5.33
CA TYR A 83 1.43 7.97 3.94
C TYR A 83 1.89 6.61 3.41
N ILE A 84 1.91 6.42 2.09
CA ILE A 84 2.18 5.12 1.43
C ILE A 84 3.30 5.22 0.39
N GLU A 85 4.27 4.30 0.38
CA GLU A 85 5.41 4.35 -0.54
C GLU A 85 5.02 4.01 -1.98
N CYS A 86 5.88 4.40 -2.94
CA CYS A 86 5.74 4.17 -4.37
C CYS A 86 7.03 4.67 -5.06
N PRO A 87 7.27 4.40 -6.35
CA PRO A 87 8.12 5.24 -7.18
C PRO A 87 7.60 6.68 -7.22
N TYR A 88 8.03 7.49 -8.19
CA TYR A 88 7.81 8.93 -8.33
C TYR A 88 6.38 9.44 -8.05
N LYS A 89 5.38 8.57 -7.98
CA LYS A 89 4.05 8.89 -7.47
C LYS A 89 3.81 8.32 -6.07
N GLY A 90 4.72 8.54 -5.12
CA GLY A 90 4.56 8.09 -3.74
C GLY A 90 4.71 9.22 -2.75
N ILE A 91 3.74 10.14 -2.74
CA ILE A 91 3.56 11.08 -1.63
C ILE A 91 2.06 11.07 -1.30
N TYR A 92 1.46 9.88 -1.13
CA TYR A 92 0.03 9.76 -0.87
C TYR A 92 -0.24 10.15 0.56
N GLU A 93 -0.90 11.27 0.77
CA GLU A 93 -1.56 11.51 2.04
C GLU A 93 -2.85 10.68 2.04
N ILE A 94 -3.02 9.83 3.04
CA ILE A 94 -4.35 9.42 3.52
C ILE A 94 -4.60 10.10 4.87
N GLU A 95 -5.85 10.11 5.31
CA GLU A 95 -6.24 10.68 6.59
C GLU A 95 -6.97 9.62 7.44
N ASN A 96 -6.39 8.41 7.53
CA ASN A 96 -6.68 7.44 8.59
C ASN A 96 -5.62 6.35 8.66
N ASN A 97 -5.70 5.46 9.66
CA ASN A 97 -4.82 4.30 9.82
C ASN A 97 -5.14 3.28 8.72
N PHE A 98 -4.17 2.91 7.91
CA PHE A 98 -4.40 1.93 6.85
C PHE A 98 -4.80 0.58 7.43
N GLU A 99 -4.08 0.07 8.44
CA GLU A 99 -4.35 -1.23 9.02
C GLU A 99 -5.76 -1.37 9.59
N ASP A 100 -6.33 -0.31 10.16
CA ASP A 100 -7.69 -0.41 10.72
C ASP A 100 -8.72 -0.48 9.60
N MET A 101 -8.40 0.02 8.40
CA MET A 101 -9.31 -0.02 7.28
C MET A 101 -9.47 -1.46 6.76
N ILE A 102 -8.42 -2.28 6.78
CA ILE A 102 -8.38 -3.58 6.08
C ILE A 102 -9.04 -4.69 6.89
N GLY A 1 -4.62 11.59 -10.09
CA GLY A 1 -4.56 11.98 -8.67
C GLY A 1 -4.55 10.75 -7.77
N SER A 2 -5.57 9.89 -7.88
CA SER A 2 -5.60 8.56 -7.27
C SER A 2 -4.36 7.73 -7.68
N PRO A 3 -4.05 6.61 -7.00
CA PRO A 3 -3.05 5.68 -7.52
C PRO A 3 -3.53 5.00 -8.80
N ILE A 4 -2.59 4.38 -9.50
CA ILE A 4 -2.83 3.34 -10.48
C ILE A 4 -2.45 2.05 -9.74
N LEU A 5 -3.46 1.23 -9.46
CA LEU A 5 -3.35 -0.08 -8.82
C LEU A 5 -3.77 -1.16 -9.82
N PRO A 6 -3.26 -2.40 -9.69
CA PRO A 6 -3.59 -3.49 -10.59
C PRO A 6 -5.01 -4.02 -10.32
N LYS A 7 -5.60 -4.72 -11.29
CA LYS A 7 -6.99 -5.17 -11.25
C LYS A 7 -7.19 -6.28 -10.23
N ALA A 8 -8.39 -6.33 -9.64
CA ALA A 8 -8.80 -7.45 -8.81
C ALA A 8 -8.88 -8.76 -9.59
N GLU A 9 -8.84 -8.72 -10.93
CA GLU A 9 -8.96 -9.94 -11.74
C GLU A 9 -7.60 -10.51 -12.14
N ASN A 10 -6.51 -9.79 -11.82
CA ASN A 10 -5.16 -10.12 -12.24
C ASN A 10 -4.18 -10.14 -11.06
N VAL A 11 -4.66 -9.80 -9.86
CA VAL A 11 -3.94 -9.95 -8.61
C VAL A 11 -4.06 -11.42 -8.26
N ASP A 12 -2.91 -12.11 -8.34
CA ASP A 12 -2.76 -13.50 -8.00
C ASP A 12 -2.75 -13.63 -6.47
N SER A 13 -2.07 -12.74 -5.73
CA SER A 13 -2.23 -12.65 -4.28
C SER A 13 -1.75 -11.31 -3.71
N ILE A 14 -2.01 -11.07 -2.42
CA ILE A 14 -1.54 -9.96 -1.61
C ILE A 14 -0.97 -10.58 -0.35
N CYS A 15 0.18 -10.08 0.11
CA CYS A 15 0.62 -10.23 1.48
C CYS A 15 0.69 -8.83 2.08
N ILE A 16 0.49 -8.76 3.40
CA ILE A 16 0.73 -7.60 4.23
C ILE A 16 1.53 -8.18 5.40
N ASP A 17 2.84 -7.97 5.37
CA ASP A 17 3.74 -8.24 6.47
C ASP A 17 3.58 -7.07 7.43
N PHE A 18 3.12 -7.35 8.65
CA PHE A 18 2.87 -6.35 9.69
C PHE A 18 4.19 -5.88 10.31
N THR A 19 4.09 -4.92 11.22
CA THR A 19 5.18 -4.35 12.02
C THR A 19 5.90 -5.38 12.90
N ASN A 20 5.29 -6.56 13.11
CA ASN A 20 5.69 -7.59 14.05
C ASN A 20 6.05 -8.87 13.31
N SER A 21 6.19 -10.00 14.00
CA SER A 21 6.65 -11.25 13.38
C SER A 21 5.51 -12.00 12.67
N ILE A 22 4.47 -11.29 12.25
CA ILE A 22 3.27 -11.83 11.64
C ILE A 22 3.11 -11.13 10.29
N GLN A 23 2.54 -11.85 9.36
CA GLN A 23 2.07 -11.42 8.09
C GLN A 23 0.70 -12.02 7.85
N LYS A 24 -0.03 -11.49 6.87
CA LYS A 24 -1.35 -11.97 6.52
C LYS A 24 -1.46 -11.93 5.00
N ILE A 25 -2.00 -12.99 4.41
CA ILE A 25 -2.23 -13.11 2.97
C ILE A 25 -3.74 -12.99 2.76
N TYR A 26 -4.14 -12.45 1.61
CA TYR A 26 -5.52 -12.07 1.32
C TYR A 26 -5.94 -12.65 -0.02
N ASP A 27 -5.44 -13.85 -0.34
CA ASP A 27 -5.61 -14.59 -1.60
C ASP A 27 -7.09 -14.85 -1.94
N ASP A 28 -7.95 -14.79 -0.92
CA ASP A 28 -9.40 -14.89 -0.92
C ASP A 28 -9.99 -13.65 -1.64
N SER A 29 -10.80 -13.86 -2.67
CA SER A 29 -11.37 -12.79 -3.51
C SER A 29 -11.96 -11.63 -2.71
N GLU A 30 -12.77 -11.91 -1.70
CA GLU A 30 -13.47 -10.88 -0.91
C GLU A 30 -12.49 -10.07 -0.05
N SER A 31 -11.37 -10.68 0.34
CA SER A 31 -10.26 -10.05 1.04
C SER A 31 -9.46 -9.14 0.09
N ILE A 32 -9.33 -9.49 -1.20
CA ILE A 32 -8.78 -8.60 -2.22
C ILE A 32 -9.73 -7.41 -2.38
N GLN A 33 -11.02 -7.68 -2.61
CA GLN A 33 -12.03 -6.66 -2.84
C GLN A 33 -12.27 -5.77 -1.61
N LYS A 34 -11.80 -6.16 -0.42
CA LYS A 34 -11.55 -5.25 0.68
C LYS A 34 -10.40 -4.34 0.27
N ILE A 35 -9.15 -4.83 0.35
CA ILE A 35 -7.93 -4.02 0.41
C ILE A 35 -7.87 -2.98 -0.71
N LEU A 36 -8.30 -3.32 -1.93
CA LEU A 36 -8.31 -2.39 -3.06
C LEU A 36 -9.00 -1.04 -2.75
N SER A 37 -9.89 -1.00 -1.76
CA SER A 37 -10.53 0.21 -1.29
C SER A 37 -9.46 1.12 -0.69
N GLU A 38 -8.82 0.67 0.40
CA GLU A 38 -7.85 1.41 1.17
C GLU A 38 -6.60 1.72 0.34
N ILE A 39 -6.29 0.89 -0.67
CA ILE A 39 -5.21 1.14 -1.61
C ILE A 39 -5.49 2.42 -2.41
N ALA A 40 -6.75 2.73 -2.74
CA ALA A 40 -7.08 3.80 -3.68
C ALA A 40 -7.59 5.07 -3.01
N THR A 41 -7.68 5.08 -1.69
CA THR A 41 -8.22 6.21 -0.94
C THR A 41 -7.32 7.45 -1.11
N GLY A 42 -6.01 7.28 -1.00
CA GLY A 42 -5.07 8.38 -1.05
C GLY A 42 -4.90 8.94 -2.44
N LYS A 43 -4.25 10.09 -2.52
CA LYS A 43 -3.92 10.77 -3.77
C LYS A 43 -2.47 11.15 -3.63
N ARG A 44 -1.64 10.84 -4.63
CA ARG A 44 -0.20 11.18 -4.60
C ARG A 44 0.06 12.67 -4.69
N THR A 45 -1.00 13.46 -4.77
CA THR A 45 -1.00 14.89 -4.98
C THR A 45 -0.31 15.20 -6.31
N GLU A 46 -0.08 16.47 -6.62
CA GLU A 46 0.64 16.84 -7.84
C GLU A 46 2.15 16.96 -7.60
N LYS A 47 2.64 16.68 -6.39
CA LYS A 47 4.07 16.70 -6.07
C LYS A 47 4.80 15.56 -6.78
N GLN A 48 6.12 15.62 -6.72
CA GLN A 48 7.05 14.66 -7.31
C GLN A 48 7.80 13.95 -6.19
N SER A 49 8.20 12.70 -6.42
CA SER A 49 8.73 11.78 -5.43
C SER A 49 10.12 11.36 -5.95
N ILE A 50 11.07 11.05 -5.07
CA ILE A 50 12.49 10.96 -5.45
C ILE A 50 13.19 9.75 -4.80
N GLN A 51 12.42 8.78 -4.32
CA GLN A 51 12.91 7.68 -3.49
C GLN A 51 12.21 6.40 -3.93
N ASP A 52 12.44 5.32 -3.18
CA ASP A 52 11.72 4.05 -3.32
C ASP A 52 11.39 3.47 -1.93
N TYR A 53 11.86 4.05 -0.82
CA TYR A 53 11.81 3.43 0.51
C TYR A 53 11.48 4.47 1.59
N PRO A 54 10.81 4.05 2.68
CA PRO A 54 10.15 4.95 3.62
C PRO A 54 11.10 5.76 4.51
N SER A 55 10.50 6.76 5.16
CA SER A 55 11.11 7.68 6.12
C SER A 55 10.78 7.24 7.56
N ALA A 56 10.46 5.97 7.79
CA ALA A 56 10.01 5.42 9.07
C ALA A 56 10.86 4.22 9.46
N GLU A 57 11.01 4.00 10.77
CA GLU A 57 11.67 2.83 11.35
C GLU A 57 10.65 1.70 11.59
N GLU A 58 9.37 2.04 11.76
CA GLU A 58 8.30 1.12 12.05
C GLU A 58 7.24 1.35 10.98
N TYR A 59 7.24 0.43 10.03
CA TYR A 59 6.36 0.32 8.89
C TYR A 59 6.13 -1.17 8.66
N GLY A 60 5.16 -1.52 7.83
CA GLY A 60 4.97 -2.88 7.34
C GLY A 60 5.06 -2.88 5.82
N THR A 61 5.16 -4.08 5.24
CA THR A 61 5.46 -4.29 3.84
C THR A 61 4.23 -4.90 3.17
N ILE A 62 3.95 -4.44 1.95
CA ILE A 62 2.76 -4.80 1.20
C ILE A 62 3.25 -5.34 -0.14
N ASN A 63 2.76 -6.51 -0.51
CA ASN A 63 3.05 -7.19 -1.76
C ASN A 63 1.73 -7.25 -2.51
N ILE A 64 1.73 -6.95 -3.81
CA ILE A 64 0.59 -7.15 -4.69
C ILE A 64 1.13 -7.99 -5.84
N GLU A 65 1.10 -9.31 -5.69
CA GLU A 65 1.48 -10.27 -6.71
C GLU A 65 0.39 -10.25 -7.78
N ASN A 66 0.74 -9.85 -8.99
CA ASN A 66 -0.18 -9.75 -10.12
C ASN A 66 0.50 -10.22 -11.39
N ASN A 67 0.02 -11.35 -11.93
CA ASN A 67 0.32 -11.99 -13.22
C ASN A 67 1.66 -12.70 -13.30
N GLY A 68 2.58 -12.45 -12.37
CA GLY A 68 3.98 -12.83 -12.54
C GLY A 68 4.90 -11.63 -12.41
N GLY A 69 4.46 -10.57 -11.72
CA GLY A 69 5.28 -9.52 -11.16
C GLY A 69 4.60 -9.09 -9.86
N MET A 70 5.24 -8.25 -9.05
CA MET A 70 4.59 -7.68 -7.88
C MET A 70 4.98 -6.23 -7.68
N THR A 71 4.00 -5.42 -7.31
CA THR A 71 4.26 -4.13 -6.71
C THR A 71 4.66 -4.44 -5.27
N THR A 72 5.79 -3.89 -4.84
CA THR A 72 6.15 -3.80 -3.43
C THR A 72 5.88 -2.34 -3.02
N MET A 73 5.47 -2.11 -1.77
CA MET A 73 5.23 -0.79 -1.20
C MET A 73 5.29 -0.92 0.33
N PHE A 74 5.38 0.21 1.03
CA PHE A 74 5.57 0.32 2.47
C PHE A 74 4.78 1.54 2.94
N TYR A 75 4.11 1.51 4.09
CA TYR A 75 3.30 2.63 4.57
C TYR A 75 3.69 2.95 6.02
N TYR A 76 3.53 4.21 6.45
CA TYR A 76 3.89 4.67 7.79
C TYR A 76 3.05 5.89 8.20
N GLU A 77 3.33 6.46 9.38
CA GLU A 77 2.77 7.71 9.89
C GLU A 77 3.90 8.75 10.01
N GLU A 78 3.61 10.02 9.72
CA GLU A 78 4.51 11.15 9.88
C GLU A 78 3.72 12.35 10.38
N ASN A 79 4.15 12.99 11.47
CA ASN A 79 3.46 14.14 12.11
C ASN A 79 2.03 13.79 12.55
N GLY A 80 1.67 12.51 12.60
CA GLY A 80 0.33 12.06 12.89
C GLY A 80 -0.58 12.01 11.66
N LYS A 81 -0.03 11.97 10.45
CA LYS A 81 -0.69 11.86 9.16
C LYS A 81 -0.12 10.63 8.44
N TYR A 82 -0.87 9.91 7.62
CA TYR A 82 -0.42 8.61 7.10
C TYR A 82 0.03 8.72 5.65
N TYR A 83 1.08 7.98 5.29
CA TYR A 83 1.75 8.10 4.00
C TYR A 83 2.08 6.73 3.42
N ILE A 84 2.10 6.65 2.09
CA ILE A 84 2.34 5.45 1.32
C ILE A 84 3.53 5.69 0.38
N GLU A 85 4.58 4.88 0.57
CA GLU A 85 5.75 4.88 -0.26
C GLU A 85 5.46 4.24 -1.61
N CYS A 86 6.23 4.67 -2.62
CA CYS A 86 6.19 4.27 -4.01
C CYS A 86 7.42 4.92 -4.68
N PRO A 87 7.80 4.55 -5.91
CA PRO A 87 8.75 5.27 -6.77
C PRO A 87 8.26 6.73 -7.00
N TYR A 88 8.75 7.44 -8.03
CA TYR A 88 8.49 8.86 -8.35
C TYR A 88 7.03 9.34 -8.21
N LYS A 89 6.05 8.45 -8.01
CA LYS A 89 4.66 8.77 -7.78
C LYS A 89 4.16 8.23 -6.42
N GLY A 90 4.93 8.44 -5.36
CA GLY A 90 4.63 8.01 -4.00
C GLY A 90 4.68 9.12 -2.97
N ILE A 91 3.72 10.06 -3.01
CA ILE A 91 3.47 11.00 -1.91
C ILE A 91 1.96 10.96 -1.65
N TYR A 92 1.41 9.76 -1.44
CA TYR A 92 0.01 9.64 -1.09
C TYR A 92 -0.15 10.05 0.36
N GLU A 93 -1.04 10.99 0.59
CA GLU A 93 -1.25 11.68 1.85
C GLU A 93 -2.69 11.36 2.25
N ILE A 94 -2.87 10.42 3.20
CA ILE A 94 -4.17 9.91 3.66
C ILE A 94 -4.37 10.29 5.14
N GLU A 95 -5.61 10.55 5.56
CA GLU A 95 -5.87 11.10 6.90
C GLU A 95 -6.11 10.03 7.97
N ASN A 96 -6.20 8.75 7.60
CA ASN A 96 -6.44 7.65 8.55
C ASN A 96 -5.45 6.51 8.38
N ASN A 97 -5.25 5.77 9.48
CA ASN A 97 -4.44 4.56 9.57
C ASN A 97 -4.95 3.49 8.60
N PHE A 98 -4.06 2.83 7.88
CA PHE A 98 -4.37 1.74 6.94
C PHE A 98 -4.54 0.41 7.68
N GLU A 99 -3.61 0.02 8.56
CA GLU A 99 -3.52 -1.34 9.10
C GLU A 99 -4.67 -1.76 10.03
N ASP A 100 -5.50 -0.83 10.51
CA ASP A 100 -6.69 -1.13 11.30
C ASP A 100 -7.97 -1.13 10.45
N MET A 101 -7.90 -0.68 9.19
CA MET A 101 -9.06 -0.68 8.29
C MET A 101 -9.32 -2.08 7.73
N ILE A 102 -8.25 -2.83 7.46
CA ILE A 102 -8.18 -3.92 6.48
C ILE A 102 -8.87 -5.21 6.92
N GLY A 1 -5.78 13.04 -7.45
CA GLY A 1 -6.19 11.99 -8.38
C GLY A 1 -5.68 10.65 -7.91
N SER A 2 -6.45 9.58 -8.11
CA SER A 2 -6.18 8.24 -7.58
C SER A 2 -4.87 7.66 -8.14
N PRO A 3 -4.27 6.63 -7.52
CA PRO A 3 -3.15 5.91 -8.14
C PRO A 3 -3.61 5.06 -9.33
N ILE A 4 -2.64 4.65 -10.15
CA ILE A 4 -2.74 3.56 -11.10
C ILE A 4 -2.15 2.35 -10.38
N LEU A 5 -2.99 1.43 -9.94
CA LEU A 5 -2.60 0.16 -9.33
C LEU A 5 -3.30 -0.98 -10.08
N PRO A 6 -2.89 -2.25 -9.91
CA PRO A 6 -3.53 -3.38 -10.60
C PRO A 6 -5.00 -3.51 -10.20
N LYS A 7 -5.77 -4.26 -11.01
CA LYS A 7 -7.15 -4.66 -10.65
C LYS A 7 -7.18 -5.50 -9.38
N ALA A 8 -8.36 -5.93 -8.93
CA ALA A 8 -8.45 -7.13 -8.10
C ALA A 8 -8.29 -8.35 -8.98
N GLU A 9 -8.97 -8.37 -10.13
CA GLU A 9 -9.22 -9.56 -10.94
C GLU A 9 -7.98 -10.10 -11.67
N ASN A 10 -6.81 -9.50 -11.45
CA ASN A 10 -5.52 -9.85 -12.02
C ASN A 10 -4.45 -10.10 -10.94
N VAL A 11 -4.82 -10.07 -9.65
CA VAL A 11 -3.92 -10.32 -8.54
C VAL A 11 -3.85 -11.84 -8.35
N ASP A 12 -2.67 -12.35 -8.04
CA ASP A 12 -2.45 -13.75 -7.69
C ASP A 12 -2.55 -13.89 -6.16
N SER A 13 -1.80 -13.07 -5.41
CA SER A 13 -1.94 -12.94 -3.94
C SER A 13 -1.57 -11.54 -3.45
N ILE A 14 -2.00 -11.15 -2.24
CA ILE A 14 -1.48 -10.00 -1.49
C ILE A 14 -0.99 -10.49 -0.15
N CYS A 15 0.12 -9.93 0.27
CA CYS A 15 0.92 -10.37 1.37
C CYS A 15 1.25 -9.10 2.15
N ILE A 16 0.77 -8.99 3.41
CA ILE A 16 1.01 -7.85 4.27
C ILE A 16 1.74 -8.38 5.49
N ASP A 17 2.94 -7.88 5.75
CA ASP A 17 3.82 -8.29 6.85
C ASP A 17 3.90 -7.11 7.81
N PHE A 18 3.16 -7.18 8.92
CA PHE A 18 2.85 -6.07 9.80
C PHE A 18 4.11 -5.65 10.61
N THR A 19 4.10 -4.50 11.30
CA THR A 19 5.25 -3.95 12.07
C THR A 19 5.95 -5.00 12.95
N ASN A 20 5.11 -5.85 13.54
CA ASN A 20 5.34 -7.13 14.19
C ASN A 20 6.15 -8.10 13.30
N SER A 21 5.97 -9.40 13.51
CA SER A 21 6.31 -10.44 12.55
C SER A 21 5.07 -11.28 12.20
N ILE A 22 3.87 -10.72 12.35
CA ILE A 22 2.62 -11.33 11.90
C ILE A 22 2.47 -10.96 10.44
N GLN A 23 2.13 -11.95 9.62
CA GLN A 23 1.89 -11.76 8.20
C GLN A 23 0.51 -12.31 7.87
N LYS A 24 -0.30 -11.50 7.19
CA LYS A 24 -1.63 -11.88 6.70
C LYS A 24 -1.56 -11.89 5.19
N ILE A 25 -1.94 -13.01 4.59
CA ILE A 25 -2.08 -13.15 3.15
C ILE A 25 -3.57 -13.00 2.85
N TYR A 26 -3.91 -12.22 1.83
CA TYR A 26 -5.24 -11.96 1.36
C TYR A 26 -5.26 -12.50 -0.06
N ASP A 27 -5.57 -13.77 -0.18
CA ASP A 27 -5.62 -14.53 -1.42
C ASP A 27 -7.05 -15.01 -1.60
N ASP A 28 -8.00 -14.08 -1.51
CA ASP A 28 -9.40 -14.24 -1.88
C ASP A 28 -9.83 -12.95 -2.58
N SER A 29 -10.72 -13.07 -3.56
CA SER A 29 -11.31 -11.98 -4.34
C SER A 29 -11.78 -10.84 -3.44
N GLU A 30 -12.62 -11.11 -2.44
CA GLU A 30 -13.24 -10.05 -1.66
C GLU A 30 -12.27 -9.42 -0.66
N SER A 31 -11.28 -10.20 -0.21
CA SER A 31 -10.19 -9.77 0.64
C SER A 31 -9.31 -8.76 -0.11
N ILE A 32 -8.93 -9.11 -1.33
CA ILE A 32 -8.27 -8.25 -2.29
C ILE A 32 -9.15 -7.02 -2.54
N GLN A 33 -10.42 -7.16 -2.91
CA GLN A 33 -11.28 -6.01 -3.20
C GLN A 33 -11.45 -5.06 -2.00
N LYS A 34 -11.37 -5.56 -0.76
CA LYS A 34 -11.42 -4.74 0.44
C LYS A 34 -10.18 -3.87 0.47
N ILE A 35 -9.02 -4.54 0.49
CA ILE A 35 -7.70 -3.94 0.41
C ILE A 35 -7.64 -2.90 -0.72
N LEU A 36 -8.07 -3.23 -1.94
CA LEU A 36 -7.97 -2.33 -3.08
C LEU A 36 -8.53 -0.93 -2.84
N SER A 37 -9.52 -0.77 -1.96
CA SER A 37 -9.98 0.55 -1.57
C SER A 37 -8.85 1.30 -0.86
N GLU A 38 -8.38 0.80 0.28
CA GLU A 38 -7.38 1.47 1.10
C GLU A 38 -6.05 1.63 0.35
N ILE A 39 -5.70 0.69 -0.53
CA ILE A 39 -4.53 0.76 -1.40
C ILE A 39 -4.62 1.95 -2.36
N ALA A 40 -5.82 2.43 -2.70
CA ALA A 40 -6.04 3.50 -3.66
C ALA A 40 -6.64 4.78 -3.07
N THR A 41 -7.02 4.81 -1.80
CA THR A 41 -7.80 5.89 -1.21
C THR A 41 -7.03 7.23 -1.24
N GLY A 42 -5.70 7.19 -1.25
CA GLY A 42 -4.89 8.37 -1.02
C GLY A 42 -4.63 9.20 -2.26
N LYS A 43 -4.08 10.39 -2.03
CA LYS A 43 -3.63 11.34 -3.04
C LYS A 43 -2.14 11.42 -2.97
N ARG A 44 -1.42 10.84 -3.94
CA ARG A 44 0.01 11.09 -4.18
C ARG A 44 0.31 12.54 -4.54
N THR A 45 -0.75 13.33 -4.66
CA THR A 45 -0.72 14.77 -4.87
C THR A 45 -0.13 15.02 -6.26
N GLU A 46 0.29 16.25 -6.58
CA GLU A 46 1.06 16.51 -7.80
C GLU A 46 2.53 16.76 -7.47
N LYS A 47 2.97 16.46 -6.25
CA LYS A 47 4.39 16.34 -5.94
C LYS A 47 5.02 15.20 -6.73
N GLN A 48 6.34 15.13 -6.68
CA GLN A 48 7.16 14.08 -7.27
C GLN A 48 8.03 13.41 -6.21
N SER A 49 8.22 12.09 -6.36
CA SER A 49 9.14 11.29 -5.55
C SER A 49 10.45 11.11 -6.32
N ILE A 50 11.53 10.83 -5.58
CA ILE A 50 12.86 10.54 -6.10
C ILE A 50 13.51 9.36 -5.36
N GLN A 51 12.73 8.55 -4.64
CA GLN A 51 13.18 7.39 -3.89
C GLN A 51 12.23 6.21 -4.09
N ASP A 52 12.59 5.08 -3.49
CA ASP A 52 11.93 3.78 -3.58
C ASP A 52 11.62 3.22 -2.18
N TYR A 53 12.03 3.89 -1.11
CA TYR A 53 11.86 3.40 0.26
C TYR A 53 11.48 4.56 1.18
N PRO A 54 10.72 4.30 2.26
CA PRO A 54 10.27 5.34 3.17
C PRO A 54 11.45 5.86 4.00
N SER A 55 11.23 6.97 4.68
CA SER A 55 12.14 7.53 5.67
C SER A 55 11.51 7.47 7.07
N ALA A 56 10.50 6.61 7.27
CA ALA A 56 10.13 6.08 8.57
C ALA A 56 11.14 5.01 8.98
N GLU A 57 10.99 4.54 10.20
CA GLU A 57 11.78 3.49 10.85
C GLU A 57 10.86 2.34 11.28
N GLU A 58 9.57 2.61 11.48
CA GLU A 58 8.52 1.67 11.79
C GLU A 58 7.50 1.77 10.65
N TYR A 59 7.41 0.70 9.87
CA TYR A 59 6.42 0.47 8.83
C TYR A 59 6.21 -1.05 8.77
N GLY A 60 5.23 -1.49 7.97
CA GLY A 60 5.05 -2.88 7.56
C GLY A 60 5.27 -3.00 6.05
N THR A 61 5.42 -4.23 5.54
CA THR A 61 5.57 -4.50 4.13
C THR A 61 4.20 -4.81 3.51
N ILE A 62 4.02 -4.43 2.25
CA ILE A 62 2.87 -4.77 1.45
C ILE A 62 3.43 -5.21 0.10
N ASN A 63 2.99 -6.37 -0.39
CA ASN A 63 3.33 -6.86 -1.71
C ASN A 63 2.05 -7.34 -2.38
N ILE A 64 1.91 -7.11 -3.68
CA ILE A 64 0.73 -7.45 -4.49
C ILE A 64 1.25 -8.19 -5.70
N GLU A 65 1.21 -9.52 -5.67
CA GLU A 65 1.50 -10.26 -6.89
C GLU A 65 0.32 -10.08 -7.82
N ASN A 66 0.64 -9.76 -9.06
CA ASN A 66 -0.26 -9.59 -10.16
C ASN A 66 0.58 -9.74 -11.43
N ASN A 67 0.02 -9.36 -12.57
CA ASN A 67 0.67 -9.33 -13.87
C ASN A 67 2.07 -8.73 -13.87
N GLY A 68 2.31 -7.75 -13.00
CA GLY A 68 3.55 -7.02 -12.98
C GLY A 68 4.65 -7.77 -12.23
N GLY A 69 4.37 -8.98 -11.76
CA GLY A 69 5.09 -9.53 -10.61
C GLY A 69 4.54 -8.84 -9.36
N MET A 70 5.41 -8.46 -8.43
CA MET A 70 5.02 -7.80 -7.20
C MET A 70 5.37 -6.33 -7.24
N THR A 71 4.34 -5.47 -7.27
CA THR A 71 4.47 -4.15 -6.67
C THR A 71 4.78 -4.39 -5.18
N THR A 72 5.88 -3.81 -4.70
CA THR A 72 6.29 -3.79 -3.30
C THR A 72 6.21 -2.34 -2.82
N MET A 73 5.80 -2.14 -1.58
CA MET A 73 5.51 -0.83 -0.98
C MET A 73 5.47 -0.99 0.54
N PHE A 74 5.47 0.14 1.27
CA PHE A 74 5.65 0.20 2.73
C PHE A 74 4.87 1.39 3.29
N TYR A 75 4.04 1.24 4.32
CA TYR A 75 3.16 2.33 4.78
C TYR A 75 3.47 2.69 6.24
N TYR A 76 3.36 3.96 6.60
CA TYR A 76 3.81 4.55 7.86
C TYR A 76 2.94 5.76 8.25
N GLU A 77 3.23 6.40 9.39
CA GLU A 77 2.67 7.70 9.80
C GLU A 77 3.80 8.75 9.81
N GLU A 78 3.48 10.01 9.52
CA GLU A 78 4.39 11.14 9.60
C GLU A 78 3.61 12.37 10.08
N ASN A 79 4.00 12.94 11.21
CA ASN A 79 3.39 14.12 11.85
C ASN A 79 1.91 13.98 12.19
N GLY A 80 1.29 12.80 12.01
CA GLY A 80 -0.11 12.57 12.32
C GLY A 80 -0.99 12.35 11.07
N LYS A 81 -0.40 12.35 9.86
CA LYS A 81 -1.01 11.82 8.65
C LYS A 81 -0.34 10.51 8.33
N TYR A 82 -1.09 9.60 7.71
CA TYR A 82 -0.52 8.35 7.22
C TYR A 82 -0.12 8.53 5.77
N TYR A 83 0.90 7.79 5.33
CA TYR A 83 1.41 7.87 3.98
C TYR A 83 1.77 6.48 3.44
N ILE A 84 1.83 6.40 2.11
CA ILE A 84 2.14 5.20 1.35
C ILE A 84 3.40 5.46 0.51
N GLU A 85 4.43 4.62 0.67
CA GLU A 85 5.59 4.57 -0.20
C GLU A 85 5.25 4.00 -1.58
N CYS A 86 5.96 4.51 -2.58
CA CYS A 86 5.96 4.11 -3.98
C CYS A 86 7.11 4.87 -4.68
N PRO A 87 7.49 4.50 -5.92
CA PRO A 87 8.35 5.28 -6.83
C PRO A 87 7.82 6.71 -7.01
N TYR A 88 8.21 7.43 -8.06
CA TYR A 88 7.93 8.84 -8.33
C TYR A 88 6.48 9.30 -8.06
N LYS A 89 5.54 8.36 -7.87
CA LYS A 89 4.25 8.52 -7.31
C LYS A 89 4.11 7.87 -5.93
N GLY A 90 4.79 8.38 -4.91
CA GLY A 90 4.85 7.77 -3.59
C GLY A 90 4.58 8.70 -2.40
N ILE A 91 3.62 9.61 -2.57
CA ILE A 91 3.42 10.69 -1.59
C ILE A 91 1.94 10.74 -1.21
N TYR A 92 1.33 9.55 -1.05
CA TYR A 92 -0.11 9.46 -0.87
C TYR A 92 -0.46 9.87 0.53
N GLU A 93 -0.94 11.08 0.69
CA GLU A 93 -1.58 11.49 1.92
C GLU A 93 -2.93 10.78 1.94
N ILE A 94 -3.19 10.06 3.03
CA ILE A 94 -4.51 9.54 3.42
C ILE A 94 -4.93 10.21 4.73
N GLU A 95 -6.12 9.87 5.24
CA GLU A 95 -6.67 10.47 6.46
C GLU A 95 -6.65 9.53 7.66
N ASN A 96 -6.51 8.21 7.45
CA ASN A 96 -6.77 7.19 8.46
C ASN A 96 -5.69 6.11 8.47
N ASN A 97 -5.70 5.26 9.50
CA ASN A 97 -4.75 4.17 9.66
C ASN A 97 -5.14 3.00 8.75
N PHE A 98 -4.23 2.60 7.85
CA PHE A 98 -4.43 1.51 6.90
C PHE A 98 -4.65 0.16 7.61
N GLU A 99 -3.81 -0.19 8.59
CA GLU A 99 -3.82 -1.50 9.23
C GLU A 99 -5.14 -1.78 9.96
N ASP A 100 -5.80 -0.75 10.50
CA ASP A 100 -7.09 -0.89 11.19
C ASP A 100 -8.22 -1.19 10.20
N MET A 101 -8.03 -0.87 8.93
CA MET A 101 -9.05 -0.90 7.88
C MET A 101 -9.00 -2.18 7.04
N ILE A 102 -8.02 -3.07 7.25
CA ILE A 102 -7.80 -4.29 6.45
C ILE A 102 -8.30 -5.53 7.19
N GLY A 1 -7.35 12.67 -6.46
CA GLY A 1 -6.88 11.38 -5.93
C GLY A 1 -7.28 10.25 -6.86
N SER A 2 -6.29 9.53 -7.41
CA SER A 2 -6.42 8.27 -8.15
C SER A 2 -5.02 7.71 -8.44
N PRO A 3 -4.41 6.90 -7.56
CA PRO A 3 -3.26 6.10 -7.99
C PRO A 3 -3.60 5.23 -9.21
N ILE A 4 -2.58 4.81 -9.96
CA ILE A 4 -2.64 3.65 -10.84
C ILE A 4 -2.45 2.43 -9.92
N LEU A 5 -3.25 1.37 -10.09
CA LEU A 5 -3.13 0.09 -9.43
C LEU A 5 -3.54 -1.02 -10.40
N PRO A 6 -3.23 -2.30 -10.11
CA PRO A 6 -3.69 -3.44 -10.94
C PRO A 6 -5.23 -3.60 -10.91
N LYS A 7 -5.77 -4.55 -11.69
CA LYS A 7 -7.15 -4.99 -11.57
C LYS A 7 -7.36 -5.71 -10.24
N ALA A 8 -8.53 -6.30 -10.04
CA ALA A 8 -8.75 -7.33 -9.03
C ALA A 8 -8.55 -8.72 -9.60
N GLU A 9 -8.93 -8.98 -10.86
CA GLU A 9 -8.94 -10.32 -11.44
C GLU A 9 -7.55 -10.83 -11.82
N ASN A 10 -6.58 -9.91 -11.93
CA ASN A 10 -5.18 -10.21 -12.20
C ASN A 10 -4.38 -10.47 -10.93
N VAL A 11 -5.01 -10.33 -9.74
CA VAL A 11 -4.31 -10.38 -8.46
C VAL A 11 -4.31 -11.84 -8.06
N ASP A 12 -3.11 -12.40 -7.94
CA ASP A 12 -2.86 -13.78 -7.59
C ASP A 12 -2.92 -13.90 -6.07
N SER A 13 -2.23 -13.04 -5.30
CA SER A 13 -2.47 -12.83 -3.86
C SER A 13 -1.96 -11.45 -3.39
N ILE A 14 -2.17 -11.11 -2.13
CA ILE A 14 -1.54 -9.98 -1.43
C ILE A 14 -0.91 -10.53 -0.16
N CYS A 15 0.24 -10.01 0.26
CA CYS A 15 0.83 -10.28 1.57
C CYS A 15 1.08 -8.95 2.26
N ILE A 16 0.85 -8.88 3.58
CA ILE A 16 1.11 -7.73 4.43
C ILE A 16 1.81 -8.28 5.68
N ASP A 17 3.12 -8.05 5.81
CA ASP A 17 3.91 -8.35 7.00
C ASP A 17 3.95 -7.07 7.83
N PHE A 18 3.26 -7.06 8.96
CA PHE A 18 3.07 -5.90 9.81
C PHE A 18 4.39 -5.50 10.46
N THR A 19 4.47 -4.34 11.12
CA THR A 19 5.66 -3.88 11.84
C THR A 19 6.19 -4.95 12.81
N ASN A 20 5.23 -5.68 13.39
CA ASN A 20 5.32 -6.87 14.23
C ASN A 20 6.03 -8.03 13.50
N SER A 21 5.74 -9.28 13.87
CA SER A 21 6.08 -10.46 13.06
C SER A 21 4.83 -11.11 12.45
N ILE A 22 3.64 -10.50 12.64
CA ILE A 22 2.40 -11.06 12.09
C ILE A 22 2.41 -10.75 10.59
N GLN A 23 2.09 -11.76 9.80
CA GLN A 23 2.09 -11.71 8.34
C GLN A 23 0.78 -12.31 7.88
N LYS A 24 -0.08 -11.45 7.34
CA LYS A 24 -1.41 -11.82 6.89
C LYS A 24 -1.37 -11.82 5.37
N ILE A 25 -1.77 -12.95 4.77
CA ILE A 25 -1.88 -13.09 3.34
C ILE A 25 -3.35 -12.94 3.03
N TYR A 26 -3.68 -12.06 2.11
CA TYR A 26 -5.02 -11.85 1.59
C TYR A 26 -4.92 -12.47 0.20
N ASP A 27 -5.09 -13.78 0.14
CA ASP A 27 -5.16 -14.54 -1.11
C ASP A 27 -6.59 -14.65 -1.63
N ASP A 28 -7.58 -14.31 -0.80
CA ASP A 28 -8.99 -14.62 -0.99
C ASP A 28 -9.67 -13.49 -1.75
N SER A 29 -10.52 -13.79 -2.74
CA SER A 29 -11.09 -12.82 -3.67
C SER A 29 -11.70 -11.58 -2.98
N GLU A 30 -12.52 -11.78 -1.95
CA GLU A 30 -13.26 -10.71 -1.28
C GLU A 30 -12.32 -9.81 -0.45
N SER A 31 -11.27 -10.40 0.12
CA SER A 31 -10.15 -9.73 0.78
C SER A 31 -9.37 -8.85 -0.21
N ILE A 32 -9.25 -9.24 -1.47
CA ILE A 32 -8.61 -8.41 -2.50
C ILE A 32 -9.52 -7.20 -2.74
N GLN A 33 -10.81 -7.45 -2.95
CA GLN A 33 -11.79 -6.38 -3.17
C GLN A 33 -11.85 -5.40 -1.99
N LYS A 34 -11.64 -5.85 -0.74
CA LYS A 34 -11.53 -4.97 0.41
C LYS A 34 -10.29 -4.09 0.27
N ILE A 35 -9.10 -4.72 0.23
CA ILE A 35 -7.82 -4.02 0.23
C ILE A 35 -7.78 -2.94 -0.85
N LEU A 36 -8.13 -3.31 -2.08
CA LEU A 36 -8.01 -2.44 -3.26
C LEU A 36 -8.79 -1.11 -3.11
N SER A 37 -9.72 -1.00 -2.15
CA SER A 37 -10.31 0.29 -1.79
C SER A 37 -9.23 1.24 -1.27
N GLU A 38 -8.53 0.85 -0.20
CA GLU A 38 -7.52 1.66 0.47
C GLU A 38 -6.32 1.91 -0.44
N ILE A 39 -6.02 0.97 -1.34
CA ILE A 39 -5.00 1.13 -2.37
C ILE A 39 -5.35 2.27 -3.34
N ALA A 40 -6.60 2.74 -3.37
CA ALA A 40 -7.06 3.87 -4.15
C ALA A 40 -7.55 5.04 -3.29
N THR A 41 -7.38 5.02 -1.97
CA THR A 41 -7.90 6.10 -1.14
C THR A 41 -6.96 7.32 -1.20
N GLY A 42 -5.66 7.10 -1.40
CA GLY A 42 -4.66 8.10 -1.12
C GLY A 42 -4.39 9.07 -2.25
N LYS A 43 -3.79 10.21 -1.92
CA LYS A 43 -3.62 11.35 -2.80
C LYS A 43 -2.13 11.58 -2.99
N ARG A 44 -1.49 11.14 -4.09
CA ARG A 44 -0.03 11.28 -4.28
C ARG A 44 0.46 12.73 -4.27
N THR A 45 -0.47 13.68 -4.27
CA THR A 45 -0.27 15.11 -4.36
C THR A 45 0.33 15.48 -5.73
N GLU A 46 0.52 16.77 -6.00
CA GLU A 46 1.22 17.23 -7.19
C GLU A 46 2.73 17.02 -7.08
N LYS A 47 3.24 16.65 -5.89
CA LYS A 47 4.67 16.47 -5.66
C LYS A 47 5.24 15.43 -6.60
N GLN A 48 6.56 15.48 -6.73
CA GLN A 48 7.38 14.46 -7.31
C GLN A 48 8.15 13.79 -6.19
N SER A 49 8.45 12.51 -6.39
CA SER A 49 8.90 11.61 -5.36
C SER A 49 10.24 11.08 -5.85
N ILE A 50 11.32 11.30 -5.10
CA ILE A 50 12.66 11.17 -5.65
C ILE A 50 13.35 9.88 -5.17
N GLN A 51 12.61 8.96 -4.55
CA GLN A 51 13.09 7.74 -3.93
C GLN A 51 12.08 6.62 -4.22
N ASP A 52 12.38 5.42 -3.71
CA ASP A 52 11.59 4.20 -3.86
C ASP A 52 11.32 3.57 -2.49
N TYR A 53 11.93 4.09 -1.40
CA TYR A 53 11.92 3.47 -0.09
C TYR A 53 11.74 4.51 1.03
N PRO A 54 11.10 4.13 2.14
CA PRO A 54 10.72 5.05 3.19
C PRO A 54 11.89 5.67 3.95
N SER A 55 11.63 6.85 4.51
CA SER A 55 12.40 7.50 5.56
C SER A 55 11.75 7.32 6.95
N ALA A 56 10.74 6.44 7.04
CA ALA A 56 10.27 5.89 8.29
C ALA A 56 11.27 4.83 8.81
N GLU A 57 11.09 4.45 10.07
CA GLU A 57 11.66 3.29 10.73
C GLU A 57 10.59 2.21 10.90
N GLU A 58 9.35 2.63 11.14
CA GLU A 58 8.27 1.78 11.62
C GLU A 58 7.20 1.74 10.53
N TYR A 59 7.24 0.66 9.75
CA TYR A 59 6.37 0.39 8.62
C TYR A 59 6.28 -1.12 8.39
N GLY A 60 5.28 -1.56 7.65
CA GLY A 60 5.10 -2.96 7.25
C GLY A 60 5.47 -3.17 5.79
N THR A 61 5.62 -4.42 5.37
CA THR A 61 6.04 -4.79 4.03
C THR A 61 4.83 -5.36 3.29
N ILE A 62 4.49 -4.79 2.13
CA ILE A 62 3.36 -5.21 1.32
C ILE A 62 3.88 -5.75 -0.01
N ASN A 63 3.32 -6.88 -0.44
CA ASN A 63 3.42 -7.38 -1.80
C ASN A 63 2.00 -7.51 -2.32
N ILE A 64 1.72 -7.06 -3.54
CA ILE A 64 0.49 -7.38 -4.25
C ILE A 64 0.99 -8.16 -5.46
N GLU A 65 0.89 -9.48 -5.39
CA GLU A 65 1.34 -10.43 -6.41
C GLU A 65 0.27 -10.43 -7.50
N ASN A 66 0.57 -9.83 -8.65
CA ASN A 66 -0.34 -9.77 -9.80
C ASN A 66 0.47 -9.85 -11.08
N ASN A 67 -0.17 -10.24 -12.18
CA ASN A 67 0.37 -10.18 -13.55
C ASN A 67 1.79 -10.75 -13.70
N GLY A 68 2.18 -11.74 -12.89
CA GLY A 68 3.54 -12.26 -12.89
C GLY A 68 4.55 -11.19 -12.46
N GLY A 69 4.26 -10.47 -11.38
CA GLY A 69 5.17 -9.59 -10.67
C GLY A 69 4.70 -9.43 -9.23
N MET A 70 5.34 -8.53 -8.48
CA MET A 70 4.75 -7.95 -7.28
C MET A 70 4.82 -6.43 -7.37
N THR A 71 3.73 -5.79 -6.97
CA THR A 71 3.71 -4.37 -6.69
C THR A 71 4.19 -4.29 -5.24
N THR A 72 5.49 -4.00 -5.06
CA THR A 72 6.09 -3.84 -3.74
C THR A 72 5.85 -2.40 -3.27
N MET A 73 5.56 -2.23 -1.98
CA MET A 73 5.25 -0.95 -1.35
C MET A 73 5.40 -1.10 0.16
N PHE A 74 5.48 0.01 0.88
CA PHE A 74 5.64 0.09 2.33
C PHE A 74 4.72 1.27 2.76
N TYR A 75 4.12 1.28 3.97
CA TYR A 75 3.29 2.40 4.43
C TYR A 75 3.62 2.71 5.90
N TYR A 76 3.45 3.97 6.32
CA TYR A 76 3.70 4.41 7.70
C TYR A 76 2.74 5.52 8.12
N GLU A 77 2.77 5.93 9.40
CA GLU A 77 2.28 7.22 9.87
C GLU A 77 3.45 8.19 9.89
N GLU A 78 3.21 9.46 9.62
CA GLU A 78 4.12 10.53 9.95
C GLU A 78 3.32 11.71 10.49
N ASN A 79 3.68 12.21 11.68
CA ASN A 79 3.16 13.43 12.28
C ASN A 79 1.65 13.43 12.53
N GLY A 80 0.94 12.31 12.31
CA GLY A 80 -0.49 12.17 12.50
C GLY A 80 -1.29 12.04 11.20
N LYS A 81 -0.64 12.00 10.03
CA LYS A 81 -1.22 11.52 8.79
C LYS A 81 -0.57 10.21 8.42
N TYR A 82 -1.27 9.38 7.68
CA TYR A 82 -0.70 8.14 7.15
C TYR A 82 -0.28 8.38 5.72
N TYR A 83 0.69 7.59 5.25
CA TYR A 83 1.25 7.74 3.91
C TYR A 83 1.54 6.38 3.26
N ILE A 84 1.66 6.34 1.92
CA ILE A 84 2.09 5.17 1.14
C ILE A 84 3.30 5.50 0.23
N GLU A 85 4.32 4.63 0.28
CA GLU A 85 5.50 4.65 -0.59
C GLU A 85 5.22 3.97 -1.93
N CYS A 86 6.10 4.20 -2.92
CA CYS A 86 5.87 3.98 -4.34
C CYS A 86 7.12 4.44 -5.12
N PRO A 87 7.29 4.17 -6.42
CA PRO A 87 8.20 4.98 -7.26
C PRO A 87 7.68 6.40 -7.32
N TYR A 88 8.15 7.24 -8.25
CA TYR A 88 8.03 8.71 -8.33
C TYR A 88 6.68 9.36 -8.00
N LYS A 89 5.64 8.58 -7.77
CA LYS A 89 4.34 8.95 -7.28
C LYS A 89 4.07 8.36 -5.89
N GLY A 90 5.02 8.41 -4.95
CA GLY A 90 4.90 7.81 -3.63
C GLY A 90 4.86 8.80 -2.48
N ILE A 91 3.95 9.77 -2.56
CA ILE A 91 3.64 10.69 -1.46
C ILE A 91 2.12 10.71 -1.29
N TYR A 92 1.49 9.53 -1.16
CA TYR A 92 0.05 9.48 -0.92
C TYR A 92 -0.21 9.88 0.50
N GLU A 93 -0.60 11.13 0.70
CA GLU A 93 -1.32 11.53 1.89
C GLU A 93 -2.63 10.74 1.92
N ILE A 94 -2.92 10.08 3.04
CA ILE A 94 -4.21 9.50 3.38
C ILE A 94 -4.61 9.98 4.78
N GLU A 95 -5.91 10.07 5.06
CA GLU A 95 -6.42 10.55 6.33
C GLU A 95 -6.41 9.50 7.45
N ASN A 96 -6.75 8.24 7.14
CA ASN A 96 -7.01 7.17 8.10
C ASN A 96 -5.93 6.10 8.04
N ASN A 97 -5.87 5.24 9.06
CA ASN A 97 -4.88 4.16 9.11
C ASN A 97 -5.23 3.09 8.08
N PHE A 98 -4.26 2.65 7.28
CA PHE A 98 -4.46 1.59 6.30
C PHE A 98 -4.77 0.26 7.01
N GLU A 99 -4.00 -0.08 8.05
CA GLU A 99 -4.01 -1.41 8.67
C GLU A 99 -5.30 -1.72 9.43
N ASP A 100 -5.97 -0.73 10.00
CA ASP A 100 -7.24 -0.95 10.69
C ASP A 100 -8.38 -1.10 9.69
N MET A 101 -8.23 -0.52 8.48
CA MET A 101 -9.22 -0.61 7.42
C MET A 101 -9.12 -1.91 6.61
N ILE A 102 -8.06 -2.72 6.75
CA ILE A 102 -7.98 -4.05 6.13
C ILE A 102 -8.46 -5.10 7.11
N GLY A 1 -6.21 12.24 -9.07
CA GLY A 1 -7.04 11.05 -8.80
C GLY A 1 -6.23 9.99 -8.06
N SER A 2 -6.71 8.75 -8.06
CA SER A 2 -6.08 7.63 -7.37
C SER A 2 -4.73 7.26 -7.98
N PRO A 3 -3.92 6.44 -7.28
CA PRO A 3 -2.93 5.60 -7.97
C PRO A 3 -3.55 4.86 -9.16
N ILE A 4 -2.72 4.54 -10.14
CA ILE A 4 -2.97 3.46 -11.08
C ILE A 4 -2.56 2.18 -10.34
N LEU A 5 -3.40 1.15 -10.38
CA LEU A 5 -3.14 -0.15 -9.79
C LEU A 5 -3.40 -1.21 -10.86
N PRO A 6 -2.95 -2.47 -10.67
CA PRO A 6 -3.50 -3.60 -11.41
C PRO A 6 -5.00 -3.72 -11.13
N LYS A 7 -5.73 -4.57 -11.87
CA LYS A 7 -7.06 -5.02 -11.50
C LYS A 7 -7.05 -5.65 -10.11
N ALA A 8 -8.22 -6.02 -9.62
CA ALA A 8 -8.33 -7.04 -8.59
C ALA A 8 -8.09 -8.40 -9.24
N GLU A 9 -8.87 -8.73 -10.28
CA GLU A 9 -9.01 -10.10 -10.78
C GLU A 9 -7.71 -10.72 -11.33
N ASN A 10 -6.68 -9.93 -11.61
CA ASN A 10 -5.36 -10.37 -12.07
C ASN A 10 -4.31 -10.51 -10.94
N VAL A 11 -4.70 -10.28 -9.68
CA VAL A 11 -3.84 -10.43 -8.51
C VAL A 11 -3.89 -11.91 -8.12
N ASP A 12 -2.75 -12.56 -7.92
CA ASP A 12 -2.75 -13.91 -7.31
C ASP A 12 -3.03 -13.73 -5.84
N SER A 13 -2.20 -12.95 -5.14
CA SER A 13 -2.51 -12.59 -3.77
C SER A 13 -1.87 -11.26 -3.38
N ILE A 14 -2.36 -10.66 -2.29
CA ILE A 14 -1.66 -9.59 -1.60
C ILE A 14 -1.11 -10.20 -0.31
N CYS A 15 0.20 -10.07 -0.09
CA CYS A 15 0.78 -10.29 1.23
C CYS A 15 0.80 -8.95 1.95
N ILE A 16 0.46 -8.95 3.25
CA ILE A 16 0.69 -7.84 4.16
C ILE A 16 1.49 -8.41 5.33
N ASP A 17 2.77 -8.06 5.39
CA ASP A 17 3.63 -8.32 6.55
C ASP A 17 3.42 -7.15 7.52
N PHE A 18 2.98 -7.42 8.75
CA PHE A 18 2.67 -6.41 9.75
C PHE A 18 3.93 -5.67 10.20
N THR A 19 3.78 -4.52 10.87
CA THR A 19 4.86 -3.84 11.56
C THR A 19 5.53 -4.72 12.62
N ASN A 20 4.82 -5.70 13.22
CA ASN A 20 5.37 -6.54 14.28
C ASN A 20 6.07 -7.78 13.68
N SER A 21 5.33 -8.82 13.29
CA SER A 21 5.80 -10.10 12.78
C SER A 21 4.65 -11.02 12.33
N ILE A 22 3.37 -10.65 12.48
CA ILE A 22 2.31 -11.42 11.84
C ILE A 22 2.38 -11.08 10.36
N GLN A 23 1.99 -12.02 9.51
CA GLN A 23 1.93 -11.81 8.07
C GLN A 23 0.67 -12.49 7.57
N LYS A 24 -0.21 -11.71 6.93
CA LYS A 24 -1.54 -12.12 6.54
C LYS A 24 -1.65 -11.97 5.03
N ILE A 25 -2.14 -12.99 4.34
CA ILE A 25 -2.25 -13.04 2.89
C ILE A 25 -3.74 -13.01 2.53
N TYR A 26 -4.05 -12.37 1.42
CA TYR A 26 -5.38 -12.05 0.93
C TYR A 26 -5.41 -12.68 -0.45
N ASP A 27 -5.95 -13.91 -0.53
CA ASP A 27 -6.02 -14.77 -1.70
C ASP A 27 -7.48 -15.13 -1.96
N ASP A 28 -8.35 -14.10 -1.98
CA ASP A 28 -9.74 -14.16 -2.40
C ASP A 28 -10.06 -12.83 -3.09
N SER A 29 -11.17 -12.80 -3.85
CA SER A 29 -11.76 -11.57 -4.33
C SER A 29 -11.97 -10.55 -3.21
N GLU A 30 -12.73 -10.92 -2.17
CA GLU A 30 -13.17 -9.96 -1.17
C GLU A 30 -12.00 -9.48 -0.31
N SER A 31 -11.02 -10.36 -0.04
CA SER A 31 -9.86 -10.01 0.76
C SER A 31 -9.01 -9.01 -0.03
N ILE A 32 -8.81 -9.23 -1.33
CA ILE A 32 -8.04 -8.35 -2.20
C ILE A 32 -8.79 -7.01 -2.35
N GLN A 33 -10.10 -7.04 -2.65
CA GLN A 33 -10.98 -5.90 -2.85
C GLN A 33 -10.84 -4.89 -1.72
N LYS A 34 -10.93 -5.35 -0.47
CA LYS A 34 -10.90 -4.50 0.69
C LYS A 34 -9.59 -3.70 0.74
N ILE A 35 -8.45 -4.38 0.53
CA ILE A 35 -7.15 -3.74 0.47
C ILE A 35 -7.09 -2.73 -0.66
N LEU A 36 -7.46 -3.09 -1.90
CA LEU A 36 -7.38 -2.19 -3.06
C LEU A 36 -8.03 -0.85 -2.75
N SER A 37 -9.16 -0.86 -2.03
CA SER A 37 -9.87 0.34 -1.63
C SER A 37 -8.93 1.26 -0.82
N GLU A 38 -8.37 0.76 0.28
CA GLU A 38 -7.55 1.52 1.21
C GLU A 38 -6.17 1.86 0.62
N ILE A 39 -5.74 1.14 -0.42
CA ILE A 39 -4.53 1.41 -1.18
C ILE A 39 -4.77 2.51 -2.23
N ALA A 40 -6.03 2.79 -2.61
CA ALA A 40 -6.39 3.73 -3.66
C ALA A 40 -7.10 5.01 -3.16
N THR A 41 -7.56 5.04 -1.91
CA THR A 41 -8.18 6.23 -1.32
C THR A 41 -7.21 7.42 -1.35
N GLY A 42 -5.92 7.19 -1.26
CA GLY A 42 -4.95 8.25 -1.10
C GLY A 42 -4.70 8.98 -2.41
N LYS A 43 -4.28 10.22 -2.26
CA LYS A 43 -3.86 11.11 -3.32
C LYS A 43 -2.38 11.26 -3.18
N ARG A 44 -1.60 10.67 -4.10
CA ARG A 44 -0.17 10.99 -4.22
C ARG A 44 0.06 12.42 -4.61
N THR A 45 -1.01 13.08 -5.05
CA THR A 45 -1.05 14.50 -5.36
C THR A 45 -0.15 14.78 -6.58
N GLU A 46 0.00 16.05 -6.90
CA GLU A 46 0.89 16.50 -7.96
C GLU A 46 2.37 16.27 -7.61
N LYS A 47 2.71 16.06 -6.33
CA LYS A 47 4.10 16.02 -5.86
C LYS A 47 4.88 14.86 -6.47
N GLN A 48 6.20 15.02 -6.55
CA GLN A 48 7.12 13.97 -6.95
C GLN A 48 7.75 13.39 -5.69
N SER A 49 7.80 12.07 -5.60
CA SER A 49 8.81 11.38 -4.80
C SER A 49 10.15 11.53 -5.56
N ILE A 50 11.26 11.34 -4.85
CA ILE A 50 12.60 11.19 -5.42
C ILE A 50 13.37 10.06 -4.74
N GLN A 51 12.71 9.22 -3.95
CA GLN A 51 13.27 8.03 -3.32
C GLN A 51 12.54 6.79 -3.84
N ASP A 52 12.97 5.62 -3.38
CA ASP A 52 12.41 4.33 -3.78
C ASP A 52 11.86 3.55 -2.57
N TYR A 53 12.06 4.07 -1.35
CA TYR A 53 11.77 3.40 -0.08
C TYR A 53 11.30 4.41 0.96
N PRO A 54 10.62 3.97 2.04
CA PRO A 54 10.18 4.88 3.08
C PRO A 54 11.40 5.39 3.86
N SER A 55 11.21 6.50 4.58
CA SER A 55 12.20 7.04 5.50
C SER A 55 11.77 6.82 6.95
N ALA A 56 10.77 5.97 7.18
CA ALA A 56 10.40 5.50 8.50
C ALA A 56 11.38 4.44 8.98
N GLU A 57 11.22 4.08 10.25
CA GLU A 57 11.90 2.99 10.94
C GLU A 57 10.90 1.88 11.26
N GLU A 58 9.62 2.23 11.46
CA GLU A 58 8.49 1.34 11.61
C GLU A 58 7.62 1.55 10.38
N TYR A 59 7.48 0.51 9.57
CA TYR A 59 6.57 0.44 8.43
C TYR A 59 6.17 -1.02 8.28
N GLY A 60 5.14 -1.30 7.49
CA GLY A 60 4.79 -2.66 7.08
C GLY A 60 4.80 -2.77 5.56
N THR A 61 4.70 -3.99 5.05
CA THR A 61 5.14 -4.35 3.71
C THR A 61 3.96 -4.94 2.96
N ILE A 62 3.61 -4.36 1.80
CA ILE A 62 2.44 -4.74 1.02
C ILE A 62 2.89 -5.14 -0.38
N ASN A 63 2.76 -6.43 -0.67
CA ASN A 63 3.20 -7.07 -1.90
C ASN A 63 1.94 -7.43 -2.69
N ILE A 64 1.69 -6.84 -3.85
CA ILE A 64 0.61 -7.28 -4.74
C ILE A 64 1.28 -8.14 -5.80
N GLU A 65 1.23 -9.45 -5.68
CA GLU A 65 1.54 -10.32 -6.81
C GLU A 65 0.42 -10.20 -7.83
N ASN A 66 0.74 -9.76 -9.04
CA ASN A 66 -0.22 -9.61 -10.12
C ASN A 66 0.46 -9.86 -11.46
N ASN A 67 -0.22 -10.61 -12.32
CA ASN A 67 0.27 -11.08 -13.62
C ASN A 67 1.62 -11.80 -13.47
N GLY A 68 1.91 -12.33 -12.28
CA GLY A 68 3.15 -12.99 -11.87
C GLY A 68 4.30 -12.04 -11.56
N GLY A 69 4.16 -10.74 -11.83
CA GLY A 69 5.06 -9.71 -11.31
C GLY A 69 4.56 -9.25 -9.96
N MET A 70 5.21 -8.27 -9.33
CA MET A 70 4.68 -7.73 -8.09
C MET A 70 4.93 -6.24 -7.92
N THR A 71 3.95 -5.55 -7.34
CA THR A 71 4.10 -4.21 -6.81
C THR A 71 4.49 -4.35 -5.35
N THR A 72 5.74 -3.98 -5.03
CA THR A 72 6.26 -3.76 -3.69
C THR A 72 5.89 -2.31 -3.31
N MET A 73 5.32 -2.09 -2.11
CA MET A 73 5.20 -0.79 -1.46
C MET A 73 5.11 -0.98 0.05
N PHE A 74 5.14 0.11 0.82
CA PHE A 74 5.09 0.14 2.28
C PHE A 74 4.10 1.25 2.70
N TYR A 75 3.91 1.47 4.01
CA TYR A 75 3.16 2.60 4.56
C TYR A 75 3.89 3.14 5.79
N TYR A 76 3.67 4.39 6.19
CA TYR A 76 4.04 4.90 7.52
C TYR A 76 3.27 6.20 7.85
N GLU A 77 3.36 6.68 9.09
CA GLU A 77 2.74 7.91 9.57
C GLU A 77 3.81 9.01 9.57
N GLU A 78 3.43 10.22 9.16
CA GLU A 78 4.30 11.37 9.17
C GLU A 78 3.54 12.57 9.73
N ASN A 79 3.94 13.02 10.92
CA ASN A 79 3.48 14.23 11.60
C ASN A 79 2.00 14.18 12.01
N GLY A 80 1.36 13.01 11.94
CA GLY A 80 -0.02 12.82 12.33
C GLY A 80 -0.95 12.56 11.14
N LYS A 81 -0.47 12.71 9.90
CA LYS A 81 -1.14 12.16 8.74
C LYS A 81 -0.50 10.83 8.39
N TYR A 82 -1.22 9.99 7.68
CA TYR A 82 -0.72 8.72 7.22
C TYR A 82 -0.54 8.81 5.71
N TYR A 83 0.43 8.05 5.18
CA TYR A 83 0.68 8.01 3.75
C TYR A 83 1.02 6.59 3.32
N ILE A 84 1.10 6.37 2.00
CA ILE A 84 1.57 5.13 1.39
C ILE A 84 2.77 5.46 0.50
N GLU A 85 3.66 4.48 0.37
CA GLU A 85 4.96 4.53 -0.29
C GLU A 85 4.82 4.13 -1.77
N CYS A 86 5.78 4.51 -2.62
CA CYS A 86 5.89 4.25 -4.06
C CYS A 86 7.12 5.01 -4.61
N PRO A 87 7.59 4.73 -5.85
CA PRO A 87 8.52 5.57 -6.61
C PRO A 87 7.94 6.95 -6.85
N TYR A 88 8.43 7.74 -7.80
CA TYR A 88 8.17 9.16 -8.05
C TYR A 88 6.70 9.62 -7.94
N LYS A 89 5.70 8.72 -7.81
CA LYS A 89 4.34 9.08 -7.44
C LYS A 89 3.89 8.52 -6.08
N GLY A 90 4.77 8.40 -5.10
CA GLY A 90 4.47 7.77 -3.82
C GLY A 90 4.51 8.75 -2.66
N ILE A 91 3.47 9.58 -2.55
CA ILE A 91 3.27 10.51 -1.43
C ILE A 91 1.75 10.60 -1.18
N TYR A 92 1.09 9.45 -1.12
CA TYR A 92 -0.38 9.37 -1.05
C TYR A 92 -0.85 9.80 0.31
N GLU A 93 -1.35 11.03 0.43
CA GLU A 93 -2.01 11.48 1.63
C GLU A 93 -3.34 10.71 1.71
N ILE A 94 -3.52 9.99 2.81
CA ILE A 94 -4.79 9.47 3.33
C ILE A 94 -5.07 10.13 4.69
N GLU A 95 -6.24 9.86 5.27
CA GLU A 95 -6.64 10.51 6.51
C GLU A 95 -6.57 9.59 7.74
N ASN A 96 -6.44 8.26 7.56
CA ASN A 96 -6.59 7.28 8.63
C ASN A 96 -5.43 6.30 8.61
N ASN A 97 -5.27 5.49 9.66
CA ASN A 97 -4.25 4.43 9.66
C ASN A 97 -4.63 3.32 8.68
N PHE A 98 -3.65 2.80 7.94
CA PHE A 98 -3.85 1.73 6.97
C PHE A 98 -4.21 0.40 7.64
N GLU A 99 -3.42 -0.07 8.62
CA GLU A 99 -3.58 -1.41 9.17
C GLU A 99 -4.91 -1.56 9.92
N ASP A 100 -5.43 -0.48 10.47
CA ASP A 100 -6.72 -0.49 11.18
C ASP A 100 -7.89 -0.75 10.23
N MET A 101 -7.67 -0.63 8.93
CA MET A 101 -8.69 -0.77 7.91
C MET A 101 -8.66 -2.12 7.18
N ILE A 102 -7.63 -2.96 7.34
CA ILE A 102 -7.35 -4.09 6.43
C ILE A 102 -7.61 -5.45 7.08
N GLY A 1 -7.81 9.25 -12.76
CA GLY A 1 -7.75 9.82 -11.41
C GLY A 1 -7.39 8.73 -10.40
N SER A 2 -6.95 9.10 -9.19
CA SER A 2 -6.46 8.17 -8.16
C SER A 2 -5.19 7.43 -8.62
N PRO A 3 -4.42 6.71 -7.77
CA PRO A 3 -3.29 5.94 -8.26
C PRO A 3 -3.75 4.92 -9.32
N ILE A 4 -2.81 4.38 -10.10
CA ILE A 4 -3.04 3.29 -11.02
C ILE A 4 -2.56 2.03 -10.29
N LEU A 5 -3.38 1.00 -10.19
CA LEU A 5 -3.10 -0.28 -9.53
C LEU A 5 -3.53 -1.46 -10.43
N PRO A 6 -3.04 -2.70 -10.20
CA PRO A 6 -3.57 -3.87 -10.90
C PRO A 6 -5.06 -4.06 -10.57
N LYS A 7 -5.75 -4.98 -11.25
CA LYS A 7 -7.12 -5.35 -10.87
C LYS A 7 -7.20 -5.92 -9.45
N ALA A 8 -8.41 -6.26 -9.01
CA ALA A 8 -8.53 -7.26 -7.96
C ALA A 8 -8.26 -8.63 -8.58
N GLU A 9 -8.93 -8.96 -9.70
CA GLU A 9 -9.10 -10.34 -10.15
C GLU A 9 -7.79 -11.03 -10.50
N ASN A 10 -6.78 -10.24 -10.88
CA ASN A 10 -5.45 -10.67 -11.29
C ASN A 10 -4.43 -10.78 -10.16
N VAL A 11 -4.78 -10.38 -8.95
CA VAL A 11 -3.87 -10.43 -7.82
C VAL A 11 -3.84 -11.88 -7.41
N ASP A 12 -2.70 -12.54 -7.68
CA ASP A 12 -2.48 -13.94 -7.39
C ASP A 12 -2.51 -14.16 -5.88
N SER A 13 -1.93 -13.23 -5.10
CA SER A 13 -2.25 -13.03 -3.69
C SER A 13 -1.50 -11.80 -3.19
N ILE A 14 -2.14 -10.93 -2.40
CA ILE A 14 -1.39 -9.93 -1.63
C ILE A 14 -0.75 -10.67 -0.46
N CYS A 15 0.35 -10.12 0.04
CA CYS A 15 0.97 -10.48 1.30
C CYS A 15 1.24 -9.16 2.02
N ILE A 16 0.90 -9.07 3.31
CA ILE A 16 1.17 -7.89 4.12
C ILE A 16 1.87 -8.40 5.37
N ASP A 17 3.15 -8.08 5.50
CA ASP A 17 3.91 -8.23 6.73
C ASP A 17 3.51 -7.04 7.59
N PHE A 18 2.96 -7.32 8.76
CA PHE A 18 2.63 -6.33 9.78
C PHE A 18 3.91 -5.64 10.30
N THR A 19 3.80 -4.71 11.25
CA THR A 19 4.96 -4.11 11.95
C THR A 19 5.58 -5.07 12.99
N ASN A 20 5.02 -6.28 13.11
CA ASN A 20 5.51 -7.44 13.83
C ASN A 20 5.60 -8.55 12.79
N SER A 21 6.39 -9.61 12.98
CA SER A 21 6.94 -10.41 11.88
C SER A 21 5.93 -11.40 11.32
N ILE A 22 4.76 -11.42 11.94
CA ILE A 22 3.55 -12.01 11.43
C ILE A 22 3.21 -11.26 10.15
N GLN A 23 2.86 -12.02 9.16
CA GLN A 23 2.33 -11.56 7.92
C GLN A 23 0.95 -12.18 7.74
N LYS A 24 0.16 -11.67 6.80
CA LYS A 24 -1.10 -12.30 6.40
C LYS A 24 -1.18 -12.24 4.88
N ILE A 25 -1.88 -13.20 4.28
CA ILE A 25 -2.09 -13.30 2.84
C ILE A 25 -3.55 -12.98 2.58
N TYR A 26 -3.81 -12.24 1.51
CA TYR A 26 -5.12 -11.72 1.16
C TYR A 26 -5.33 -12.14 -0.30
N ASP A 27 -5.95 -13.31 -0.47
CA ASP A 27 -6.30 -13.97 -1.72
C ASP A 27 -7.81 -14.19 -1.83
N ASP A 28 -8.56 -13.91 -0.76
CA ASP A 28 -10.02 -13.88 -0.78
C ASP A 28 -10.41 -12.73 -1.70
N SER A 29 -11.41 -12.90 -2.56
CA SER A 29 -11.83 -11.84 -3.47
C SER A 29 -12.19 -10.58 -2.68
N GLU A 30 -12.91 -10.74 -1.57
CA GLU A 30 -13.29 -9.61 -0.73
C GLU A 30 -12.06 -8.99 -0.05
N SER A 31 -11.06 -9.80 0.37
CA SER A 31 -9.81 -9.29 0.93
C SER A 31 -9.18 -8.32 -0.06
N ILE A 32 -9.09 -8.71 -1.33
CA ILE A 32 -8.46 -7.92 -2.36
C ILE A 32 -9.34 -6.70 -2.67
N GLN A 33 -10.62 -6.89 -3.01
CA GLN A 33 -11.52 -5.80 -3.39
C GLN A 33 -11.67 -4.75 -2.28
N LYS A 34 -11.57 -5.17 -1.02
CA LYS A 34 -11.49 -4.28 0.12
C LYS A 34 -10.16 -3.54 0.10
N ILE A 35 -9.02 -4.25 0.21
CA ILE A 35 -7.69 -3.64 0.27
C ILE A 35 -7.55 -2.61 -0.85
N LEU A 36 -7.95 -2.95 -2.08
CA LEU A 36 -7.89 -2.10 -3.27
C LEU A 36 -8.46 -0.70 -3.03
N SER A 37 -9.44 -0.53 -2.14
CA SER A 37 -9.96 0.78 -1.77
C SER A 37 -8.83 1.60 -1.15
N GLU A 38 -8.16 1.12 -0.10
CA GLU A 38 -7.09 1.85 0.57
C GLU A 38 -5.79 1.86 -0.24
N ILE A 39 -5.70 1.04 -1.28
CA ILE A 39 -4.69 1.20 -2.32
C ILE A 39 -5.00 2.45 -3.18
N ALA A 40 -6.26 2.91 -3.24
CA ALA A 40 -6.72 3.93 -4.19
C ALA A 40 -7.19 5.24 -3.55
N THR A 41 -7.49 5.27 -2.26
CA THR A 41 -8.14 6.44 -1.65
C THR A 41 -7.21 7.66 -1.57
N GLY A 42 -5.89 7.48 -1.48
CA GLY A 42 -4.99 8.56 -1.12
C GLY A 42 -4.65 9.50 -2.28
N LYS A 43 -4.07 10.65 -1.92
CA LYS A 43 -3.62 11.70 -2.85
C LYS A 43 -2.12 11.81 -2.85
N ARG A 44 -1.47 11.27 -3.88
CA ARG A 44 -0.03 11.50 -4.10
C ARG A 44 0.37 12.95 -4.21
N THR A 45 -0.61 13.83 -4.43
CA THR A 45 -0.39 15.23 -4.74
C THR A 45 0.44 15.35 -6.05
N GLU A 46 0.68 16.55 -6.57
CA GLU A 46 1.51 16.72 -7.76
C GLU A 46 3.01 16.81 -7.40
N LYS A 47 3.35 16.65 -6.13
CA LYS A 47 4.74 16.66 -5.65
C LYS A 47 5.56 15.54 -6.29
N GLN A 48 6.88 15.75 -6.33
CA GLN A 48 7.87 14.82 -6.88
C GLN A 48 8.30 13.90 -5.74
N SER A 49 8.00 12.60 -5.81
CA SER A 49 8.67 11.64 -4.97
C SER A 49 10.02 11.38 -5.64
N ILE A 50 11.06 11.25 -4.85
CA ILE A 50 12.42 10.93 -5.26
C ILE A 50 13.05 10.04 -4.18
N GLN A 51 12.28 9.11 -3.60
CA GLN A 51 12.76 8.09 -2.65
C GLN A 51 12.58 6.68 -3.24
N ASP A 52 13.01 5.63 -2.54
CA ASP A 52 12.85 4.22 -2.93
C ASP A 52 12.36 3.36 -1.75
N TYR A 53 12.24 3.96 -0.57
CA TYR A 53 11.86 3.33 0.69
C TYR A 53 11.22 4.39 1.57
N PRO A 54 10.52 4.00 2.67
CA PRO A 54 9.96 4.98 3.59
C PRO A 54 11.07 5.63 4.43
N SER A 55 10.67 6.63 5.22
CA SER A 55 11.53 7.33 6.17
C SER A 55 11.27 6.82 7.61
N ALA A 56 10.24 5.99 7.82
CA ALA A 56 9.91 5.45 9.14
C ALA A 56 10.84 4.29 9.51
N GLU A 57 11.07 4.10 10.81
CA GLU A 57 11.81 2.96 11.35
C GLU A 57 10.90 1.74 11.53
N GLU A 58 9.59 1.95 11.64
CA GLU A 58 8.60 0.89 11.76
C GLU A 58 7.50 1.16 10.74
N TYR A 59 7.49 0.35 9.69
CA TYR A 59 6.51 0.35 8.62
C TYR A 59 5.99 -1.07 8.41
N GLY A 60 4.76 -1.19 7.90
CA GLY A 60 4.25 -2.47 7.40
C GLY A 60 4.66 -2.60 5.93
N THR A 61 4.75 -3.83 5.44
CA THR A 61 5.42 -4.16 4.19
C THR A 61 4.46 -4.98 3.32
N ILE A 62 4.32 -4.60 2.05
CA ILE A 62 3.26 -5.08 1.18
C ILE A 62 3.94 -5.59 -0.09
N ASN A 63 3.66 -6.84 -0.47
CA ASN A 63 3.90 -7.36 -1.81
C ASN A 63 2.51 -7.69 -2.38
N ILE A 64 2.31 -7.49 -3.68
CA ILE A 64 1.04 -7.73 -4.36
C ILE A 64 1.40 -8.61 -5.52
N GLU A 65 1.50 -9.93 -5.31
CA GLU A 65 1.68 -10.87 -6.41
C GLU A 65 0.48 -10.69 -7.33
N ASN A 66 0.70 -10.33 -8.59
CA ASN A 66 -0.34 -10.14 -9.58
C ASN A 66 0.21 -10.56 -10.93
N ASN A 67 -0.34 -11.62 -11.51
CA ASN A 67 0.14 -12.24 -12.75
C ASN A 67 1.58 -12.73 -12.63
N GLY A 68 2.06 -12.95 -11.40
CA GLY A 68 3.44 -13.25 -11.10
C GLY A 68 4.41 -12.11 -11.42
N GLY A 69 3.89 -10.96 -11.86
CA GLY A 69 4.48 -9.67 -11.53
C GLY A 69 4.22 -9.43 -10.04
N MET A 70 4.82 -8.40 -9.47
CA MET A 70 4.48 -7.95 -8.12
C MET A 70 4.58 -6.44 -8.06
N THR A 71 3.98 -5.86 -7.03
CA THR A 71 4.05 -4.44 -6.72
C THR A 71 4.42 -4.35 -5.24
N THR A 72 5.40 -3.51 -4.89
CA THR A 72 5.98 -3.44 -3.54
C THR A 72 5.80 -2.03 -3.02
N MET A 73 5.20 -1.91 -1.83
CA MET A 73 4.95 -0.63 -1.17
C MET A 73 5.06 -0.82 0.34
N PHE A 74 5.05 0.29 1.07
CA PHE A 74 5.23 0.36 2.52
C PHE A 74 4.36 1.53 2.99
N TYR A 75 3.82 1.49 4.21
CA TYR A 75 3.06 2.61 4.78
C TYR A 75 3.52 2.87 6.20
N TYR A 76 3.36 4.12 6.66
CA TYR A 76 3.74 4.60 7.99
C TYR A 76 2.93 5.85 8.35
N GLU A 77 3.04 6.33 9.59
CA GLU A 77 2.48 7.59 10.06
C GLU A 77 3.61 8.62 10.13
N GLU A 78 3.34 9.85 9.72
CA GLU A 78 4.24 10.98 9.87
C GLU A 78 3.40 12.15 10.36
N ASN A 79 3.75 12.69 11.53
CA ASN A 79 3.06 13.74 12.28
C ASN A 79 1.59 13.50 12.65
N GLY A 80 0.98 12.41 12.18
CA GLY A 80 -0.40 12.04 12.46
C GLY A 80 -1.13 11.52 11.21
N LYS A 81 -0.78 12.08 10.05
CA LYS A 81 -1.24 11.59 8.75
C LYS A 81 -0.53 10.28 8.46
N TYR A 82 -1.15 9.40 7.69
CA TYR A 82 -0.46 8.23 7.17
C TYR A 82 -0.06 8.48 5.73
N TYR A 83 1.03 7.85 5.31
CA TYR A 83 1.61 8.02 3.99
C TYR A 83 2.02 6.69 3.39
N ILE A 84 2.02 6.65 2.06
CA ILE A 84 2.19 5.45 1.26
C ILE A 84 3.38 5.66 0.34
N GLU A 85 4.40 4.83 0.53
CA GLU A 85 5.60 4.81 -0.28
C GLU A 85 5.30 4.18 -1.66
N CYS A 86 6.10 4.54 -2.66
CA CYS A 86 5.91 4.28 -4.08
C CYS A 86 7.11 4.91 -4.83
N PRO A 87 7.34 4.61 -6.12
CA PRO A 87 8.26 5.36 -6.99
C PRO A 87 7.88 6.84 -7.05
N TYR A 88 8.37 7.62 -8.01
CA TYR A 88 8.17 9.08 -8.14
C TYR A 88 6.75 9.60 -7.91
N LYS A 89 5.74 8.73 -7.85
CA LYS A 89 4.37 9.03 -7.49
C LYS A 89 4.01 8.76 -6.04
N GLY A 90 4.95 8.51 -5.15
CA GLY A 90 4.67 8.05 -3.80
C GLY A 90 4.76 9.16 -2.76
N ILE A 91 3.74 10.02 -2.68
CA ILE A 91 3.60 10.98 -1.58
C ILE A 91 2.12 11.03 -1.18
N TYR A 92 1.47 9.86 -1.08
CA TYR A 92 0.03 9.83 -0.86
C TYR A 92 -0.27 10.13 0.58
N GLU A 93 -0.81 11.31 0.87
CA GLU A 93 -1.52 11.54 2.11
C GLU A 93 -2.83 10.73 2.03
N ILE A 94 -3.07 9.90 3.05
CA ILE A 94 -4.41 9.56 3.52
C ILE A 94 -4.56 10.19 4.93
N GLU A 95 -5.78 10.22 5.47
CA GLU A 95 -6.05 10.80 6.79
C GLU A 95 -6.70 9.81 7.75
N ASN A 96 -6.52 8.52 7.45
CA ASN A 96 -6.86 7.37 8.28
C ASN A 96 -5.77 6.31 8.15
N ASN A 97 -5.81 5.31 9.04
CA ASN A 97 -4.88 4.19 9.05
C ASN A 97 -5.36 3.12 8.07
N PHE A 98 -4.58 2.85 7.03
CA PHE A 98 -4.81 1.76 6.08
C PHE A 98 -5.06 0.45 6.84
N GLU A 99 -4.22 0.16 7.84
CA GLU A 99 -4.20 -1.12 8.56
C GLU A 99 -5.45 -1.32 9.42
N ASP A 100 -6.19 -0.25 9.72
CA ASP A 100 -7.42 -0.30 10.51
C ASP A 100 -8.62 -0.48 9.58
N MET A 101 -8.42 -0.26 8.29
CA MET A 101 -9.45 -0.30 7.25
C MET A 101 -9.34 -1.56 6.39
N ILE A 102 -8.31 -2.40 6.55
CA ILE A 102 -8.20 -3.68 5.84
C ILE A 102 -9.08 -4.74 6.50
N GLY A 1 -7.47 12.06 -9.01
CA GLY A 1 -8.25 10.95 -9.55
C GLY A 1 -7.62 9.59 -9.27
N SER A 2 -7.28 9.32 -8.00
CA SER A 2 -6.76 8.05 -7.49
C SER A 2 -5.33 7.74 -7.97
N PRO A 3 -4.64 6.78 -7.35
CA PRO A 3 -3.51 6.03 -7.94
C PRO A 3 -3.97 5.13 -9.10
N ILE A 4 -3.01 4.43 -9.70
CA ILE A 4 -3.20 3.27 -10.57
C ILE A 4 -2.74 2.04 -9.79
N LEU A 5 -3.57 1.00 -9.78
CA LEU A 5 -3.36 -0.32 -9.21
C LEU A 5 -3.81 -1.41 -10.21
N PRO A 6 -3.38 -2.68 -10.07
CA PRO A 6 -3.85 -3.78 -10.93
C PRO A 6 -5.37 -4.03 -10.82
N LYS A 7 -5.94 -4.96 -11.61
CA LYS A 7 -7.31 -5.42 -11.42
C LYS A 7 -7.44 -6.16 -10.09
N ALA A 8 -8.61 -6.72 -9.83
CA ALA A 8 -8.78 -7.67 -8.75
C ALA A 8 -8.39 -9.06 -9.17
N GLU A 9 -8.75 -9.52 -10.37
CA GLU A 9 -8.67 -10.95 -10.63
C GLU A 9 -7.28 -11.37 -11.09
N ASN A 10 -6.51 -10.40 -11.62
CA ASN A 10 -5.11 -10.58 -12.02
C ASN A 10 -4.17 -10.68 -10.81
N VAL A 11 -4.69 -10.47 -9.59
CA VAL A 11 -3.95 -10.67 -8.36
C VAL A 11 -3.95 -12.16 -8.07
N ASP A 12 -2.77 -12.70 -7.76
CA ASP A 12 -2.63 -14.07 -7.28
C ASP A 12 -2.92 -14.07 -5.78
N SER A 13 -2.16 -13.35 -4.96
CA SER A 13 -2.49 -13.17 -3.53
C SER A 13 -1.73 -11.96 -2.98
N ILE A 14 -2.40 -11.03 -2.30
CA ILE A 14 -1.75 -9.87 -1.68
C ILE A 14 -1.15 -10.32 -0.36
N CYS A 15 0.05 -9.84 -0.04
CA CYS A 15 0.68 -10.05 1.24
C CYS A 15 0.87 -8.69 1.91
N ILE A 16 0.65 -8.63 3.22
CA ILE A 16 0.89 -7.46 4.06
C ILE A 16 1.58 -8.00 5.31
N ASP A 17 2.90 -7.77 5.40
CA ASP A 17 3.77 -8.05 6.54
C ASP A 17 3.57 -6.87 7.48
N PHE A 18 2.89 -7.11 8.61
CA PHE A 18 2.59 -6.05 9.58
C PHE A 18 3.89 -5.64 10.30
N THR A 19 3.81 -4.72 11.28
CA THR A 19 4.99 -4.32 12.02
C THR A 19 5.61 -5.50 12.78
N ASN A 20 4.80 -6.28 13.49
CA ASN A 20 5.16 -7.46 14.27
C ASN A 20 5.48 -8.63 13.32
N SER A 21 5.84 -9.81 13.82
CA SER A 21 6.21 -10.99 13.02
C SER A 21 5.01 -11.62 12.29
N ILE A 22 3.86 -10.93 12.32
CA ILE A 22 2.58 -11.42 11.87
C ILE A 22 2.40 -10.84 10.48
N GLN A 23 1.91 -11.70 9.59
CA GLN A 23 1.72 -11.39 8.19
C GLN A 23 0.48 -12.14 7.76
N LYS A 24 -0.35 -11.49 6.97
CA LYS A 24 -1.66 -11.99 6.55
C LYS A 24 -1.62 -11.97 5.03
N ILE A 25 -2.04 -13.08 4.40
CA ILE A 25 -2.13 -13.19 2.95
C ILE A 25 -3.61 -13.13 2.58
N TYR A 26 -3.98 -12.13 1.79
CA TYR A 26 -5.32 -11.87 1.30
C TYR A 26 -5.32 -12.58 -0.05
N ASP A 27 -5.54 -13.91 -0.02
CA ASP A 27 -5.61 -14.75 -1.22
C ASP A 27 -7.07 -14.97 -1.63
N ASP A 28 -8.00 -14.94 -0.69
CA ASP A 28 -9.43 -15.12 -0.98
C ASP A 28 -9.93 -13.88 -1.73
N SER A 29 -10.80 -14.04 -2.73
CA SER A 29 -11.25 -12.93 -3.57
C SER A 29 -11.82 -11.77 -2.76
N GLU A 30 -12.70 -12.04 -1.79
CA GLU A 30 -13.33 -11.04 -0.93
C GLU A 30 -12.29 -10.39 0.01
N SER A 31 -11.19 -11.09 0.33
CA SER A 31 -10.12 -10.55 1.16
C SER A 31 -9.38 -9.45 0.37
N ILE A 32 -9.13 -9.67 -0.92
CA ILE A 32 -8.50 -8.71 -1.82
C ILE A 32 -9.44 -7.51 -1.98
N GLN A 33 -10.74 -7.74 -2.23
CA GLN A 33 -11.65 -6.71 -2.70
C GLN A 33 -11.83 -5.54 -1.72
N LYS A 34 -11.59 -5.78 -0.44
CA LYS A 34 -11.55 -4.72 0.58
C LYS A 34 -10.37 -3.81 0.30
N ILE A 35 -9.17 -4.36 0.22
CA ILE A 35 -7.90 -3.64 0.18
C ILE A 35 -7.91 -2.66 -1.00
N LEU A 36 -8.46 -3.09 -2.14
CA LEU A 36 -8.66 -2.29 -3.34
C LEU A 36 -9.42 -0.97 -3.09
N SER A 37 -10.19 -0.82 -2.01
CA SER A 37 -10.68 0.46 -1.51
C SER A 37 -9.49 1.32 -1.07
N GLU A 38 -8.82 0.91 0.01
CA GLU A 38 -7.84 1.74 0.70
C GLU A 38 -6.62 1.99 -0.18
N ILE A 39 -6.32 1.11 -1.15
CA ILE A 39 -5.28 1.31 -2.14
C ILE A 39 -5.56 2.58 -2.96
N ALA A 40 -6.82 3.00 -3.15
CA ALA A 40 -7.16 4.20 -3.92
C ALA A 40 -7.32 5.45 -3.05
N THR A 41 -7.31 5.30 -1.72
CA THR A 41 -7.77 6.33 -0.78
C THR A 41 -6.86 7.56 -0.71
N GLY A 42 -5.62 7.46 -1.20
CA GLY A 42 -4.61 8.49 -1.03
C GLY A 42 -4.43 9.33 -2.27
N LYS A 43 -3.93 10.54 -2.07
CA LYS A 43 -3.58 11.48 -3.12
C LYS A 43 -2.09 11.64 -3.08
N ARG A 44 -1.36 11.15 -4.11
CA ARG A 44 0.07 11.44 -4.27
C ARG A 44 0.35 12.94 -4.37
N THR A 45 -0.69 13.76 -4.42
CA THR A 45 -0.62 15.20 -4.58
C THR A 45 -0.02 15.49 -5.97
N GLU A 46 0.42 16.71 -6.25
CA GLU A 46 1.14 16.98 -7.49
C GLU A 46 2.67 17.06 -7.27
N LYS A 47 3.15 16.78 -6.05
CA LYS A 47 4.58 16.75 -5.74
C LYS A 47 5.24 15.58 -6.46
N GLN A 48 6.53 15.75 -6.71
CA GLN A 48 7.44 14.73 -7.18
C GLN A 48 7.99 14.00 -5.95
N SER A 49 7.78 12.67 -5.89
CA SER A 49 8.61 11.81 -5.07
C SER A 49 9.95 11.66 -5.78
N ILE A 50 11.00 11.43 -4.99
CA ILE A 50 12.36 11.11 -5.45
C ILE A 50 12.96 9.99 -4.59
N GLN A 51 12.16 9.31 -3.75
CA GLN A 51 12.58 8.22 -2.91
C GLN A 51 12.18 6.89 -3.57
N ASP A 52 12.62 5.80 -2.93
CA ASP A 52 12.30 4.42 -3.28
C ASP A 52 11.93 3.62 -2.01
N TYR A 53 12.11 4.21 -0.81
CA TYR A 53 11.92 3.61 0.51
C TYR A 53 11.52 4.70 1.53
N PRO A 54 10.90 4.34 2.68
CA PRO A 54 10.50 5.28 3.73
C PRO A 54 11.71 5.73 4.59
N SER A 55 11.44 6.59 5.58
CA SER A 55 12.41 7.07 6.58
C SER A 55 12.00 6.66 8.02
N ALA A 56 10.82 6.07 8.21
CA ALA A 56 10.41 5.51 9.49
C ALA A 56 11.16 4.20 9.74
N GLU A 57 11.39 3.89 11.01
CA GLU A 57 11.90 2.59 11.46
C GLU A 57 10.76 1.56 11.38
N GLU A 58 9.52 1.99 11.58
CA GLU A 58 8.33 1.16 11.71
C GLU A 58 7.44 1.45 10.52
N TYR A 59 7.37 0.48 9.61
CA TYR A 59 6.44 0.42 8.50
C TYR A 59 5.95 -1.03 8.43
N GLY A 60 4.92 -1.30 7.63
CA GLY A 60 4.58 -2.64 7.16
C GLY A 60 4.94 -2.73 5.67
N THR A 61 4.97 -3.95 5.12
CA THR A 61 5.53 -4.24 3.82
C THR A 61 4.48 -4.95 2.98
N ILE A 62 4.14 -4.34 1.84
CA ILE A 62 3.04 -4.74 0.98
C ILE A 62 3.66 -5.32 -0.29
N ASN A 63 3.25 -6.55 -0.65
CA ASN A 63 3.60 -7.19 -1.91
C ASN A 63 2.29 -7.50 -2.62
N ILE A 64 2.16 -7.10 -3.89
CA ILE A 64 1.03 -7.49 -4.72
C ILE A 64 1.59 -8.36 -5.85
N GLU A 65 1.69 -9.66 -5.63
CA GLU A 65 1.86 -10.71 -6.63
C GLU A 65 0.71 -10.61 -7.64
N ASN A 66 0.98 -10.13 -8.86
CA ASN A 66 0.00 -9.97 -9.92
C ASN A 66 0.69 -10.04 -11.28
N ASN A 67 -0.01 -10.55 -12.29
CA ASN A 67 0.43 -10.55 -13.69
C ASN A 67 1.82 -11.18 -13.94
N GLY A 68 2.23 -12.14 -13.11
CA GLY A 68 3.53 -12.80 -13.21
C GLY A 68 4.65 -11.83 -12.84
N GLY A 69 4.45 -11.04 -11.79
CA GLY A 69 5.40 -10.11 -11.18
C GLY A 69 4.80 -9.59 -9.88
N MET A 70 5.43 -8.61 -9.22
CA MET A 70 4.83 -8.00 -8.03
C MET A 70 5.16 -6.53 -7.89
N THR A 71 4.22 -5.77 -7.33
CA THR A 71 4.52 -4.44 -6.85
C THR A 71 5.11 -4.61 -5.44
N THR A 72 5.74 -3.55 -4.96
CA THR A 72 6.23 -3.38 -3.60
C THR A 72 5.85 -1.96 -3.17
N MET A 73 5.55 -1.73 -1.88
CA MET A 73 5.39 -0.42 -1.25
C MET A 73 5.42 -0.62 0.27
N PHE A 74 5.53 0.49 1.02
CA PHE A 74 5.63 0.51 2.47
C PHE A 74 4.81 1.69 2.98
N TYR A 75 4.09 1.57 4.11
CA TYR A 75 3.33 2.69 4.69
C TYR A 75 3.76 2.89 6.14
N TYR A 76 3.61 4.12 6.63
CA TYR A 76 4.03 4.57 7.96
C TYR A 76 3.15 5.77 8.35
N GLU A 77 3.41 6.41 9.50
CA GLU A 77 2.81 7.68 9.92
C GLU A 77 3.90 8.75 9.91
N GLU A 78 3.55 9.99 9.56
CA GLU A 78 4.48 11.10 9.55
C GLU A 78 3.79 12.40 9.97
N ASN A 79 4.13 12.91 11.15
CA ASN A 79 3.67 14.18 11.72
C ASN A 79 2.17 14.19 12.06
N GLY A 80 1.46 13.08 11.92
CA GLY A 80 0.09 12.89 12.37
C GLY A 80 -0.88 12.52 11.26
N LYS A 81 -0.45 12.49 10.00
CA LYS A 81 -1.14 11.81 8.91
C LYS A 81 -0.38 10.53 8.58
N TYR A 82 -1.06 9.57 7.96
CA TYR A 82 -0.40 8.40 7.39
C TYR A 82 -0.10 8.67 5.91
N TYR A 83 0.94 8.03 5.39
CA TYR A 83 1.34 8.15 4.00
C TYR A 83 1.86 6.83 3.46
N ILE A 84 1.90 6.73 2.14
CA ILE A 84 2.33 5.56 1.37
C ILE A 84 3.56 5.95 0.57
N GLU A 85 4.64 5.19 0.74
CA GLU A 85 5.82 5.25 -0.11
C GLU A 85 5.46 4.70 -1.49
N CYS A 86 6.17 5.21 -2.48
CA CYS A 86 6.27 4.75 -3.85
C CYS A 86 7.42 5.54 -4.50
N PRO A 87 7.90 5.14 -5.70
CA PRO A 87 8.75 5.93 -6.60
C PRO A 87 8.07 7.25 -6.95
N TYR A 88 8.45 7.95 -8.01
CA TYR A 88 8.02 9.30 -8.39
C TYR A 88 6.52 9.59 -8.24
N LYS A 89 5.65 8.59 -8.04
CA LYS A 89 4.28 8.78 -7.56
C LYS A 89 4.10 8.22 -6.14
N GLY A 90 4.80 8.72 -5.12
CA GLY A 90 4.74 8.18 -3.78
C GLY A 90 4.78 9.22 -2.68
N ILE A 91 3.77 10.10 -2.66
CA ILE A 91 3.56 11.10 -1.61
C ILE A 91 2.07 11.09 -1.26
N TYR A 92 1.50 9.90 -1.08
CA TYR A 92 0.07 9.77 -0.85
C TYR A 92 -0.29 10.21 0.56
N GLU A 93 -0.95 11.34 0.69
CA GLU A 93 -1.61 11.67 1.94
C GLU A 93 -2.89 10.82 2.03
N ILE A 94 -3.00 10.02 3.09
CA ILE A 94 -4.26 9.43 3.59
C ILE A 94 -4.53 10.00 4.99
N GLU A 95 -5.63 9.60 5.63
CA GLU A 95 -6.10 10.21 6.88
C GLU A 95 -6.58 9.19 7.91
N ASN A 96 -6.35 7.91 7.63
CA ASN A 96 -6.58 6.78 8.52
C ASN A 96 -5.38 5.85 8.45
N ASN A 97 -5.27 4.89 9.39
CA ASN A 97 -4.28 3.84 9.28
C ASN A 97 -4.79 2.80 8.29
N PHE A 98 -4.00 2.47 7.25
CA PHE A 98 -4.40 1.52 6.23
C PHE A 98 -4.62 0.13 6.85
N GLU A 99 -3.68 -0.32 7.69
CA GLU A 99 -3.70 -1.66 8.28
C GLU A 99 -4.83 -1.85 9.31
N ASP A 100 -5.50 -0.77 9.71
CA ASP A 100 -6.65 -0.78 10.61
C ASP A 100 -7.95 -0.86 9.80
N MET A 101 -7.87 -0.63 8.49
CA MET A 101 -9.00 -0.51 7.57
C MET A 101 -9.15 -1.73 6.68
N ILE A 102 -8.23 -2.69 6.74
CA ILE A 102 -8.30 -3.98 6.05
C ILE A 102 -8.93 -5.03 6.97
N GLY A 1 -4.81 13.12 -7.66
CA GLY A 1 -5.64 12.12 -6.98
C GLY A 1 -5.50 10.74 -7.63
N SER A 2 -6.25 9.77 -7.12
CA SER A 2 -6.51 8.45 -7.73
C SER A 2 -5.24 7.72 -8.22
N PRO A 3 -4.53 6.95 -7.37
CA PRO A 3 -3.39 6.15 -7.83
C PRO A 3 -3.78 5.19 -8.96
N ILE A 4 -2.77 4.62 -9.61
CA ILE A 4 -2.94 3.49 -10.51
C ILE A 4 -2.61 2.26 -9.67
N LEU A 5 -3.44 1.23 -9.80
CA LEU A 5 -3.46 0.00 -9.04
C LEU A 5 -3.86 -1.15 -9.99
N PRO A 6 -3.49 -2.41 -9.71
CA PRO A 6 -3.82 -3.55 -10.56
C PRO A 6 -5.31 -3.92 -10.48
N LYS A 7 -5.77 -4.89 -11.28
CA LYS A 7 -7.11 -5.45 -11.17
C LYS A 7 -7.19 -6.42 -10.01
N ALA A 8 -8.38 -6.60 -9.45
CA ALA A 8 -8.66 -7.56 -8.37
C ALA A 8 -8.80 -8.99 -8.89
N GLU A 9 -8.51 -9.22 -10.17
CA GLU A 9 -8.80 -10.45 -10.88
C GLU A 9 -7.59 -10.91 -11.71
N ASN A 10 -6.45 -10.22 -11.57
CA ASN A 10 -5.13 -10.58 -12.09
C ASN A 10 -4.08 -10.65 -10.98
N VAL A 11 -4.48 -10.41 -9.73
CA VAL A 11 -3.66 -10.69 -8.57
C VAL A 11 -3.59 -12.22 -8.40
N ASP A 12 -2.46 -12.73 -7.91
CA ASP A 12 -2.41 -14.08 -7.33
C ASP A 12 -2.83 -13.94 -5.88
N SER A 13 -2.05 -13.21 -5.09
CA SER A 13 -2.32 -12.96 -3.69
C SER A 13 -1.69 -11.63 -3.27
N ILE A 14 -2.01 -11.16 -2.07
CA ILE A 14 -1.38 -9.99 -1.48
C ILE A 14 -0.85 -10.42 -0.14
N CYS A 15 0.43 -10.20 0.13
CA CYS A 15 1.01 -10.40 1.44
C CYS A 15 1.11 -9.05 2.10
N ILE A 16 0.68 -8.97 3.36
CA ILE A 16 0.88 -7.84 4.24
C ILE A 16 1.54 -8.42 5.48
N ASP A 17 2.85 -8.25 5.57
CA ASP A 17 3.62 -8.48 6.76
C ASP A 17 3.47 -7.20 7.59
N PHE A 18 2.84 -7.31 8.75
CA PHE A 18 2.66 -6.23 9.73
C PHE A 18 4.04 -5.81 10.30
N THR A 19 4.12 -4.74 11.11
CA THR A 19 5.43 -4.32 11.67
C THR A 19 5.95 -5.31 12.72
N ASN A 20 5.08 -6.15 13.31
CA ASN A 20 5.48 -7.22 14.22
C ASN A 20 5.85 -8.48 13.42
N SER A 21 5.95 -9.64 14.06
CA SER A 21 6.34 -10.88 13.39
C SER A 21 5.22 -11.49 12.53
N ILE A 22 4.02 -10.90 12.52
CA ILE A 22 2.81 -11.51 12.02
C ILE A 22 2.56 -10.94 10.63
N GLN A 23 1.93 -11.74 9.79
CA GLN A 23 1.54 -11.42 8.46
C GLN A 23 0.16 -11.99 8.21
N LYS A 24 -0.51 -11.43 7.22
CA LYS A 24 -1.80 -11.89 6.74
C LYS A 24 -1.71 -11.85 5.22
N ILE A 25 -2.26 -12.86 4.58
CA ILE A 25 -2.29 -12.97 3.13
C ILE A 25 -3.75 -12.80 2.73
N TYR A 26 -3.98 -12.04 1.67
CA TYR A 26 -5.28 -11.75 1.10
C TYR A 26 -5.23 -12.49 -0.24
N ASP A 27 -5.38 -13.80 -0.19
CA ASP A 27 -5.54 -14.64 -1.38
C ASP A 27 -7.00 -14.60 -1.83
N ASP A 28 -7.90 -14.48 -0.84
CA ASP A 28 -9.34 -14.62 -0.99
C ASP A 28 -9.87 -13.43 -1.78
N SER A 29 -10.74 -13.66 -2.77
CA SER A 29 -11.24 -12.63 -3.67
C SER A 29 -11.77 -11.42 -2.89
N GLU A 30 -12.60 -11.66 -1.88
CA GLU A 30 -13.31 -10.61 -1.15
C GLU A 30 -12.37 -9.90 -0.16
N SER A 31 -11.23 -10.51 0.17
CA SER A 31 -10.15 -9.89 0.94
C SER A 31 -9.29 -9.00 0.04
N ILE A 32 -9.04 -9.42 -1.20
CA ILE A 32 -8.38 -8.56 -2.18
C ILE A 32 -9.27 -7.34 -2.43
N GLN A 33 -10.54 -7.56 -2.78
CA GLN A 33 -11.45 -6.50 -3.16
C GLN A 33 -11.61 -5.43 -2.08
N LYS A 34 -11.47 -5.82 -0.80
CA LYS A 34 -11.40 -4.90 0.33
C LYS A 34 -10.22 -3.96 0.13
N ILE A 35 -8.99 -4.49 0.05
CA ILE A 35 -7.75 -3.74 -0.09
C ILE A 35 -7.86 -2.64 -1.15
N LEU A 36 -8.27 -2.94 -2.40
CA LEU A 36 -8.29 -1.91 -3.45
C LEU A 36 -9.06 -0.64 -3.08
N SER A 37 -10.04 -0.72 -2.16
CA SER A 37 -10.72 0.44 -1.62
C SER A 37 -9.70 1.43 -1.04
N GLU A 38 -9.07 1.05 0.08
CA GLU A 38 -8.27 1.94 0.92
C GLU A 38 -6.91 2.23 0.29
N ILE A 39 -6.55 1.51 -0.78
CA ILE A 39 -5.42 1.83 -1.64
C ILE A 39 -5.70 3.11 -2.43
N ALA A 40 -6.94 3.32 -2.88
CA ALA A 40 -7.22 4.30 -3.92
C ALA A 40 -7.63 5.67 -3.37
N THR A 41 -7.91 5.77 -2.07
CA THR A 41 -8.44 6.98 -1.47
C THR A 41 -7.44 8.15 -1.60
N GLY A 42 -6.14 7.88 -1.40
CA GLY A 42 -5.14 8.89 -1.20
C GLY A 42 -4.76 9.62 -2.49
N LYS A 43 -4.12 10.76 -2.30
CA LYS A 43 -3.73 11.70 -3.33
C LYS A 43 -2.25 11.90 -3.14
N ARG A 44 -1.44 11.37 -4.06
CA ARG A 44 0.02 11.53 -4.06
C ARG A 44 0.50 12.99 -4.13
N THR A 45 -0.45 13.92 -4.23
CA THR A 45 -0.25 15.35 -4.36
C THR A 45 0.44 15.60 -5.71
N GLU A 46 1.02 16.78 -5.91
CA GLU A 46 1.91 17.04 -7.03
C GLU A 46 3.38 16.87 -6.63
N LYS A 47 3.68 16.58 -5.35
CA LYS A 47 5.04 16.45 -4.86
C LYS A 47 5.82 15.38 -5.62
N GLN A 48 7.15 15.49 -5.54
CA GLN A 48 8.06 14.70 -6.35
C GLN A 48 8.78 13.69 -5.48
N SER A 49 8.56 12.40 -5.74
CA SER A 49 9.01 11.27 -4.94
C SER A 49 10.28 10.72 -5.57
N ILE A 50 11.33 11.53 -5.48
CA ILE A 50 12.64 11.32 -6.07
C ILE A 50 13.43 10.23 -5.32
N GLN A 51 12.75 9.37 -4.56
CA GLN A 51 13.32 8.46 -3.59
C GLN A 51 12.89 7.03 -3.93
N ASP A 52 13.45 6.08 -3.20
CA ASP A 52 13.16 4.66 -3.36
C ASP A 52 12.59 4.07 -2.08
N TYR A 53 12.49 4.85 -0.99
CA TYR A 53 12.10 4.33 0.32
C TYR A 53 11.32 5.39 1.09
N PRO A 54 10.47 4.99 2.05
CA PRO A 54 9.86 5.90 3.00
C PRO A 54 10.94 6.62 3.82
N SER A 55 10.51 7.65 4.54
CA SER A 55 11.36 8.51 5.33
C SER A 55 11.19 8.15 6.82
N ALA A 56 10.76 6.91 7.09
CA ALA A 56 10.52 6.32 8.40
C ALA A 56 11.50 5.17 8.62
N GLU A 57 11.54 4.69 9.85
CA GLU A 57 12.38 3.59 10.28
C GLU A 57 11.58 2.29 10.35
N GLU A 58 10.28 2.36 10.61
CA GLU A 58 9.43 1.21 10.85
C GLU A 58 8.21 1.38 10.00
N TYR A 59 8.06 0.48 9.05
CA TYR A 59 6.96 0.41 8.12
C TYR A 59 6.62 -1.06 7.94
N GLY A 60 5.42 -1.31 7.42
CA GLY A 60 4.93 -2.65 7.14
C GLY A 60 5.19 -2.97 5.67
N THR A 61 5.05 -4.24 5.31
CA THR A 61 5.66 -4.80 4.11
C THR A 61 4.56 -5.39 3.22
N ILE A 62 4.26 -4.74 2.10
CA ILE A 62 3.18 -5.14 1.21
C ILE A 62 3.81 -5.63 -0.10
N ASN A 63 3.34 -6.77 -0.61
CA ASN A 63 3.52 -7.20 -1.98
C ASN A 63 2.17 -7.62 -2.50
N ILE A 64 1.67 -6.96 -3.55
CA ILE A 64 0.62 -7.52 -4.38
C ILE A 64 1.35 -8.36 -5.42
N GLU A 65 1.22 -9.69 -5.39
CA GLU A 65 1.65 -10.53 -6.50
C GLU A 65 0.57 -10.48 -7.58
N ASN A 66 0.95 -10.23 -8.84
CA ASN A 66 0.06 -10.12 -9.99
C ASN A 66 0.78 -10.59 -11.24
N ASN A 67 0.16 -11.52 -11.98
CA ASN A 67 0.64 -12.12 -13.22
C ASN A 67 2.12 -12.57 -13.11
N GLY A 68 2.48 -13.22 -12.01
CA GLY A 68 3.84 -13.70 -11.74
C GLY A 68 4.87 -12.61 -11.45
N GLY A 69 4.50 -11.33 -11.50
CA GLY A 69 5.28 -10.19 -11.04
C GLY A 69 4.69 -9.70 -9.72
N MET A 70 5.22 -8.61 -9.15
CA MET A 70 4.68 -8.07 -7.90
C MET A 70 4.95 -6.59 -7.73
N THR A 71 4.01 -5.92 -7.09
CA THR A 71 4.03 -4.52 -6.72
C THR A 71 4.35 -4.47 -5.22
N THR A 72 5.62 -4.26 -4.90
CA THR A 72 6.07 -4.00 -3.54
C THR A 72 5.82 -2.53 -3.19
N MET A 73 5.62 -2.24 -1.90
CA MET A 73 5.38 -0.93 -1.29
C MET A 73 5.39 -1.09 0.22
N PHE A 74 5.48 0.03 0.94
CA PHE A 74 5.49 0.15 2.40
C PHE A 74 4.57 1.31 2.77
N TYR A 75 3.90 1.27 3.93
CA TYR A 75 3.14 2.40 4.48
C TYR A 75 3.64 2.69 5.90
N TYR A 76 3.35 3.89 6.43
CA TYR A 76 3.80 4.34 7.74
C TYR A 76 2.88 5.46 8.23
N GLU A 77 3.02 5.82 9.51
CA GLU A 77 2.52 7.05 10.11
C GLU A 77 3.68 8.06 10.15
N GLU A 78 3.41 9.34 9.91
CA GLU A 78 4.34 10.44 10.13
C GLU A 78 3.54 11.69 10.51
N ASN A 79 4.06 12.56 11.38
CA ASN A 79 3.40 13.75 11.93
C ASN A 79 2.02 13.49 12.57
N GLY A 80 1.53 12.26 12.61
CA GLY A 80 0.18 11.91 13.00
C GLY A 80 -0.79 11.83 11.82
N LYS A 81 -0.34 11.68 10.56
CA LYS A 81 -1.13 11.22 9.42
C LYS A 81 -0.50 9.92 8.92
N TYR A 82 -1.17 9.21 8.03
CA TYR A 82 -0.64 8.01 7.43
C TYR A 82 -0.29 8.29 5.98
N TYR A 83 0.77 7.65 5.47
CA TYR A 83 1.28 7.89 4.14
C TYR A 83 1.77 6.56 3.54
N ILE A 84 1.92 6.55 2.21
CA ILE A 84 2.21 5.36 1.40
C ILE A 84 3.44 5.68 0.53
N GLU A 85 4.48 4.84 0.62
CA GLU A 85 5.63 4.93 -0.28
C GLU A 85 5.24 4.36 -1.64
N CYS A 86 6.05 4.68 -2.64
CA CYS A 86 6.04 4.25 -4.03
C CYS A 86 7.23 5.01 -4.68
N PRO A 87 7.66 4.66 -5.92
CA PRO A 87 8.53 5.49 -6.77
C PRO A 87 7.95 6.89 -6.96
N TYR A 88 8.36 7.65 -7.98
CA TYR A 88 8.01 9.04 -8.30
C TYR A 88 6.53 9.42 -8.12
N LYS A 89 5.64 8.44 -7.89
CA LYS A 89 4.28 8.62 -7.43
C LYS A 89 4.05 8.03 -6.03
N GLY A 90 4.76 8.47 -4.99
CA GLY A 90 4.68 7.88 -3.65
C GLY A 90 4.64 8.85 -2.49
N ILE A 91 3.70 9.80 -2.49
CA ILE A 91 3.55 10.81 -1.42
C ILE A 91 2.06 10.98 -1.12
N TYR A 92 1.34 9.86 -0.95
CA TYR A 92 -0.09 9.90 -0.64
C TYR A 92 -0.25 10.27 0.81
N GLU A 93 -1.19 11.15 1.12
CA GLU A 93 -1.44 11.68 2.45
C GLU A 93 -2.86 11.28 2.83
N ILE A 94 -3.04 10.13 3.48
CA ILE A 94 -4.36 9.69 3.93
C ILE A 94 -4.52 10.14 5.38
N GLU A 95 -5.75 10.38 5.81
CA GLU A 95 -6.04 10.94 7.13
C GLU A 95 -6.59 9.89 8.09
N ASN A 96 -6.41 8.63 7.72
CA ASN A 96 -6.91 7.45 8.40
C ASN A 96 -5.93 6.29 8.27
N ASN A 97 -6.04 5.27 9.13
CA ASN A 97 -5.10 4.18 9.12
C ASN A 97 -5.51 3.08 8.14
N PHE A 98 -4.58 2.65 7.29
CA PHE A 98 -4.79 1.55 6.36
C PHE A 98 -4.95 0.21 7.10
N GLU A 99 -4.08 -0.08 8.07
CA GLU A 99 -3.97 -1.42 8.67
C GLU A 99 -5.16 -1.78 9.57
N ASP A 100 -5.92 -0.79 10.05
CA ASP A 100 -7.17 -1.02 10.77
C ASP A 100 -8.39 -0.95 9.86
N MET A 101 -8.21 -0.59 8.59
CA MET A 101 -9.23 -0.70 7.57
C MET A 101 -9.18 -2.04 6.85
N ILE A 102 -8.02 -2.70 6.73
CA ILE A 102 -7.95 -4.12 6.35
C ILE A 102 -8.49 -4.98 7.49
N GLY A 1 -5.59 13.21 -7.73
CA GLY A 1 -6.28 12.07 -8.33
C GLY A 1 -6.08 10.80 -7.52
N SER A 2 -6.70 9.69 -7.93
CA SER A 2 -6.53 8.34 -7.36
C SER A 2 -5.14 7.76 -7.70
N PRO A 3 -4.69 6.67 -7.03
CA PRO A 3 -3.57 5.85 -7.52
C PRO A 3 -3.90 5.14 -8.84
N ILE A 4 -2.92 4.41 -9.38
CA ILE A 4 -2.97 3.65 -10.63
C ILE A 4 -2.55 2.22 -10.25
N LEU A 5 -3.43 1.45 -9.61
CA LEU A 5 -3.09 0.09 -9.17
C LEU A 5 -3.22 -0.90 -10.34
N PRO A 6 -2.69 -2.13 -10.22
CA PRO A 6 -3.17 -3.23 -11.04
C PRO A 6 -4.67 -3.44 -10.79
N LYS A 7 -5.33 -4.21 -11.68
CA LYS A 7 -6.69 -4.69 -11.49
C LYS A 7 -6.83 -5.43 -10.15
N ALA A 8 -8.06 -5.74 -9.73
CA ALA A 8 -8.27 -6.82 -8.80
C ALA A 8 -7.98 -8.15 -9.54
N GLU A 9 -8.68 -8.41 -10.65
CA GLU A 9 -8.77 -9.71 -11.31
C GLU A 9 -7.41 -10.30 -11.74
N ASN A 10 -6.39 -9.44 -11.93
CA ASN A 10 -5.06 -9.85 -12.37
C ASN A 10 -4.05 -10.06 -11.24
N VAL A 11 -4.46 -9.86 -9.99
CA VAL A 11 -3.66 -10.17 -8.81
C VAL A 11 -3.75 -11.67 -8.59
N ASP A 12 -2.73 -12.24 -7.96
CA ASP A 12 -2.74 -13.63 -7.52
C ASP A 12 -2.84 -13.70 -6.00
N SER A 13 -2.04 -12.92 -5.26
CA SER A 13 -2.31 -12.66 -3.84
C SER A 13 -1.68 -11.34 -3.40
N ILE A 14 -2.07 -10.83 -2.23
CA ILE A 14 -1.46 -9.66 -1.58
C ILE A 14 -0.98 -10.13 -0.21
N CYS A 15 0.32 -10.06 0.06
CA CYS A 15 0.90 -10.38 1.36
C CYS A 15 1.23 -9.10 2.11
N ILE A 16 0.77 -8.99 3.35
CA ILE A 16 0.95 -7.77 4.16
C ILE A 16 1.57 -8.16 5.51
N ASP A 17 2.81 -7.75 5.74
CA ASP A 17 3.46 -7.76 7.05
C ASP A 17 3.24 -6.39 7.63
N PHE A 18 2.57 -6.34 8.77
CA PHE A 18 2.19 -5.11 9.48
C PHE A 18 3.46 -4.43 10.08
N THR A 19 3.31 -3.40 10.92
CA THR A 19 4.42 -2.82 11.68
C THR A 19 4.95 -3.73 12.81
N ASN A 20 4.36 -4.91 12.99
CA ASN A 20 4.41 -5.74 14.18
C ASN A 20 5.37 -6.92 13.95
N SER A 21 5.14 -8.00 14.69
CA SER A 21 5.49 -9.38 14.43
C SER A 21 4.52 -10.11 13.48
N ILE A 22 3.41 -9.49 13.05
CA ILE A 22 2.21 -10.16 12.53
C ILE A 22 2.14 -10.02 11.00
N GLN A 23 1.62 -11.03 10.31
CA GLN A 23 1.50 -11.00 8.86
C GLN A 23 0.18 -11.62 8.44
N LYS A 24 -0.52 -10.97 7.51
CA LYS A 24 -1.82 -11.43 6.99
C LYS A 24 -1.79 -11.32 5.48
N ILE A 25 -2.37 -12.30 4.79
CA ILE A 25 -2.34 -12.40 3.34
C ILE A 25 -3.78 -12.46 2.83
N TYR A 26 -3.98 -12.07 1.59
CA TYR A 26 -5.28 -11.78 1.05
C TYR A 26 -5.24 -12.31 -0.39
N ASP A 27 -5.58 -13.58 -0.56
CA ASP A 27 -5.65 -14.28 -1.85
C ASP A 27 -7.08 -14.38 -2.36
N ASP A 28 -8.07 -14.26 -1.48
CA ASP A 28 -9.48 -14.41 -1.85
C ASP A 28 -9.89 -13.16 -2.63
N SER A 29 -10.78 -13.32 -3.62
CA SER A 29 -11.39 -12.20 -4.34
C SER A 29 -11.98 -11.18 -3.35
N GLU A 30 -12.71 -11.64 -2.33
CA GLU A 30 -13.37 -10.74 -1.39
C GLU A 30 -12.34 -10.00 -0.51
N SER A 31 -11.21 -10.65 -0.20
CA SER A 31 -10.12 -10.12 0.59
C SER A 31 -9.34 -9.07 -0.19
N ILE A 32 -8.99 -9.36 -1.45
CA ILE A 32 -8.35 -8.43 -2.37
C ILE A 32 -9.26 -7.22 -2.57
N GLN A 33 -10.56 -7.42 -2.81
CA GLN A 33 -11.48 -6.33 -3.10
C GLN A 33 -11.64 -5.34 -1.95
N LYS A 34 -11.42 -5.74 -0.70
CA LYS A 34 -11.31 -4.79 0.41
C LYS A 34 -10.10 -3.92 0.14
N ILE A 35 -8.92 -4.55 0.05
CA ILE A 35 -7.65 -3.85 0.02
C ILE A 35 -7.69 -2.79 -1.09
N LEU A 36 -8.07 -3.14 -2.32
CA LEU A 36 -8.10 -2.17 -3.42
C LEU A 36 -9.11 -1.02 -3.25
N SER A 37 -10.06 -1.11 -2.32
CA SER A 37 -10.82 0.05 -1.86
C SER A 37 -9.93 0.86 -0.91
N GLU A 38 -9.49 0.23 0.18
CA GLU A 38 -8.70 0.82 1.25
C GLU A 38 -7.34 1.36 0.79
N ILE A 39 -6.95 1.11 -0.46
CA ILE A 39 -5.70 1.55 -1.07
C ILE A 39 -5.96 2.53 -2.22
N ALA A 40 -7.20 2.65 -2.72
CA ALA A 40 -7.56 3.69 -3.69
C ALA A 40 -7.93 5.02 -3.02
N THR A 41 -8.10 5.02 -1.70
CA THR A 41 -8.64 6.13 -0.94
C THR A 41 -7.69 7.34 -0.90
N GLY A 42 -6.37 7.14 -0.96
CA GLY A 42 -5.39 8.20 -0.86
C GLY A 42 -5.14 8.90 -2.18
N LYS A 43 -4.44 10.03 -2.12
CA LYS A 43 -4.10 10.86 -3.27
C LYS A 43 -2.65 11.23 -3.18
N ARG A 44 -1.83 10.86 -4.19
CA ARG A 44 -0.39 11.16 -4.20
C ARG A 44 -0.06 12.63 -4.32
N THR A 45 -1.08 13.49 -4.36
CA THR A 45 -0.93 14.92 -4.57
C THR A 45 -0.27 15.11 -5.95
N GLU A 46 0.26 16.29 -6.21
CA GLU A 46 1.23 16.50 -7.27
C GLU A 46 2.64 16.79 -6.71
N LYS A 47 2.90 16.56 -5.42
CA LYS A 47 4.28 16.42 -4.96
C LYS A 47 4.93 15.25 -5.72
N GLN A 48 6.25 15.22 -5.77
CA GLN A 48 7.00 14.16 -6.41
C GLN A 48 7.91 13.49 -5.38
N SER A 49 7.83 12.17 -5.34
CA SER A 49 8.86 11.35 -4.74
C SER A 49 10.11 11.45 -5.63
N ILE A 50 11.27 11.11 -5.07
CA ILE A 50 12.51 10.92 -5.79
C ILE A 50 13.24 9.66 -5.29
N GLN A 51 12.58 8.82 -4.48
CA GLN A 51 13.17 7.68 -3.81
C GLN A 51 12.43 6.39 -4.15
N ASP A 52 12.95 5.28 -3.65
CA ASP A 52 12.50 3.92 -3.94
C ASP A 52 11.97 3.23 -2.68
N TYR A 53 12.20 3.81 -1.50
CA TYR A 53 11.91 3.22 -0.19
C TYR A 53 11.43 4.31 0.77
N PRO A 54 10.73 3.96 1.88
CA PRO A 54 10.15 4.94 2.78
C PRO A 54 11.22 5.68 3.60
N SER A 55 10.78 6.74 4.27
CA SER A 55 11.63 7.60 5.08
C SER A 55 11.62 7.20 6.56
N ALA A 56 11.08 6.02 6.91
CA ALA A 56 10.80 5.60 8.29
C ALA A 56 11.75 4.52 8.79
N GLU A 57 11.81 4.35 10.12
CA GLU A 57 12.39 3.22 10.82
C GLU A 57 11.40 2.06 10.85
N GLU A 58 10.10 2.33 10.85
CA GLU A 58 9.05 1.37 11.17
C GLU A 58 7.92 1.50 10.16
N TYR A 59 7.80 0.50 9.28
CA TYR A 59 6.83 0.44 8.21
C TYR A 59 6.40 -1.01 8.00
N GLY A 60 5.25 -1.22 7.36
CA GLY A 60 4.81 -2.55 6.96
C GLY A 60 5.37 -2.90 5.58
N THR A 61 5.45 -4.20 5.27
CA THR A 61 5.85 -4.71 3.96
C THR A 61 4.60 -5.11 3.19
N ILE A 62 4.49 -4.74 1.92
CA ILE A 62 3.39 -5.14 1.05
C ILE A 62 3.98 -5.66 -0.25
N ASN A 63 3.63 -6.89 -0.60
CA ASN A 63 3.73 -7.38 -1.97
C ASN A 63 2.31 -7.50 -2.51
N ILE A 64 2.12 -7.08 -3.76
CA ILE A 64 0.97 -7.47 -4.57
C ILE A 64 1.61 -8.38 -5.62
N GLU A 65 1.40 -9.69 -5.52
CA GLU A 65 1.77 -10.62 -6.58
C GLU A 65 0.69 -10.53 -7.66
N ASN A 66 1.11 -10.42 -8.91
CA ASN A 66 0.26 -10.34 -10.09
C ASN A 66 1.00 -11.02 -11.24
N ASN A 67 0.44 -10.88 -12.44
CA ASN A 67 0.65 -11.50 -13.71
C ASN A 67 2.06 -11.25 -14.20
N GLY A 68 2.96 -12.05 -13.65
CA GLY A 68 4.39 -11.91 -13.89
C GLY A 68 5.00 -10.76 -13.11
N GLY A 69 4.20 -10.06 -12.31
CA GLY A 69 4.61 -8.83 -11.66
C GLY A 69 4.65 -8.98 -10.15
N MET A 70 5.42 -8.10 -9.52
CA MET A 70 5.31 -7.78 -8.12
C MET A 70 5.29 -6.26 -8.02
N THR A 71 4.35 -5.74 -7.24
CA THR A 71 4.15 -4.32 -7.05
C THR A 71 4.39 -4.05 -5.56
N THR A 72 5.64 -3.73 -5.22
CA THR A 72 6.11 -3.59 -3.85
C THR A 72 5.82 -2.16 -3.33
N MET A 73 5.34 -2.05 -2.10
CA MET A 73 5.15 -0.78 -1.40
C MET A 73 5.31 -1.00 0.11
N PHE A 74 5.33 0.09 0.88
CA PHE A 74 5.48 0.11 2.33
C PHE A 74 4.57 1.22 2.85
N TYR A 75 3.99 1.12 4.04
CA TYR A 75 3.18 2.21 4.62
C TYR A 75 3.68 2.49 6.04
N TYR A 76 3.54 3.73 6.54
CA TYR A 76 3.92 4.10 7.91
C TYR A 76 3.11 5.32 8.41
N GLU A 77 3.16 5.66 9.70
CA GLU A 77 2.74 6.98 10.20
C GLU A 77 3.93 7.92 10.09
N GLU A 78 3.68 9.17 9.72
CA GLU A 78 4.60 10.27 9.97
C GLU A 78 3.83 11.52 10.40
N ASN A 79 4.14 12.01 11.60
CA ASN A 79 3.70 13.29 12.15
C ASN A 79 2.18 13.39 12.35
N GLY A 80 1.44 12.28 12.24
CA GLY A 80 0.02 12.19 12.53
C GLY A 80 -0.82 11.84 11.30
N LYS A 81 -0.21 11.88 10.11
CA LYS A 81 -0.79 11.32 8.89
C LYS A 81 -0.12 10.00 8.59
N TYR A 82 -0.79 9.17 7.79
CA TYR A 82 -0.17 7.97 7.24
C TYR A 82 0.04 8.19 5.75
N TYR A 83 1.04 7.52 5.18
CA TYR A 83 1.39 7.65 3.78
C TYR A 83 1.79 6.29 3.20
N ILE A 84 1.74 6.18 1.87
CA ILE A 84 1.89 4.93 1.13
C ILE A 84 3.06 5.10 0.15
N GLU A 85 4.21 4.54 0.49
CA GLU A 85 5.41 4.64 -0.33
C GLU A 85 5.20 3.98 -1.70
N CYS A 86 5.84 4.58 -2.70
CA CYS A 86 5.85 4.26 -4.12
C CYS A 86 7.06 5.03 -4.72
N PRO A 87 7.48 4.75 -5.97
CA PRO A 87 8.42 5.59 -6.72
C PRO A 87 7.86 7.02 -6.83
N TYR A 88 8.35 7.85 -7.75
CA TYR A 88 8.11 9.30 -7.94
C TYR A 88 6.66 9.76 -7.76
N LYS A 89 5.74 8.81 -7.78
CA LYS A 89 4.36 8.85 -7.42
C LYS A 89 4.04 8.14 -6.10
N GLY A 90 4.61 8.60 -5.00
CA GLY A 90 4.47 7.98 -3.68
C GLY A 90 3.90 8.85 -2.58
N ILE A 91 3.58 10.11 -2.83
CA ILE A 91 3.25 11.04 -1.75
C ILE A 91 1.74 10.98 -1.46
N TYR A 92 1.19 9.76 -1.31
CA TYR A 92 -0.20 9.54 -0.93
C TYR A 92 -0.33 9.85 0.55
N GLU A 93 -0.85 11.02 0.86
CA GLU A 93 -1.38 11.30 2.17
C GLU A 93 -2.73 10.57 2.26
N ILE A 94 -2.93 9.78 3.31
CA ILE A 94 -4.25 9.37 3.78
C ILE A 94 -4.50 9.97 5.17
N GLU A 95 -5.71 9.86 5.69
CA GLU A 95 -6.12 10.45 6.96
C GLU A 95 -6.79 9.40 7.85
N ASN A 96 -6.21 8.20 7.89
CA ASN A 96 -6.45 7.16 8.88
C ASN A 96 -5.27 6.21 8.88
N ASN A 97 -5.17 5.41 9.94
CA ASN A 97 -4.36 4.20 9.93
C ASN A 97 -4.96 3.20 8.94
N PHE A 98 -4.11 2.55 8.14
CA PHE A 98 -4.53 1.57 7.16
C PHE A 98 -4.81 0.20 7.79
N GLU A 99 -3.90 -0.26 8.64
CA GLU A 99 -3.86 -1.58 9.26
C GLU A 99 -5.13 -1.90 10.07
N ASP A 100 -5.87 -0.90 10.56
CA ASP A 100 -7.13 -1.14 11.28
C ASP A 100 -8.27 -1.54 10.34
N MET A 101 -8.11 -1.23 9.06
CA MET A 101 -9.12 -1.42 8.03
C MET A 101 -9.00 -2.79 7.37
N ILE A 102 -7.88 -3.49 7.57
CA ILE A 102 -7.52 -4.72 6.86
C ILE A 102 -7.50 -5.94 7.76
N GLY A 1 -7.76 12.64 -7.95
CA GLY A 1 -7.26 11.68 -8.93
C GLY A 1 -6.55 10.54 -8.22
N SER A 2 -7.19 9.38 -8.09
CA SER A 2 -6.68 8.23 -7.36
C SER A 2 -5.39 7.66 -7.99
N PRO A 3 -4.63 6.80 -7.30
CA PRO A 3 -3.47 6.10 -7.88
C PRO A 3 -3.85 5.17 -9.05
N ILE A 4 -2.83 4.64 -9.73
CA ILE A 4 -2.93 3.46 -10.57
C ILE A 4 -2.69 2.23 -9.68
N LEU A 5 -3.57 1.24 -9.78
CA LEU A 5 -3.46 -0.08 -9.18
C LEU A 5 -3.98 -1.14 -10.17
N PRO A 6 -3.66 -2.44 -10.01
CA PRO A 6 -4.14 -3.50 -10.91
C PRO A 6 -5.66 -3.77 -10.84
N LYS A 7 -6.18 -4.73 -11.61
CA LYS A 7 -7.48 -5.36 -11.32
C LYS A 7 -7.41 -6.07 -9.97
N ALA A 8 -8.56 -6.46 -9.41
CA ALA A 8 -8.57 -7.46 -8.35
C ALA A 8 -8.25 -8.81 -8.97
N GLU A 9 -9.01 -9.26 -9.96
CA GLU A 9 -9.01 -10.65 -10.37
C GLU A 9 -7.67 -11.15 -10.94
N ASN A 10 -6.81 -10.27 -11.45
CA ASN A 10 -5.49 -10.63 -11.95
C ASN A 10 -4.42 -10.70 -10.86
N VAL A 11 -4.78 -10.43 -9.61
CA VAL A 11 -3.93 -10.63 -8.46
C VAL A 11 -3.87 -12.13 -8.18
N ASP A 12 -2.71 -12.57 -7.69
CA ASP A 12 -2.50 -13.92 -7.16
C ASP A 12 -2.72 -13.86 -5.65
N SER A 13 -1.91 -13.07 -4.94
CA SER A 13 -1.96 -13.01 -3.48
C SER A 13 -1.22 -11.79 -3.01
N ILE A 14 -1.84 -10.94 -2.19
CA ILE A 14 -1.18 -9.77 -1.61
C ILE A 14 -0.59 -10.25 -0.29
N CYS A 15 0.70 -10.01 -0.06
CA CYS A 15 1.31 -10.33 1.22
C CYS A 15 1.48 -9.01 1.97
N ILE A 16 0.95 -8.93 3.19
CA ILE A 16 1.12 -7.79 4.07
C ILE A 16 1.72 -8.35 5.34
N ASP A 17 3.03 -8.16 5.51
CA ASP A 17 3.71 -8.46 6.77
C ASP A 17 3.50 -7.19 7.60
N PHE A 18 2.62 -7.27 8.60
CA PHE A 18 2.22 -6.18 9.48
C PHE A 18 3.45 -5.63 10.21
N THR A 19 3.29 -4.52 10.92
CA THR A 19 4.39 -3.92 11.69
C THR A 19 4.93 -4.88 12.76
N ASN A 20 4.02 -5.61 13.40
CA ASN A 20 4.24 -6.62 14.42
C ASN A 20 4.81 -7.92 13.80
N SER A 21 5.06 -8.96 14.60
CA SER A 21 5.70 -10.22 14.22
C SER A 21 4.82 -11.13 13.35
N ILE A 22 3.81 -10.58 12.67
CA ILE A 22 2.68 -11.27 12.10
C ILE A 22 2.48 -10.70 10.71
N GLN A 23 1.94 -11.52 9.83
CA GLN A 23 1.57 -11.21 8.50
C GLN A 23 0.16 -11.70 8.25
N LYS A 24 -0.43 -11.27 7.14
CA LYS A 24 -1.63 -11.85 6.57
C LYS A 24 -1.45 -11.81 5.07
N ILE A 25 -2.00 -12.81 4.38
CA ILE A 25 -1.95 -12.92 2.94
C ILE A 25 -3.41 -12.86 2.47
N TYR A 26 -3.66 -11.94 1.56
CA TYR A 26 -4.96 -11.58 1.03
C TYR A 26 -4.98 -12.15 -0.38
N ASP A 27 -5.34 -13.42 -0.48
CA ASP A 27 -5.53 -14.15 -1.73
C ASP A 27 -7.00 -14.46 -1.98
N ASP A 28 -7.86 -14.39 -0.94
CA ASP A 28 -9.29 -14.57 -1.13
C ASP A 28 -9.82 -13.35 -1.89
N SER A 29 -10.83 -13.54 -2.73
CA SER A 29 -11.32 -12.50 -3.62
C SER A 29 -11.76 -11.25 -2.85
N GLU A 30 -12.50 -11.43 -1.76
CA GLU A 30 -12.97 -10.34 -0.92
C GLU A 30 -11.82 -9.71 -0.13
N SER A 31 -10.79 -10.47 0.23
CA SER A 31 -9.64 -9.95 0.96
C SER A 31 -8.88 -8.96 0.05
N ILE A 32 -8.70 -9.33 -1.22
CA ILE A 32 -8.09 -8.51 -2.25
C ILE A 32 -8.95 -7.26 -2.46
N GLN A 33 -10.23 -7.43 -2.79
CA GLN A 33 -11.10 -6.31 -3.16
C GLN A 33 -11.15 -5.23 -2.08
N LYS A 34 -11.15 -5.63 -0.80
CA LYS A 34 -11.12 -4.72 0.34
C LYS A 34 -9.91 -3.83 0.17
N ILE A 35 -8.72 -4.42 0.12
CA ILE A 35 -7.49 -3.67 0.03
C ILE A 35 -7.50 -2.74 -1.19
N LEU A 36 -7.89 -3.20 -2.39
CA LEU A 36 -7.90 -2.32 -3.59
C LEU A 36 -8.66 -1.00 -3.41
N SER A 37 -9.56 -0.89 -2.43
CA SER A 37 -10.21 0.35 -2.07
C SER A 37 -9.27 1.26 -1.26
N GLU A 38 -8.67 0.78 -0.17
CA GLU A 38 -7.72 1.54 0.64
C GLU A 38 -6.51 1.96 -0.20
N ILE A 39 -6.10 1.12 -1.15
CA ILE A 39 -5.03 1.43 -2.09
C ILE A 39 -5.38 2.64 -2.95
N ALA A 40 -6.66 2.97 -3.16
CA ALA A 40 -7.10 4.12 -3.94
C ALA A 40 -7.46 5.33 -3.08
N THR A 41 -7.47 5.20 -1.75
CA THR A 41 -8.03 6.22 -0.88
C THR A 41 -7.12 7.47 -0.87
N GLY A 42 -5.79 7.29 -0.99
CA GLY A 42 -4.84 8.38 -0.86
C GLY A 42 -4.65 9.19 -2.13
N LYS A 43 -3.99 10.34 -1.98
CA LYS A 43 -3.80 11.31 -3.05
C LYS A 43 -2.32 11.67 -3.04
N ARG A 44 -1.57 11.24 -4.07
CA ARG A 44 -0.12 11.43 -4.20
C ARG A 44 0.36 12.87 -4.19
N THR A 45 -0.60 13.79 -4.26
CA THR A 45 -0.45 15.21 -4.47
C THR A 45 0.31 15.46 -5.79
N GLU A 46 0.40 16.71 -6.23
CA GLU A 46 1.09 17.06 -7.46
C GLU A 46 2.61 17.19 -7.25
N LYS A 47 3.10 16.93 -6.03
CA LYS A 47 4.53 16.89 -5.74
C LYS A 47 5.20 15.75 -6.47
N GLN A 48 6.50 15.85 -6.65
CA GLN A 48 7.35 14.74 -7.06
C GLN A 48 7.85 14.06 -5.78
N SER A 49 7.72 12.74 -5.70
CA SER A 49 8.61 11.93 -4.87
C SER A 49 9.96 11.82 -5.59
N ILE A 50 11.03 11.52 -4.84
CA ILE A 50 12.38 11.27 -5.36
C ILE A 50 13.07 10.14 -4.55
N GLN A 51 12.30 9.17 -4.05
CA GLN A 51 12.76 8.04 -3.26
C GLN A 51 12.16 6.76 -3.84
N ASP A 52 12.60 5.61 -3.33
CA ASP A 52 12.09 4.29 -3.72
C ASP A 52 11.84 3.41 -2.49
N TYR A 53 12.11 3.93 -1.27
CA TYR A 53 11.95 3.28 0.03
C TYR A 53 11.53 4.34 1.07
N PRO A 54 10.95 3.98 2.23
CA PRO A 54 10.54 4.93 3.27
C PRO A 54 11.74 5.38 4.14
N SER A 55 11.47 6.29 5.09
CA SER A 55 12.45 6.76 6.08
C SER A 55 11.95 6.59 7.53
N ALA A 56 10.78 5.96 7.73
CA ALA A 56 10.28 5.55 9.04
C ALA A 56 11.13 4.41 9.59
N GLU A 57 11.23 4.32 10.92
CA GLU A 57 11.86 3.18 11.59
C GLU A 57 10.94 1.96 11.55
N GLU A 58 9.61 2.17 11.50
CA GLU A 58 8.59 1.12 11.50
C GLU A 58 7.62 1.37 10.35
N TYR A 59 7.39 0.34 9.54
CA TYR A 59 6.45 0.30 8.42
C TYR A 59 6.05 -1.15 8.18
N GLY A 60 4.95 -1.39 7.48
CA GLY A 60 4.55 -2.73 7.04
C GLY A 60 5.15 -3.01 5.66
N THR A 61 5.27 -4.29 5.28
CA THR A 61 5.74 -4.68 3.96
C THR A 61 4.53 -5.04 3.10
N ILE A 62 4.49 -4.62 1.83
CA ILE A 62 3.44 -5.01 0.89
C ILE A 62 4.10 -5.50 -0.40
N ASN A 63 3.68 -6.66 -0.89
CA ASN A 63 3.91 -7.16 -2.23
C ASN A 63 2.54 -7.47 -2.80
N ILE A 64 2.25 -6.97 -3.99
CA ILE A 64 1.05 -7.33 -4.74
C ILE A 64 1.50 -8.25 -5.88
N GLU A 65 1.67 -9.56 -5.65
CA GLU A 65 1.86 -10.55 -6.72
C GLU A 65 0.65 -10.50 -7.66
N ASN A 66 0.86 -10.17 -8.93
CA ASN A 66 -0.14 -10.16 -10.00
C ASN A 66 0.53 -10.61 -11.29
N ASN A 67 0.05 -11.71 -11.88
CA ASN A 67 0.54 -12.29 -13.12
C ASN A 67 2.01 -12.73 -13.03
N GLY A 68 2.51 -12.97 -11.82
CA GLY A 68 3.91 -13.27 -11.55
C GLY A 68 4.83 -12.04 -11.64
N GLY A 69 4.29 -10.87 -12.01
CA GLY A 69 4.88 -9.59 -11.69
C GLY A 69 4.40 -9.18 -10.29
N MET A 70 4.86 -8.03 -9.78
CA MET A 70 4.43 -7.52 -8.49
C MET A 70 4.66 -6.02 -8.33
N THR A 71 3.96 -5.41 -7.37
CA THR A 71 4.15 -4.03 -6.94
C THR A 71 4.53 -4.08 -5.46
N THR A 72 5.79 -3.69 -5.13
CA THR A 72 6.21 -3.47 -3.75
C THR A 72 5.75 -2.06 -3.34
N MET A 73 5.41 -1.89 -2.06
CA MET A 73 5.23 -0.62 -1.38
C MET A 73 5.35 -0.85 0.13
N PHE A 74 5.39 0.22 0.92
CA PHE A 74 5.51 0.23 2.37
C PHE A 74 4.63 1.38 2.88
N TYR A 75 3.99 1.29 4.04
CA TYR A 75 3.21 2.41 4.60
C TYR A 75 3.64 2.67 6.04
N TYR A 76 3.48 3.92 6.50
CA TYR A 76 3.92 4.38 7.81
C TYR A 76 3.05 5.56 8.28
N GLU A 77 3.26 6.03 9.50
CA GLU A 77 2.70 7.25 10.08
C GLU A 77 3.82 8.29 10.14
N GLU A 78 3.49 9.56 9.91
CA GLU A 78 4.43 10.66 10.01
C GLU A 78 3.65 11.93 10.39
N ASN A 79 4.12 12.68 11.39
CA ASN A 79 3.45 13.87 11.92
C ASN A 79 1.99 13.60 12.37
N GLY A 80 1.56 12.35 12.53
CA GLY A 80 0.21 11.98 12.96
C GLY A 80 -0.75 11.92 11.78
N LYS A 81 -0.24 11.94 10.55
CA LYS A 81 -0.92 11.57 9.33
C LYS A 81 -0.31 10.25 8.85
N TYR A 82 -0.94 9.54 7.93
CA TYR A 82 -0.39 8.30 7.39
C TYR A 82 0.00 8.50 5.93
N TYR A 83 1.01 7.77 5.45
CA TYR A 83 1.49 7.91 4.09
C TYR A 83 1.85 6.55 3.50
N ILE A 84 1.89 6.50 2.16
CA ILE A 84 2.24 5.32 1.36
C ILE A 84 3.49 5.63 0.55
N GLU A 85 4.48 4.75 0.62
CA GLU A 85 5.66 4.75 -0.22
C GLU A 85 5.30 4.28 -1.63
N CYS A 86 6.05 4.81 -2.59
CA CYS A 86 6.06 4.52 -4.00
C CYS A 86 7.31 5.24 -4.58
N PRO A 87 7.72 4.94 -5.82
CA PRO A 87 8.63 5.76 -6.62
C PRO A 87 8.02 7.15 -6.84
N TYR A 88 8.46 7.93 -7.83
CA TYR A 88 8.18 9.35 -8.08
C TYR A 88 6.72 9.82 -7.88
N LYS A 89 5.75 8.90 -7.70
CA LYS A 89 4.36 9.21 -7.36
C LYS A 89 3.94 8.90 -5.94
N GLY A 90 4.87 8.80 -4.99
CA GLY A 90 4.60 8.24 -3.68
C GLY A 90 4.48 9.25 -2.54
N ILE A 91 3.79 10.38 -2.72
CA ILE A 91 3.50 11.29 -1.60
C ILE A 91 2.01 11.21 -1.27
N TYR A 92 1.47 9.98 -1.19
CA TYR A 92 0.08 9.77 -0.83
C TYR A 92 -0.09 10.09 0.64
N GLU A 93 -0.67 11.25 0.92
CA GLU A 93 -1.35 11.53 2.16
C GLU A 93 -2.62 10.66 2.19
N ILE A 94 -2.79 9.90 3.26
CA ILE A 94 -4.09 9.43 3.74
C ILE A 94 -4.29 10.02 5.14
N GLU A 95 -5.52 10.06 5.62
CA GLU A 95 -5.84 10.67 6.91
C GLU A 95 -6.11 9.58 7.97
N ASN A 96 -6.21 8.32 7.55
CA ASN A 96 -6.62 7.20 8.41
C ASN A 96 -5.75 5.99 8.14
N ASN A 97 -5.48 5.23 9.19
CA ASN A 97 -4.56 4.10 9.24
C ASN A 97 -5.02 2.95 8.35
N PHE A 98 -4.16 2.52 7.42
CA PHE A 98 -4.40 1.42 6.51
C PHE A 98 -4.55 0.09 7.27
N GLU A 99 -3.63 -0.23 8.19
CA GLU A 99 -3.60 -1.52 8.90
C GLU A 99 -4.81 -1.76 9.81
N ASP A 100 -5.67 -0.77 10.06
CA ASP A 100 -6.93 -0.96 10.81
C ASP A 100 -8.16 -0.86 9.89
N MET A 101 -7.96 -0.44 8.65
CA MET A 101 -9.00 -0.39 7.62
C MET A 101 -9.09 -1.70 6.83
N ILE A 102 -8.04 -2.51 6.85
CA ILE A 102 -8.03 -3.85 6.26
C ILE A 102 -8.65 -4.88 7.20
N GLY A 1 -7.09 11.88 -10.77
CA GLY A 1 -6.02 11.45 -9.88
C GLY A 1 -6.18 9.99 -9.49
N SER A 2 -5.95 9.66 -8.22
CA SER A 2 -5.71 8.30 -7.68
C SER A 2 -4.29 7.79 -7.99
N PRO A 3 -3.84 6.72 -7.31
CA PRO A 3 -2.74 5.86 -7.78
C PRO A 3 -3.08 5.19 -9.12
N ILE A 4 -2.21 4.28 -9.55
CA ILE A 4 -2.44 3.30 -10.60
C ILE A 4 -2.14 1.95 -9.95
N LEU A 5 -3.11 1.05 -9.89
CA LEU A 5 -2.99 -0.30 -9.33
C LEU A 5 -3.52 -1.32 -10.36
N PRO A 6 -3.09 -2.60 -10.28
CA PRO A 6 -3.60 -3.64 -11.16
C PRO A 6 -5.05 -4.03 -10.81
N LYS A 7 -5.76 -4.76 -11.69
CA LYS A 7 -7.15 -5.16 -11.47
C LYS A 7 -7.27 -6.11 -10.28
N ALA A 8 -8.43 -6.19 -9.63
CA ALA A 8 -8.70 -7.26 -8.67
C ALA A 8 -8.54 -8.62 -9.37
N GLU A 9 -9.18 -8.79 -10.52
CA GLU A 9 -9.30 -10.09 -11.17
C GLU A 9 -7.97 -10.66 -11.70
N ASN A 10 -6.92 -9.84 -11.86
CA ASN A 10 -5.61 -10.29 -12.35
C ASN A 10 -4.56 -10.40 -11.25
N VAL A 11 -4.94 -10.13 -10.01
CA VAL A 11 -4.11 -10.36 -8.84
C VAL A 11 -4.29 -11.82 -8.47
N ASP A 12 -3.15 -12.46 -8.16
CA ASP A 12 -3.07 -13.86 -7.80
C ASP A 12 -3.37 -13.97 -6.30
N SER A 13 -2.56 -13.30 -5.49
CA SER A 13 -2.77 -13.06 -4.07
C SER A 13 -2.14 -11.72 -3.67
N ILE A 14 -2.42 -11.24 -2.45
CA ILE A 14 -1.78 -10.08 -1.84
C ILE A 14 -1.23 -10.59 -0.53
N CYS A 15 -0.08 -10.08 -0.12
CA CYS A 15 0.54 -10.35 1.16
C CYS A 15 0.78 -9.00 1.83
N ILE A 16 0.65 -8.96 3.15
CA ILE A 16 0.87 -7.79 3.99
C ILE A 16 1.71 -8.30 5.16
N ASP A 17 3.00 -7.97 5.16
CA ASP A 17 3.95 -8.24 6.23
C ASP A 17 3.77 -7.05 7.16
N PHE A 18 3.22 -7.27 8.35
CA PHE A 18 3.10 -6.24 9.37
C PHE A 18 4.50 -5.85 9.86
N THR A 19 4.62 -4.82 10.70
CA THR A 19 5.89 -4.35 11.26
C THR A 19 6.66 -5.43 12.02
N ASN A 20 5.98 -6.50 12.46
CA ASN A 20 6.54 -7.61 13.22
C ASN A 20 6.71 -8.81 12.31
N SER A 21 7.14 -9.93 12.87
CA SER A 21 7.41 -11.19 12.20
C SER A 21 6.12 -11.93 11.84
N ILE A 22 5.12 -11.20 11.34
CA ILE A 22 3.77 -11.67 11.07
C ILE A 22 3.36 -11.04 9.77
N GLN A 23 2.74 -11.86 8.95
CA GLN A 23 2.23 -11.52 7.66
C GLN A 23 0.86 -12.17 7.48
N LYS A 24 -0.01 -11.55 6.67
CA LYS A 24 -1.35 -12.04 6.35
C LYS A 24 -1.46 -12.09 4.83
N ILE A 25 -2.13 -13.11 4.30
CA ILE A 25 -2.27 -13.29 2.85
C ILE A 25 -3.75 -13.21 2.49
N TYR A 26 -4.08 -12.66 1.32
CA TYR A 26 -5.43 -12.31 0.92
C TYR A 26 -5.66 -12.96 -0.43
N ASP A 27 -6.01 -14.25 -0.41
CA ASP A 27 -6.31 -15.07 -1.58
C ASP A 27 -7.79 -14.99 -1.97
N ASP A 28 -8.68 -14.56 -1.07
CA ASP A 28 -10.13 -14.55 -1.28
C ASP A 28 -10.61 -13.19 -1.80
N SER A 29 -11.55 -13.20 -2.75
CA SER A 29 -12.11 -12.02 -3.41
C SER A 29 -12.46 -10.89 -2.45
N GLU A 30 -13.27 -11.16 -1.41
CA GLU A 30 -13.73 -10.09 -0.53
C GLU A 30 -12.55 -9.52 0.26
N SER A 31 -11.65 -10.40 0.69
CA SER A 31 -10.36 -10.09 1.30
C SER A 31 -9.38 -9.40 0.34
N ILE A 32 -9.69 -9.26 -0.94
CA ILE A 32 -8.90 -8.46 -1.87
C ILE A 32 -9.58 -7.10 -2.08
N GLN A 33 -10.89 -7.11 -2.28
CA GLN A 33 -11.67 -5.92 -2.61
C GLN A 33 -11.60 -4.85 -1.53
N LYS A 34 -11.49 -5.22 -0.26
CA LYS A 34 -11.32 -4.24 0.82
C LYS A 34 -9.99 -3.53 0.70
N ILE A 35 -8.86 -4.25 0.60
CA ILE A 35 -7.56 -3.67 0.36
C ILE A 35 -7.61 -2.70 -0.83
N LEU A 36 -8.14 -3.12 -2.00
CA LEU A 36 -8.19 -2.28 -3.20
C LEU A 36 -8.92 -0.94 -3.00
N SER A 37 -9.80 -0.81 -1.99
CA SER A 37 -10.36 0.48 -1.58
C SER A 37 -9.23 1.34 -0.99
N GLU A 38 -8.64 0.93 0.13
CA GLU A 38 -7.74 1.79 0.91
C GLU A 38 -6.46 2.07 0.10
N ILE A 39 -6.05 1.13 -0.75
CA ILE A 39 -4.92 1.29 -1.66
C ILE A 39 -5.19 2.41 -2.68
N ALA A 40 -6.45 2.80 -2.92
CA ALA A 40 -6.83 3.70 -4.01
C ALA A 40 -7.56 4.96 -3.54
N THR A 41 -7.85 5.08 -2.24
CA THR A 41 -8.48 6.26 -1.67
C THR A 41 -7.54 7.48 -1.77
N GLY A 42 -6.25 7.26 -1.52
CA GLY A 42 -5.25 8.29 -1.36
C GLY A 42 -4.82 8.95 -2.66
N LYS A 43 -4.02 10.01 -2.50
CA LYS A 43 -3.60 10.86 -3.58
C LYS A 43 -2.16 11.24 -3.37
N ARG A 44 -1.32 10.90 -4.35
CA ARG A 44 0.11 11.18 -4.36
C ARG A 44 0.49 12.65 -4.39
N THR A 45 -0.52 13.51 -4.49
CA THR A 45 -0.41 14.95 -4.60
C THR A 45 0.40 15.28 -5.87
N GLU A 46 0.91 16.50 -6.04
CA GLU A 46 1.80 16.84 -7.16
C GLU A 46 3.27 16.86 -6.75
N LYS A 47 3.60 16.42 -5.52
CA LYS A 47 4.99 16.27 -5.12
C LYS A 47 5.67 15.22 -5.98
N GLN A 48 6.98 15.34 -6.11
CA GLN A 48 7.85 14.30 -6.63
C GLN A 48 8.40 13.53 -5.44
N SER A 49 8.20 12.21 -5.38
CA SER A 49 9.21 11.36 -4.75
C SER A 49 10.41 11.35 -5.70
N ILE A 50 11.58 11.16 -5.10
CA ILE A 50 12.88 11.05 -5.73
C ILE A 50 13.72 9.98 -5.02
N GLN A 51 13.11 9.24 -4.09
CA GLN A 51 13.73 8.27 -3.20
C GLN A 51 13.03 6.92 -3.37
N ASP A 52 13.72 5.87 -2.92
CA ASP A 52 13.22 4.49 -2.94
C ASP A 52 12.73 4.07 -1.56
N TYR A 53 12.83 4.92 -0.53
CA TYR A 53 12.52 4.53 0.84
C TYR A 53 11.80 5.64 1.60
N PRO A 54 10.90 5.31 2.55
CA PRO A 54 10.10 6.26 3.30
C PRO A 54 10.97 7.09 4.24
N SER A 55 10.42 8.22 4.68
CA SER A 55 10.96 9.13 5.67
C SER A 55 10.33 8.84 7.05
N ALA A 56 10.07 7.56 7.33
CA ALA A 56 9.61 7.05 8.62
C ALA A 56 10.54 5.97 9.14
N GLU A 57 10.57 5.85 10.46
CA GLU A 57 11.51 4.99 11.16
C GLU A 57 10.95 3.58 11.29
N GLU A 58 9.63 3.41 11.35
CA GLU A 58 8.97 2.11 11.40
C GLU A 58 7.91 2.10 10.29
N TYR A 59 8.06 1.17 9.35
CA TYR A 59 7.14 0.91 8.25
C TYR A 59 7.03 -0.62 8.08
N GLY A 60 5.91 -1.08 7.50
CA GLY A 60 5.68 -2.46 7.10
C GLY A 60 5.45 -2.54 5.59
N THR A 61 5.17 -3.74 5.05
CA THR A 61 5.37 -4.04 3.64
C THR A 61 4.15 -4.72 3.02
N ILE A 62 3.78 -4.30 1.81
CA ILE A 62 2.68 -4.83 1.01
C ILE A 62 3.29 -5.38 -0.29
N ASN A 63 2.87 -6.58 -0.71
CA ASN A 63 3.22 -7.17 -1.99
C ASN A 63 1.91 -7.58 -2.67
N ILE A 64 1.65 -7.14 -3.90
CA ILE A 64 0.56 -7.66 -4.72
C ILE A 64 1.21 -8.63 -5.68
N GLU A 65 0.86 -9.91 -5.64
CA GLU A 65 1.18 -10.86 -6.68
C GLU A 65 0.16 -10.69 -7.81
N ASN A 66 0.59 -10.62 -9.06
CA ASN A 66 -0.28 -10.60 -10.22
C ASN A 66 0.37 -11.45 -11.32
N ASN A 67 -0.09 -11.28 -12.56
CA ASN A 67 -0.02 -12.18 -13.72
C ASN A 67 1.32 -12.85 -13.95
N GLY A 68 2.37 -12.12 -13.65
CA GLY A 68 3.73 -12.43 -14.02
C GLY A 68 4.69 -11.40 -13.43
N GLY A 69 4.25 -10.69 -12.39
CA GLY A 69 5.09 -9.81 -11.61
C GLY A 69 4.40 -9.44 -10.31
N MET A 70 5.15 -8.80 -9.43
CA MET A 70 4.71 -8.35 -8.12
C MET A 70 4.83 -6.83 -8.02
N THR A 71 4.04 -6.23 -7.15
CA THR A 71 3.93 -4.80 -6.95
C THR A 71 4.16 -4.53 -5.46
N THR A 72 5.32 -3.97 -5.11
CA THR A 72 5.76 -3.80 -3.73
C THR A 72 5.67 -2.32 -3.31
N MET A 73 5.31 -2.07 -2.06
CA MET A 73 5.32 -0.75 -1.42
C MET A 73 5.38 -0.92 0.09
N PHE A 74 5.69 0.16 0.81
CA PHE A 74 5.60 0.28 2.28
C PHE A 74 4.49 1.28 2.63
N TYR A 75 4.19 1.48 3.92
CA TYR A 75 3.29 2.52 4.43
C TYR A 75 3.87 3.04 5.75
N TYR A 76 3.40 4.18 6.26
CA TYR A 76 3.82 4.70 7.56
C TYR A 76 2.81 5.68 8.17
N GLU A 77 3.02 6.05 9.42
CA GLU A 77 2.43 7.21 10.09
C GLU A 77 3.56 8.25 10.22
N GLU A 78 3.25 9.48 9.88
CA GLU A 78 3.89 10.69 10.39
C GLU A 78 3.46 10.85 11.85
N ASN A 79 3.62 12.03 12.43
CA ASN A 79 3.12 12.32 13.77
C ASN A 79 1.60 12.49 13.77
N GLY A 80 0.88 11.53 13.20
CA GLY A 80 -0.55 11.37 13.34
C GLY A 80 -1.26 11.39 12.00
N LYS A 81 -0.60 11.85 10.93
CA LYS A 81 -1.11 11.61 9.57
C LYS A 81 -0.57 10.28 9.02
N TYR A 82 -1.28 9.64 8.08
CA TYR A 82 -0.88 8.36 7.50
C TYR A 82 -0.54 8.50 6.02
N TYR A 83 0.34 7.63 5.52
CA TYR A 83 0.93 7.74 4.19
C TYR A 83 1.33 6.37 3.62
N ILE A 84 1.57 6.30 2.30
CA ILE A 84 1.97 5.11 1.56
C ILE A 84 3.18 5.43 0.67
N GLU A 85 4.21 4.58 0.71
CA GLU A 85 5.44 4.64 -0.06
C GLU A 85 5.24 3.99 -1.43
N CYS A 86 6.17 4.23 -2.36
CA CYS A 86 6.08 4.01 -3.81
C CYS A 86 7.37 4.58 -4.44
N PRO A 87 7.68 4.32 -5.73
CA PRO A 87 8.63 5.13 -6.50
C PRO A 87 8.12 6.59 -6.56
N TYR A 88 8.60 7.41 -7.51
CA TYR A 88 8.44 8.87 -7.67
C TYR A 88 7.04 9.46 -7.42
N LYS A 89 6.04 8.62 -7.21
CA LYS A 89 4.67 8.88 -6.94
C LYS A 89 4.26 8.55 -5.52
N GLY A 90 5.22 8.34 -4.63
CA GLY A 90 5.01 7.78 -3.32
C GLY A 90 4.83 8.82 -2.23
N ILE A 91 3.94 9.77 -2.47
CA ILE A 91 3.59 10.80 -1.49
C ILE A 91 2.06 10.81 -1.36
N TYR A 92 1.47 9.62 -1.24
CA TYR A 92 0.05 9.45 -0.97
C TYR A 92 -0.23 9.84 0.46
N GLU A 93 -0.66 11.08 0.65
CA GLU A 93 -1.24 11.54 1.90
C GLU A 93 -2.65 10.95 1.96
N ILE A 94 -2.94 10.17 2.99
CA ILE A 94 -4.28 9.75 3.36
C ILE A 94 -4.64 10.33 4.74
N GLU A 95 -5.91 10.21 5.12
CA GLU A 95 -6.41 10.74 6.39
C GLU A 95 -7.16 9.63 7.14
N ASN A 96 -6.54 8.46 7.27
CA ASN A 96 -6.92 7.39 8.20
C ASN A 96 -5.81 6.36 8.31
N ASN A 97 -5.90 5.52 9.33
CA ASN A 97 -5.00 4.39 9.55
C ASN A 97 -5.33 3.29 8.54
N PHE A 98 -4.33 2.73 7.84
CA PHE A 98 -4.56 1.67 6.87
C PHE A 98 -4.92 0.35 7.56
N GLU A 99 -4.15 -0.09 8.56
CA GLU A 99 -4.25 -1.44 9.11
C GLU A 99 -5.52 -1.67 9.91
N ASP A 100 -6.12 -0.63 10.49
CA ASP A 100 -7.44 -0.74 11.13
C ASP A 100 -8.55 -0.89 10.10
N MET A 101 -8.28 -0.52 8.84
CA MET A 101 -9.23 -0.41 7.74
C MET A 101 -9.07 -1.57 6.73
N ILE A 102 -8.52 -2.72 7.14
CA ILE A 102 -8.50 -3.96 6.36
C ILE A 102 -9.27 -5.06 7.10
N GLY A 1 -5.77 10.93 -11.59
CA GLY A 1 -4.96 11.25 -10.41
C GLY A 1 -4.67 9.94 -9.68
N SER A 2 -4.94 9.86 -8.38
CA SER A 2 -5.15 8.59 -7.65
C SER A 2 -3.92 7.65 -7.65
N PRO A 3 -3.88 6.59 -6.83
CA PRO A 3 -2.87 5.56 -7.01
C PRO A 3 -3.13 4.75 -8.28
N ILE A 4 -2.10 4.06 -8.75
CA ILE A 4 -2.12 3.26 -9.96
C ILE A 4 -1.87 1.82 -9.49
N LEU A 5 -2.95 1.02 -9.48
CA LEU A 5 -2.98 -0.37 -9.07
C LEU A 5 -3.63 -1.25 -10.17
N PRO A 6 -3.38 -2.58 -10.18
CA PRO A 6 -3.99 -3.51 -11.14
C PRO A 6 -5.50 -3.70 -10.93
N LYS A 7 -6.16 -4.59 -11.68
CA LYS A 7 -7.47 -5.11 -11.32
C LYS A 7 -7.38 -5.83 -9.96
N ALA A 8 -8.50 -6.30 -9.42
CA ALA A 8 -8.51 -7.30 -8.35
C ALA A 8 -8.31 -8.70 -8.95
N GLU A 9 -9.09 -9.05 -9.97
CA GLU A 9 -9.23 -10.41 -10.51
C GLU A 9 -7.93 -11.02 -11.09
N ASN A 10 -6.90 -10.19 -11.29
CA ASN A 10 -5.58 -10.55 -11.82
C ASN A 10 -4.49 -10.62 -10.74
N VAL A 11 -4.84 -10.33 -9.48
CA VAL A 11 -3.97 -10.48 -8.33
C VAL A 11 -4.14 -11.94 -7.92
N ASP A 12 -3.02 -12.64 -7.73
CA ASP A 12 -2.98 -13.95 -7.09
C ASP A 12 -3.36 -13.70 -5.63
N SER A 13 -2.46 -13.04 -4.88
CA SER A 13 -2.62 -12.78 -3.45
C SER A 13 -1.92 -11.47 -3.08
N ILE A 14 -2.13 -10.98 -1.86
CA ILE A 14 -1.40 -9.83 -1.32
C ILE A 14 -0.93 -10.20 0.05
N CYS A 15 0.34 -9.89 0.25
CA CYS A 15 1.09 -10.13 1.42
C CYS A 15 1.12 -8.81 2.20
N ILE A 16 0.85 -8.82 3.50
CA ILE A 16 1.04 -7.67 4.38
C ILE A 16 1.75 -8.18 5.62
N ASP A 17 3.05 -7.91 5.71
CA ASP A 17 3.94 -8.30 6.81
C ASP A 17 3.97 -7.13 7.77
N PHE A 18 3.17 -7.24 8.84
CA PHE A 18 2.86 -6.18 9.79
C PHE A 18 4.11 -5.66 10.50
N THR A 19 3.95 -4.60 11.29
CA THR A 19 4.99 -4.07 12.16
C THR A 19 5.55 -5.20 13.05
N ASN A 20 4.66 -6.04 13.59
CA ASN A 20 4.96 -7.19 14.42
C ASN A 20 5.13 -8.47 13.58
N SER A 21 5.38 -9.62 14.20
CA SER A 21 6.02 -10.80 13.58
C SER A 21 5.11 -11.58 12.60
N ILE A 22 4.01 -10.98 12.15
CA ILE A 22 2.88 -11.66 11.56
C ILE A 22 2.72 -11.13 10.14
N GLN A 23 2.40 -12.03 9.23
CA GLN A 23 2.10 -11.71 7.84
C GLN A 23 0.74 -12.28 7.52
N LYS A 24 -0.24 -11.39 7.41
CA LYS A 24 -1.52 -11.76 6.83
C LYS A 24 -1.29 -11.86 5.32
N ILE A 25 -1.89 -12.85 4.69
CA ILE A 25 -1.99 -12.96 3.24
C ILE A 25 -3.48 -12.93 2.93
N TYR A 26 -3.85 -12.16 1.91
CA TYR A 26 -5.19 -11.94 1.45
C TYR A 26 -5.25 -12.66 0.09
N ASP A 27 -5.29 -13.99 0.10
CA ASP A 27 -5.33 -14.84 -1.10
C ASP A 27 -6.74 -14.96 -1.67
N ASP A 28 -7.66 -14.08 -1.26
CA ASP A 28 -9.09 -14.21 -1.50
C ASP A 28 -9.60 -13.01 -2.27
N SER A 29 -10.51 -13.26 -3.21
CA SER A 29 -11.04 -12.25 -4.12
C SER A 29 -11.64 -11.06 -3.35
N GLU A 30 -12.45 -11.32 -2.33
CA GLU A 30 -13.17 -10.27 -1.59
C GLU A 30 -12.22 -9.46 -0.68
N SER A 31 -11.18 -10.11 -0.16
CA SER A 31 -10.09 -9.56 0.64
C SER A 31 -9.24 -8.60 -0.17
N ILE A 32 -8.93 -8.96 -1.41
CA ILE A 32 -8.26 -8.10 -2.38
C ILE A 32 -9.19 -6.94 -2.69
N GLN A 33 -10.45 -7.19 -3.07
CA GLN A 33 -11.39 -6.13 -3.40
C GLN A 33 -11.66 -5.18 -2.22
N LYS A 34 -11.42 -5.61 -0.98
CA LYS A 34 -11.37 -4.69 0.14
C LYS A 34 -10.17 -3.75 -0.05
N ILE A 35 -8.94 -4.29 0.03
CA ILE A 35 -7.70 -3.52 0.07
C ILE A 35 -7.67 -2.50 -1.08
N LEU A 36 -8.05 -2.88 -2.32
CA LEU A 36 -8.09 -1.94 -3.45
C LEU A 36 -8.95 -0.68 -3.21
N SER A 37 -9.77 -0.61 -2.16
CA SER A 37 -10.47 0.56 -1.66
C SER A 37 -9.56 1.38 -0.72
N GLU A 38 -9.13 0.83 0.41
CA GLU A 38 -8.22 1.51 1.36
C GLU A 38 -6.90 1.94 0.72
N ILE A 39 -6.57 1.43 -0.46
CA ILE A 39 -5.47 1.90 -1.28
C ILE A 39 -5.90 3.12 -2.10
N ALA A 40 -7.03 3.09 -2.80
CA ALA A 40 -7.47 4.14 -3.73
C ALA A 40 -7.63 5.51 -3.07
N THR A 41 -7.77 5.52 -1.75
CA THR A 41 -8.01 6.72 -0.95
C THR A 41 -6.79 7.68 -0.92
N GLY A 42 -5.59 7.21 -1.29
CA GLY A 42 -4.43 8.07 -1.36
C GLY A 42 -4.55 9.12 -2.44
N LYS A 43 -4.08 10.32 -2.13
CA LYS A 43 -3.77 11.32 -3.13
C LYS A 43 -2.27 11.44 -3.17
N ARG A 44 -1.60 10.94 -4.22
CA ARG A 44 -0.18 11.25 -4.43
C ARG A 44 0.10 12.73 -4.59
N THR A 45 -0.96 13.55 -4.66
CA THR A 45 -0.90 14.99 -4.84
C THR A 45 -0.22 15.36 -6.18
N GLU A 46 0.00 16.64 -6.47
CA GLU A 46 0.72 17.06 -7.67
C GLU A 46 2.23 16.81 -7.58
N LYS A 47 2.73 16.51 -6.38
CA LYS A 47 4.16 16.51 -6.07
C LYS A 47 4.86 15.33 -6.72
N GLN A 48 6.19 15.35 -6.64
CA GLN A 48 7.07 14.28 -7.07
C GLN A 48 7.70 13.66 -5.84
N SER A 49 7.61 12.34 -5.70
CA SER A 49 8.52 11.53 -4.91
C SER A 49 9.85 11.44 -5.70
N ILE A 50 10.93 11.05 -5.03
CA ILE A 50 12.27 10.85 -5.58
C ILE A 50 12.98 9.70 -4.82
N GLN A 51 12.26 8.69 -4.32
CA GLN A 51 12.82 7.66 -3.46
C GLN A 51 12.27 6.28 -3.80
N ASP A 52 12.85 5.26 -3.17
CA ASP A 52 12.51 3.85 -3.29
C ASP A 52 11.88 3.30 -2.01
N TYR A 53 12.09 3.97 -0.86
CA TYR A 53 11.83 3.42 0.45
C TYR A 53 11.38 4.53 1.43
N PRO A 54 10.69 4.17 2.52
CA PRO A 54 10.24 5.11 3.55
C PRO A 54 11.41 5.66 4.36
N SER A 55 11.09 6.60 5.26
CA SER A 55 12.01 7.20 6.22
C SER A 55 11.60 6.87 7.67
N ALA A 56 10.46 6.22 7.89
CA ALA A 56 10.06 5.66 9.18
C ALA A 56 10.96 4.48 9.52
N GLU A 57 11.05 4.14 10.80
CA GLU A 57 11.67 2.91 11.27
C GLU A 57 10.65 1.77 11.39
N GLU A 58 9.37 2.12 11.51
CA GLU A 58 8.30 1.20 11.85
C GLU A 58 7.21 1.36 10.79
N TYR A 59 7.17 0.40 9.89
CA TYR A 59 6.26 0.24 8.76
C TYR A 59 6.04 -1.26 8.57
N GLY A 60 5.20 -1.66 7.62
CA GLY A 60 5.10 -3.04 7.19
C GLY A 60 5.39 -3.17 5.69
N THR A 61 5.61 -4.41 5.22
CA THR A 61 5.90 -4.70 3.83
C THR A 61 4.61 -5.13 3.13
N ILE A 62 4.31 -4.60 1.94
CA ILE A 62 3.14 -4.98 1.16
C ILE A 62 3.65 -5.40 -0.20
N ASN A 63 3.21 -6.57 -0.68
CA ASN A 63 3.57 -7.11 -1.98
C ASN A 63 2.29 -7.59 -2.64
N ILE A 64 1.86 -6.98 -3.75
CA ILE A 64 0.72 -7.45 -4.55
C ILE A 64 1.26 -8.47 -5.53
N GLU A 65 1.06 -9.77 -5.30
CA GLU A 65 1.38 -10.81 -6.26
C GLU A 65 0.34 -10.79 -7.37
N ASN A 66 0.74 -10.63 -8.64
CA ASN A 66 -0.19 -10.54 -9.76
C ASN A 66 0.38 -11.27 -10.98
N ASN A 67 -0.09 -10.91 -12.19
CA ASN A 67 -0.08 -11.58 -13.50
C ASN A 67 1.22 -12.25 -13.92
N GLY A 68 2.30 -11.81 -13.31
CA GLY A 68 3.66 -12.00 -13.74
C GLY A 68 4.50 -10.86 -13.21
N GLY A 69 4.15 -10.34 -12.04
CA GLY A 69 4.90 -9.30 -11.38
C GLY A 69 4.37 -9.03 -9.99
N MET A 70 5.09 -8.17 -9.28
CA MET A 70 4.77 -7.67 -7.96
C MET A 70 4.58 -6.16 -8.02
N THR A 71 3.91 -5.62 -7.02
CA THR A 71 3.99 -4.22 -6.65
C THR A 71 4.41 -4.21 -5.18
N THR A 72 5.68 -3.88 -4.92
CA THR A 72 6.25 -3.67 -3.59
C THR A 72 5.93 -2.23 -3.15
N MET A 73 5.62 -2.02 -1.87
CA MET A 73 5.32 -0.74 -1.25
C MET A 73 5.38 -0.92 0.28
N PHE A 74 5.38 0.19 1.04
CA PHE A 74 5.56 0.23 2.48
C PHE A 74 4.70 1.39 3.01
N TYR A 75 3.99 1.26 4.14
CA TYR A 75 3.10 2.32 4.65
C TYR A 75 3.48 2.66 6.11
N TYR A 76 3.40 3.94 6.48
CA TYR A 76 3.83 4.45 7.79
C TYR A 76 2.99 5.67 8.22
N GLU A 77 3.19 6.16 9.45
CA GLU A 77 2.70 7.45 9.93
C GLU A 77 3.87 8.45 9.95
N GLU A 78 3.60 9.71 9.66
CA GLU A 78 4.56 10.78 9.77
C GLU A 78 3.83 12.06 10.21
N ASN A 79 4.31 12.68 11.28
CA ASN A 79 3.83 13.95 11.85
C ASN A 79 2.38 13.91 12.37
N GLY A 80 1.71 12.77 12.35
CA GLY A 80 0.28 12.65 12.68
C GLY A 80 -0.57 12.14 11.53
N LYS A 81 0.02 11.87 10.36
CA LYS A 81 -0.72 11.57 9.14
C LYS A 81 -0.13 10.36 8.45
N TYR A 82 -0.93 9.59 7.73
CA TYR A 82 -0.49 8.28 7.24
C TYR A 82 -0.13 8.40 5.78
N TYR A 83 1.00 7.81 5.37
CA TYR A 83 1.49 7.91 4.00
C TYR A 83 1.81 6.52 3.43
N ILE A 84 1.87 6.45 2.10
CA ILE A 84 2.14 5.23 1.33
C ILE A 84 3.36 5.49 0.45
N GLU A 85 4.42 4.72 0.69
CA GLU A 85 5.61 4.74 -0.15
C GLU A 85 5.26 4.22 -1.54
N CYS A 86 5.93 4.79 -2.53
CA CYS A 86 5.89 4.46 -3.93
C CYS A 86 7.01 5.27 -4.61
N PRO A 87 7.38 4.94 -5.87
CA PRO A 87 8.35 5.68 -6.68
C PRO A 87 7.82 7.09 -6.97
N TYR A 88 8.30 7.84 -7.95
CA TYR A 88 8.00 9.26 -8.18
C TYR A 88 6.52 9.70 -8.02
N LYS A 89 5.56 8.77 -7.96
CA LYS A 89 4.16 9.00 -7.62
C LYS A 89 3.78 8.55 -6.21
N GLY A 90 4.68 8.61 -5.25
CA GLY A 90 4.49 8.11 -3.90
C GLY A 90 4.59 9.22 -2.88
N ILE A 91 3.62 10.12 -2.87
CA ILE A 91 3.41 11.06 -1.78
C ILE A 91 1.91 11.01 -1.46
N TYR A 92 1.38 9.81 -1.22
CA TYR A 92 -0.03 9.65 -0.91
C TYR A 92 -0.28 10.10 0.52
N GLU A 93 -0.94 11.23 0.67
CA GLU A 93 -1.54 11.58 1.94
C GLU A 93 -2.91 10.87 1.98
N ILE A 94 -3.14 10.08 3.03
CA ILE A 94 -4.47 9.56 3.42
C ILE A 94 -4.85 10.19 4.77
N GLU A 95 -6.11 10.06 5.17
CA GLU A 95 -6.63 10.71 6.37
C GLU A 95 -7.26 9.69 7.31
N ASN A 96 -6.54 8.58 7.54
CA ASN A 96 -6.79 7.56 8.57
C ASN A 96 -5.68 6.50 8.50
N ASN A 97 -5.62 5.61 9.49
CA ASN A 97 -4.67 4.50 9.55
C ASN A 97 -5.12 3.40 8.57
N PHE A 98 -4.18 2.80 7.84
CA PHE A 98 -4.46 1.75 6.87
C PHE A 98 -4.66 0.39 7.54
N GLU A 99 -3.80 0.03 8.51
CA GLU A 99 -3.75 -1.29 9.13
C GLU A 99 -4.98 -1.64 9.97
N ASP A 100 -5.83 -0.65 10.26
CA ASP A 100 -7.15 -0.83 10.90
C ASP A 100 -8.27 -1.07 9.89
N MET A 101 -8.09 -0.65 8.63
CA MET A 101 -9.12 -0.80 7.61
C MET A 101 -9.10 -2.22 7.03
N ILE A 102 -7.93 -2.87 7.02
CA ILE A 102 -7.74 -4.21 6.46
C ILE A 102 -8.24 -5.27 7.43
N GLY A 1 -7.11 12.95 -7.60
CA GLY A 1 -6.83 11.98 -8.66
C GLY A 1 -6.24 10.72 -8.04
N SER A 2 -6.72 9.54 -8.44
CA SER A 2 -6.40 8.27 -7.79
C SER A 2 -5.03 7.72 -8.21
N PRO A 3 -4.47 6.74 -7.48
CA PRO A 3 -3.39 5.89 -7.95
C PRO A 3 -3.81 5.00 -9.13
N ILE A 4 -2.89 4.17 -9.62
CA ILE A 4 -3.05 3.22 -10.70
C ILE A 4 -2.61 1.87 -10.13
N LEU A 5 -3.56 1.10 -9.64
CA LEU A 5 -3.40 -0.19 -8.98
C LEU A 5 -3.77 -1.32 -9.95
N PRO A 6 -3.23 -2.55 -9.79
CA PRO A 6 -3.55 -3.67 -10.67
C PRO A 6 -5.00 -4.15 -10.49
N LYS A 7 -5.57 -4.85 -11.49
CA LYS A 7 -6.95 -5.34 -11.42
C LYS A 7 -7.11 -6.32 -10.27
N ALA A 8 -8.31 -6.39 -9.71
CA ALA A 8 -8.62 -7.32 -8.64
C ALA A 8 -8.63 -8.78 -9.09
N GLU A 9 -8.38 -9.07 -10.37
CA GLU A 9 -8.51 -10.42 -10.93
C GLU A 9 -7.20 -10.90 -11.55
N ASN A 10 -6.27 -9.98 -11.85
CA ASN A 10 -4.92 -10.35 -12.25
C ASN A 10 -4.00 -10.49 -11.05
N VAL A 11 -4.52 -10.13 -9.87
CA VAL A 11 -3.91 -10.37 -8.59
C VAL A 11 -3.97 -11.87 -8.31
N ASP A 12 -2.86 -12.38 -7.77
CA ASP A 12 -2.69 -13.74 -7.30
C ASP A 12 -2.91 -13.73 -5.78
N SER A 13 -2.16 -12.89 -5.03
CA SER A 13 -2.32 -12.80 -3.58
C SER A 13 -1.47 -11.66 -3.00
N ILE A 14 -2.09 -10.70 -2.33
CA ILE A 14 -1.45 -9.61 -1.60
C ILE A 14 -0.92 -10.25 -0.32
N CYS A 15 0.35 -10.01 -0.02
CA CYS A 15 0.93 -10.30 1.28
C CYS A 15 1.12 -8.97 2.01
N ILE A 16 1.02 -9.01 3.34
CA ILE A 16 1.32 -7.91 4.24
C ILE A 16 2.04 -8.55 5.43
N ASP A 17 3.36 -8.35 5.48
CA ASP A 17 4.20 -8.59 6.65
C ASP A 17 4.08 -7.30 7.46
N PHE A 18 3.42 -7.35 8.61
CA PHE A 18 3.19 -6.19 9.49
C PHE A 18 4.52 -5.69 10.09
N THR A 19 4.48 -4.68 10.96
CA THR A 19 5.66 -4.23 11.70
C THR A 19 6.27 -5.38 12.50
N ASN A 20 5.44 -6.10 13.28
CA ASN A 20 5.87 -7.31 13.99
C ASN A 20 6.04 -8.45 13.00
N SER A 21 6.41 -9.63 13.49
CA SER A 21 6.70 -10.81 12.68
C SER A 21 5.42 -11.53 12.23
N ILE A 22 4.26 -10.86 12.32
CA ILE A 22 2.99 -11.41 11.90
C ILE A 22 2.86 -11.02 10.42
N GLN A 23 2.45 -11.99 9.61
CA GLN A 23 2.21 -11.82 8.19
C GLN A 23 0.82 -12.35 7.90
N LYS A 24 0.11 -11.69 6.99
CA LYS A 24 -1.19 -12.12 6.52
C LYS A 24 -1.22 -12.07 5.00
N ILE A 25 -2.00 -12.96 4.37
CA ILE A 25 -2.21 -13.03 2.93
C ILE A 25 -3.71 -12.88 2.70
N TYR A 26 -4.08 -12.26 1.59
CA TYR A 26 -5.42 -11.80 1.28
C TYR A 26 -5.77 -12.39 -0.08
N ASP A 27 -6.10 -13.68 -0.12
CA ASP A 27 -6.41 -14.43 -1.33
C ASP A 27 -7.92 -14.71 -1.49
N ASP A 28 -8.77 -14.17 -0.60
CA ASP A 28 -10.21 -14.12 -0.82
C ASP A 28 -10.53 -12.92 -1.72
N SER A 29 -11.51 -13.00 -2.61
CA SER A 29 -11.91 -11.84 -3.42
C SER A 29 -12.34 -10.66 -2.54
N GLU A 30 -13.09 -10.88 -1.45
CA GLU A 30 -13.50 -9.80 -0.55
C GLU A 30 -12.30 -9.15 0.15
N SER A 31 -11.25 -9.92 0.45
CA SER A 31 -10.00 -9.40 1.03
C SER A 31 -9.34 -8.44 0.04
N ILE A 32 -9.33 -8.83 -1.23
CA ILE A 32 -8.72 -8.08 -2.32
C ILE A 32 -9.53 -6.81 -2.54
N GLN A 33 -10.84 -6.92 -2.76
CA GLN A 33 -11.67 -5.75 -3.02
C GLN A 33 -11.60 -4.74 -1.88
N LYS A 34 -11.44 -5.20 -0.64
CA LYS A 34 -11.18 -4.32 0.48
C LYS A 34 -9.88 -3.57 0.27
N ILE A 35 -8.75 -4.29 0.23
CA ILE A 35 -7.44 -3.64 0.16
C ILE A 35 -7.41 -2.62 -0.99
N LEU A 36 -7.86 -3.01 -2.19
CA LEU A 36 -7.87 -2.11 -3.35
C LEU A 36 -8.60 -0.78 -3.09
N SER A 37 -9.54 -0.71 -2.15
CA SER A 37 -10.20 0.51 -1.72
C SER A 37 -9.19 1.46 -1.08
N GLU A 38 -8.55 1.08 0.03
CA GLU A 38 -7.65 1.97 0.77
C GLU A 38 -6.38 2.24 -0.04
N ILE A 39 -6.02 1.34 -0.95
CA ILE A 39 -4.94 1.54 -1.91
C ILE A 39 -5.32 2.62 -2.94
N ALA A 40 -6.58 3.06 -3.03
CA ALA A 40 -7.07 4.02 -4.01
C ALA A 40 -7.61 5.32 -3.42
N THR A 41 -7.75 5.44 -2.10
CA THR A 41 -8.28 6.64 -1.47
C THR A 41 -7.31 7.83 -1.61
N GLY A 42 -6.00 7.58 -1.47
CA GLY A 42 -5.03 8.63 -1.27
C GLY A 42 -4.71 9.42 -2.54
N LYS A 43 -4.07 10.58 -2.32
CA LYS A 43 -3.67 11.51 -3.36
C LYS A 43 -2.16 11.54 -3.31
N ARG A 44 -1.47 11.00 -4.31
CA ARG A 44 0.01 11.05 -4.44
C ARG A 44 0.59 12.46 -4.44
N THR A 45 -0.28 13.47 -4.41
CA THR A 45 -0.02 14.88 -4.56
C THR A 45 0.54 15.18 -5.96
N GLU A 46 0.67 16.45 -6.28
CA GLU A 46 1.32 16.92 -7.49
C GLU A 46 2.85 16.87 -7.38
N LYS A 47 3.39 16.55 -6.19
CA LYS A 47 4.82 16.46 -5.91
C LYS A 47 5.48 15.31 -6.67
N GLN A 48 6.80 15.27 -6.55
CA GLN A 48 7.68 14.24 -7.06
C GLN A 48 8.24 13.47 -5.87
N SER A 49 8.53 12.19 -6.10
CA SER A 49 8.77 11.21 -5.05
C SER A 49 10.12 10.55 -5.35
N ILE A 50 11.21 11.25 -5.04
CA ILE A 50 12.56 10.95 -5.54
C ILE A 50 13.28 10.00 -4.57
N GLN A 51 12.52 9.07 -3.98
CA GLN A 51 12.90 8.15 -2.94
C GLN A 51 12.60 6.73 -3.38
N ASP A 52 13.24 5.79 -2.69
CA ASP A 52 13.13 4.35 -2.95
C ASP A 52 12.70 3.57 -1.72
N TYR A 53 12.53 4.24 -0.57
CA TYR A 53 12.09 3.68 0.70
C TYR A 53 11.35 4.76 1.48
N PRO A 54 10.57 4.41 2.53
CA PRO A 54 9.92 5.38 3.42
C PRO A 54 10.93 6.15 4.28
N SER A 55 10.40 7.06 5.10
CA SER A 55 11.15 7.87 6.06
C SER A 55 11.06 7.29 7.48
N ALA A 56 10.44 6.12 7.67
CA ALA A 56 10.20 5.52 8.98
C ALA A 56 11.21 4.43 9.31
N GLU A 57 11.39 4.18 10.61
CA GLU A 57 12.14 3.05 11.16
C GLU A 57 11.24 1.81 11.31
N GLU A 58 9.92 1.97 11.37
CA GLU A 58 8.98 0.87 11.50
C GLU A 58 7.86 1.12 10.51
N TYR A 59 7.73 0.22 9.53
CA TYR A 59 6.74 0.19 8.48
C TYR A 59 6.40 -1.30 8.27
N GLY A 60 5.25 -1.60 7.67
CA GLY A 60 4.97 -2.95 7.18
C GLY A 60 5.35 -3.04 5.70
N THR A 61 5.50 -4.26 5.19
CA THR A 61 5.95 -4.55 3.84
C THR A 61 4.84 -5.28 3.11
N ILE A 62 4.44 -4.75 1.95
CA ILE A 62 3.29 -5.20 1.19
C ILE A 62 3.81 -5.60 -0.18
N ASN A 63 3.39 -6.77 -0.65
CA ASN A 63 3.70 -7.28 -1.97
C ASN A 63 2.37 -7.57 -2.65
N ILE A 64 2.03 -6.86 -3.73
CA ILE A 64 0.84 -7.17 -4.51
C ILE A 64 1.30 -8.15 -5.59
N GLU A 65 1.33 -9.45 -5.30
CA GLU A 65 1.61 -10.47 -6.31
C GLU A 65 0.46 -10.45 -7.33
N ASN A 66 0.75 -10.06 -8.56
CA ASN A 66 -0.19 -10.04 -9.68
C ASN A 66 0.56 -10.49 -10.93
N ASN A 67 -0.05 -11.37 -11.72
CA ASN A 67 0.46 -11.92 -12.98
C ASN A 67 1.76 -12.73 -12.86
N GLY A 68 2.37 -12.82 -11.69
CA GLY A 68 3.68 -13.45 -11.50
C GLY A 68 4.79 -12.42 -11.28
N GLY A 69 4.44 -11.15 -11.04
CA GLY A 69 5.33 -10.11 -10.52
C GLY A 69 4.66 -9.46 -9.32
N MET A 70 5.28 -8.42 -8.74
CA MET A 70 4.68 -7.73 -7.62
C MET A 70 5.02 -6.25 -7.59
N THR A 71 4.01 -5.44 -7.28
CA THR A 71 4.21 -4.09 -6.76
C THR A 71 4.65 -4.26 -5.29
N THR A 72 5.92 -4.05 -5.00
CA THR A 72 6.41 -3.82 -3.65
C THR A 72 5.98 -2.40 -3.23
N MET A 73 5.60 -2.22 -1.97
CA MET A 73 5.35 -0.92 -1.34
C MET A 73 5.42 -1.08 0.19
N PHE A 74 5.49 0.02 0.91
CA PHE A 74 5.60 0.09 2.38
C PHE A 74 4.73 1.24 2.87
N TYR A 75 4.12 1.16 4.06
CA TYR A 75 3.28 2.24 4.61
C TYR A 75 3.74 2.56 6.03
N TYR A 76 3.64 3.82 6.45
CA TYR A 76 4.00 4.29 7.81
C TYR A 76 3.11 5.48 8.23
N GLU A 77 3.37 6.09 9.39
CA GLU A 77 2.64 7.24 9.94
C GLU A 77 3.62 8.42 10.11
N GLU A 78 3.19 9.65 9.78
CA GLU A 78 4.02 10.86 9.85
C GLU A 78 3.15 12.04 10.32
N ASN A 79 3.10 12.25 11.64
CA ASN A 79 2.26 13.22 12.36
C ASN A 79 0.77 12.84 12.36
N GLY A 80 0.45 11.58 12.09
CA GLY A 80 -0.88 11.00 12.27
C GLY A 80 -1.68 10.98 10.99
N LYS A 81 -1.12 11.53 9.93
CA LYS A 81 -1.47 11.15 8.58
C LYS A 81 -0.63 9.93 8.28
N TYR A 82 -1.18 9.01 7.49
CA TYR A 82 -0.48 7.81 7.07
C TYR A 82 0.01 8.03 5.65
N TYR A 83 1.14 7.41 5.29
CA TYR A 83 1.83 7.66 4.03
C TYR A 83 2.23 6.35 3.39
N ILE A 84 1.98 6.26 2.09
CA ILE A 84 2.21 5.08 1.28
C ILE A 84 3.42 5.37 0.40
N GLU A 85 4.40 4.48 0.42
CA GLU A 85 5.58 4.49 -0.44
C GLU A 85 5.21 3.96 -1.82
N CYS A 86 5.96 4.43 -2.82
CA CYS A 86 5.93 4.11 -4.23
C CYS A 86 7.13 4.82 -4.90
N PRO A 87 7.48 4.51 -6.17
CA PRO A 87 8.36 5.32 -7.02
C PRO A 87 7.80 6.75 -7.14
N TYR A 88 8.22 7.53 -8.15
CA TYR A 88 7.97 8.96 -8.37
C TYR A 88 6.54 9.42 -8.11
N LYS A 89 5.58 8.50 -8.00
CA LYS A 89 4.26 8.73 -7.48
C LYS A 89 4.06 8.00 -6.14
N GLY A 90 4.76 8.41 -5.08
CA GLY A 90 4.65 7.82 -3.75
C GLY A 90 4.59 8.82 -2.60
N ILE A 91 3.67 9.79 -2.65
CA ILE A 91 3.43 10.71 -1.53
C ILE A 91 1.93 10.75 -1.28
N TYR A 92 1.32 9.60 -0.94
CA TYR A 92 -0.12 9.56 -0.65
C TYR A 92 -0.33 9.88 0.82
N GLU A 93 -0.68 11.11 1.12
CA GLU A 93 -1.02 11.61 2.46
C GLU A 93 -2.46 11.19 2.79
N ILE A 94 -2.71 9.97 3.23
CA ILE A 94 -4.07 9.58 3.65
C ILE A 94 -4.31 10.05 5.09
N GLU A 95 -5.58 10.17 5.48
CA GLU A 95 -5.97 10.67 6.80
C GLU A 95 -6.49 9.57 7.72
N ASN A 96 -6.32 8.31 7.31
CA ASN A 96 -6.83 7.14 8.00
C ASN A 96 -5.77 6.05 8.15
N ASN A 97 -5.85 5.30 9.25
CA ASN A 97 -4.94 4.19 9.52
C ASN A 97 -5.29 3.02 8.61
N PHE A 98 -4.44 2.73 7.64
CA PHE A 98 -4.62 1.62 6.69
C PHE A 98 -4.82 0.30 7.42
N GLU A 99 -4.04 0.03 8.48
CA GLU A 99 -4.01 -1.27 9.14
C GLU A 99 -5.23 -1.56 10.03
N ASP A 100 -6.06 -0.57 10.32
CA ASP A 100 -7.40 -0.76 10.88
C ASP A 100 -8.45 -0.89 9.77
N MET A 101 -8.16 -0.34 8.60
CA MET A 101 -9.06 -0.20 7.46
C MET A 101 -8.90 -1.31 6.43
N ILE A 102 -8.08 -2.34 6.68
CA ILE A 102 -8.09 -3.60 5.94
C ILE A 102 -9.14 -4.52 6.57
N GLY A 1 -5.53 12.57 -9.91
CA GLY A 1 -6.38 11.52 -9.35
C GLY A 1 -5.58 10.27 -9.04
N SER A 2 -5.65 9.82 -7.77
CA SER A 2 -5.53 8.43 -7.37
C SER A 2 -4.17 7.76 -7.61
N PRO A 3 -3.92 6.58 -7.02
CA PRO A 3 -2.93 5.64 -7.53
C PRO A 3 -3.37 4.98 -8.84
N ILE A 4 -2.46 4.21 -9.44
CA ILE A 4 -2.65 3.40 -10.63
C ILE A 4 -2.35 1.98 -10.18
N LEU A 5 -3.38 1.20 -9.88
CA LEU A 5 -3.31 -0.19 -9.44
C LEU A 5 -3.60 -1.13 -10.62
N PRO A 6 -3.28 -2.43 -10.49
CA PRO A 6 -3.85 -3.46 -11.34
C PRO A 6 -5.38 -3.56 -11.15
N LYS A 7 -6.02 -4.48 -11.89
CA LYS A 7 -7.39 -4.93 -11.61
C LYS A 7 -7.44 -5.64 -10.27
N ALA A 8 -8.60 -6.18 -9.93
CA ALA A 8 -8.73 -7.18 -8.88
C ALA A 8 -8.49 -8.56 -9.48
N GLU A 9 -9.05 -8.84 -10.66
CA GLU A 9 -9.30 -10.20 -11.18
C GLU A 9 -8.01 -10.93 -11.62
N ASN A 10 -6.89 -10.23 -11.48
CA ASN A 10 -5.56 -10.53 -11.95
C ASN A 10 -4.53 -10.54 -10.81
N VAL A 11 -4.95 -10.29 -9.58
CA VAL A 11 -4.10 -10.35 -8.40
C VAL A 11 -4.09 -11.82 -7.99
N ASP A 12 -2.88 -12.37 -7.81
CA ASP A 12 -2.65 -13.75 -7.41
C ASP A 12 -2.81 -13.89 -5.90
N SER A 13 -2.04 -13.11 -5.13
CA SER A 13 -2.27 -12.91 -3.70
C SER A 13 -1.79 -11.50 -3.30
N ILE A 14 -2.34 -10.92 -2.21
CA ILE A 14 -1.71 -9.78 -1.53
C ILE A 14 -1.09 -10.34 -0.26
N CYS A 15 0.10 -9.85 0.10
CA CYS A 15 0.80 -10.22 1.31
C CYS A 15 1.15 -8.93 2.05
N ILE A 16 0.88 -8.88 3.35
CA ILE A 16 1.24 -7.80 4.24
C ILE A 16 2.00 -8.45 5.38
N ASP A 17 3.32 -8.26 5.40
CA ASP A 17 4.20 -8.62 6.51
C ASP A 17 4.10 -7.44 7.49
N PHE A 18 3.46 -7.67 8.65
CA PHE A 18 3.17 -6.65 9.65
C PHE A 18 4.45 -6.15 10.33
N THR A 19 4.30 -5.09 11.12
CA THR A 19 5.34 -4.48 11.93
C THR A 19 5.98 -5.44 12.94
N ASN A 20 5.25 -6.44 13.44
CA ASN A 20 5.74 -7.45 14.36
C ASN A 20 6.36 -8.59 13.52
N SER A 21 6.42 -9.81 14.03
CA SER A 21 7.02 -10.99 13.40
C SER A 21 5.90 -11.88 12.83
N ILE A 22 4.84 -11.29 12.28
CA ILE A 22 3.68 -11.94 11.70
C ILE A 22 3.43 -11.28 10.35
N GLN A 23 2.78 -11.99 9.45
CA GLN A 23 2.27 -11.55 8.19
C GLN A 23 0.82 -12.02 8.06
N LYS A 24 0.09 -11.44 7.11
CA LYS A 24 -1.26 -11.82 6.71
C LYS A 24 -1.28 -11.85 5.19
N ILE A 25 -1.87 -12.88 4.60
CA ILE A 25 -2.03 -13.01 3.16
C ILE A 25 -3.51 -12.87 2.87
N TYR A 26 -3.87 -11.96 1.97
CA TYR A 26 -5.22 -11.68 1.52
C TYR A 26 -5.26 -12.23 0.09
N ASP A 27 -5.43 -13.54 -0.04
CA ASP A 27 -5.47 -14.26 -1.32
C ASP A 27 -6.88 -14.33 -1.90
N ASP A 28 -7.89 -13.85 -1.17
CA ASP A 28 -9.29 -13.93 -1.55
C ASP A 28 -9.76 -12.66 -2.24
N SER A 29 -10.74 -12.83 -3.12
CA SER A 29 -11.48 -11.80 -3.82
C SER A 29 -11.89 -10.68 -2.85
N GLU A 30 -12.74 -10.97 -1.87
CA GLU A 30 -13.41 -9.98 -1.04
C GLU A 30 -12.40 -9.15 -0.22
N SER A 31 -11.33 -9.81 0.22
CA SER A 31 -10.17 -9.30 0.93
C SER A 31 -9.40 -8.31 0.06
N ILE A 32 -9.09 -8.70 -1.18
CA ILE A 32 -8.47 -7.83 -2.18
C ILE A 32 -9.38 -6.64 -2.48
N GLN A 33 -10.71 -6.85 -2.51
CA GLN A 33 -11.70 -5.84 -2.86
C GLN A 33 -11.74 -4.70 -1.87
N LYS A 34 -11.68 -5.06 -0.58
CA LYS A 34 -11.52 -4.12 0.50
C LYS A 34 -10.22 -3.34 0.29
N ILE A 35 -9.07 -4.01 0.36
CA ILE A 35 -7.76 -3.37 0.33
C ILE A 35 -7.62 -2.42 -0.86
N LEU A 36 -8.01 -2.84 -2.08
CA LEU A 36 -7.91 -2.01 -3.29
C LEU A 36 -8.74 -0.71 -3.20
N SER A 37 -9.54 -0.53 -2.16
CA SER A 37 -10.20 0.70 -1.75
C SER A 37 -9.34 1.48 -0.74
N GLU A 38 -8.95 0.93 0.42
CA GLU A 38 -8.09 1.65 1.38
C GLU A 38 -6.72 2.03 0.79
N ILE A 39 -6.30 1.35 -0.27
CA ILE A 39 -5.10 1.65 -1.03
C ILE A 39 -5.35 2.72 -2.10
N ALA A 40 -6.60 2.96 -2.51
CA ALA A 40 -6.95 3.91 -3.57
C ALA A 40 -7.28 5.30 -3.05
N THR A 41 -7.65 5.41 -1.77
CA THR A 41 -8.18 6.64 -1.18
C THR A 41 -7.16 7.78 -1.24
N GLY A 42 -5.87 7.48 -1.14
CA GLY A 42 -4.83 8.48 -1.08
C GLY A 42 -4.57 9.16 -2.41
N LYS A 43 -3.94 10.33 -2.32
CA LYS A 43 -3.56 11.16 -3.44
C LYS A 43 -2.08 11.43 -3.31
N ARG A 44 -1.29 10.84 -4.21
CA ARG A 44 0.18 11.02 -4.35
C ARG A 44 0.60 12.45 -4.63
N THR A 45 -0.38 13.26 -4.93
CA THR A 45 -0.33 14.69 -5.22
C THR A 45 0.46 14.95 -6.52
N GLU A 46 0.59 16.23 -6.90
CA GLU A 46 1.41 16.61 -8.04
C GLU A 46 2.91 16.72 -7.66
N LYS A 47 3.30 16.41 -6.42
CA LYS A 47 4.72 16.37 -6.07
C LYS A 47 5.42 15.29 -6.89
N GLN A 48 6.70 15.54 -7.12
CA GLN A 48 7.61 14.49 -7.55
C GLN A 48 8.00 13.67 -6.32
N SER A 49 8.37 12.42 -6.53
CA SER A 49 8.72 11.45 -5.52
C SER A 49 10.08 10.88 -5.95
N ILE A 50 11.15 11.05 -5.17
CA ILE A 50 12.52 10.77 -5.64
C ILE A 50 13.25 9.86 -4.63
N GLN A 51 12.54 8.84 -4.15
CA GLN A 51 12.99 7.88 -3.15
C GLN A 51 12.42 6.51 -3.51
N ASP A 52 13.02 5.47 -2.95
CA ASP A 52 12.64 4.07 -3.18
C ASP A 52 12.06 3.42 -1.91
N TYR A 53 12.16 4.07 -0.75
CA TYR A 53 11.80 3.54 0.57
C TYR A 53 11.23 4.67 1.45
N PRO A 54 10.44 4.33 2.49
CA PRO A 54 9.90 5.32 3.42
C PRO A 54 10.98 5.91 4.33
N SER A 55 10.59 6.97 5.04
CA SER A 55 11.40 7.73 5.98
C SER A 55 11.26 7.20 7.43
N ALA A 56 10.31 6.30 7.72
CA ALA A 56 10.04 5.82 9.08
C ALA A 56 10.90 4.62 9.45
N GLU A 57 11.06 4.38 10.75
CA GLU A 57 11.70 3.20 11.32
C GLU A 57 10.78 1.98 11.25
N GLU A 58 9.47 2.20 11.38
CA GLU A 58 8.45 1.19 11.60
C GLU A 58 7.43 1.32 10.46
N TYR A 59 7.42 0.33 9.58
CA TYR A 59 6.47 0.15 8.50
C TYR A 59 6.34 -1.36 8.29
N GLY A 60 5.35 -1.81 7.52
CA GLY A 60 5.24 -3.20 7.07
C GLY A 60 5.54 -3.33 5.59
N THR A 61 5.73 -4.56 5.11
CA THR A 61 6.05 -4.88 3.74
C THR A 61 4.79 -5.33 3.02
N ILE A 62 4.40 -4.68 1.92
CA ILE A 62 3.23 -5.08 1.16
C ILE A 62 3.65 -5.49 -0.24
N ASN A 63 3.06 -6.57 -0.72
CA ASN A 63 3.09 -6.96 -2.12
C ASN A 63 1.68 -7.23 -2.61
N ILE A 64 1.43 -6.92 -3.88
CA ILE A 64 0.30 -7.36 -4.68
C ILE A 64 0.96 -8.21 -5.76
N GLU A 65 1.08 -9.51 -5.51
CA GLU A 65 1.49 -10.46 -6.54
C GLU A 65 0.40 -10.41 -7.62
N ASN A 66 0.82 -10.23 -8.87
CA ASN A 66 -0.06 -10.19 -10.01
C ASN A 66 0.65 -10.86 -11.18
N ASN A 67 0.27 -10.51 -12.41
CA ASN A 67 0.38 -11.23 -13.69
C ASN A 67 1.77 -11.68 -14.10
N GLY A 68 2.77 -11.30 -13.33
CA GLY A 68 4.18 -11.46 -13.62
C GLY A 68 4.98 -10.31 -13.01
N GLY A 69 4.38 -9.56 -12.09
CA GLY A 69 5.12 -8.61 -11.27
C GLY A 69 4.53 -8.43 -9.89
N MET A 70 5.30 -7.73 -9.06
CA MET A 70 5.05 -7.41 -7.67
C MET A 70 5.28 -5.91 -7.51
N THR A 71 4.20 -5.17 -7.32
CA THR A 71 4.26 -3.80 -6.85
C THR A 71 4.58 -3.78 -5.35
N THR A 72 5.88 -3.79 -5.03
CA THR A 72 6.35 -3.62 -3.66
C THR A 72 6.02 -2.20 -3.19
N MET A 73 5.58 -2.08 -1.94
CA MET A 73 5.24 -0.82 -1.29
C MET A 73 5.27 -1.01 0.24
N PHE A 74 5.25 0.09 0.99
CA PHE A 74 5.40 0.13 2.44
C PHE A 74 4.51 1.28 2.93
N TYR A 75 3.85 1.17 4.10
CA TYR A 75 2.98 2.24 4.65
C TYR A 75 3.38 2.51 6.10
N TYR A 76 3.30 3.78 6.54
CA TYR A 76 3.65 4.23 7.89
C TYR A 76 2.74 5.40 8.32
N GLU A 77 2.92 5.91 9.54
CA GLU A 77 2.30 7.12 10.09
C GLU A 77 3.40 8.17 10.27
N GLU A 78 3.13 9.45 9.97
CA GLU A 78 4.05 10.55 10.17
C GLU A 78 3.26 11.73 10.72
N ASN A 79 3.51 12.10 11.97
CA ASN A 79 2.92 13.24 12.66
C ASN A 79 1.39 13.22 12.74
N GLY A 80 0.75 12.08 12.47
CA GLY A 80 -0.68 11.86 12.66
C GLY A 80 -1.47 11.88 11.35
N LYS A 81 -0.78 11.99 10.20
CA LYS A 81 -1.27 11.57 8.91
C LYS A 81 -0.54 10.30 8.54
N TYR A 82 -1.08 9.54 7.60
CA TYR A 82 -0.47 8.28 7.20
C TYR A 82 -0.12 8.35 5.72
N TYR A 83 0.87 7.57 5.29
CA TYR A 83 1.47 7.73 3.98
C TYR A 83 1.84 6.37 3.38
N ILE A 84 1.79 6.30 2.03
CA ILE A 84 2.00 5.09 1.25
C ILE A 84 3.17 5.35 0.29
N GLU A 85 4.23 4.55 0.41
CA GLU A 85 5.42 4.61 -0.42
C GLU A 85 5.13 4.02 -1.81
N CYS A 86 5.86 4.49 -2.82
CA CYS A 86 5.74 4.14 -4.24
C CYS A 86 6.87 4.85 -5.02
N PRO A 87 7.15 4.51 -6.29
CA PRO A 87 8.03 5.26 -7.22
C PRO A 87 7.58 6.71 -7.37
N TYR A 88 8.01 7.42 -8.42
CA TYR A 88 7.77 8.83 -8.71
C TYR A 88 6.34 9.35 -8.50
N LYS A 89 5.36 8.48 -8.23
CA LYS A 89 4.11 8.86 -7.62
C LYS A 89 3.95 8.16 -6.26
N GLY A 90 4.71 8.53 -5.23
CA GLY A 90 4.70 7.85 -3.93
C GLY A 90 4.59 8.73 -2.70
N ILE A 91 3.88 9.86 -2.80
CA ILE A 91 3.61 10.74 -1.66
C ILE A 91 2.10 10.77 -1.39
N TYR A 92 1.45 9.59 -1.30
CA TYR A 92 0.02 9.53 -1.02
C TYR A 92 -0.22 9.88 0.43
N GLU A 93 -0.64 11.11 0.67
CA GLU A 93 -1.24 11.53 1.93
C GLU A 93 -2.59 10.81 2.04
N ILE A 94 -2.81 10.09 3.13
CA ILE A 94 -4.14 9.76 3.64
C ILE A 94 -4.26 10.30 5.06
N GLU A 95 -5.50 10.39 5.55
CA GLU A 95 -5.80 10.96 6.85
C GLU A 95 -6.13 9.90 7.89
N ASN A 96 -6.05 8.62 7.51
CA ASN A 96 -6.52 7.49 8.31
C ASN A 96 -5.54 6.31 8.44
N ASN A 97 -5.69 5.56 9.53
CA ASN A 97 -4.96 4.35 9.85
C ASN A 97 -5.43 3.19 8.96
N PHE A 98 -4.64 2.82 7.96
CA PHE A 98 -4.86 1.69 7.06
C PHE A 98 -5.00 0.40 7.87
N GLU A 99 -4.24 0.26 8.96
CA GLU A 99 -4.14 -0.99 9.72
C GLU A 99 -5.45 -1.33 10.46
N ASP A 100 -6.38 -0.38 10.62
CA ASP A 100 -7.73 -0.62 11.11
C ASP A 100 -8.70 -0.92 9.97
N MET A 101 -8.44 -0.38 8.78
CA MET A 101 -9.32 -0.63 7.64
C MET A 101 -9.20 -2.08 7.21
N ILE A 102 -8.01 -2.69 7.30
CA ILE A 102 -7.74 -4.04 6.84
C ILE A 102 -8.32 -5.10 7.76
#